data_5MWW
#
_entry.id   5MWW
#
_entity_poly.entity_id   1
_entity_poly.type   'polypeptide(L)'
_entity_poly.pdbx_seq_one_letter_code
;ADKQTHETELTFDQVKEQLTESGKKRGVLTYEEIAERMSSFEIESDQMDEYYEFLGEQGVELISENEETEDLEHHH
;
_entity_poly.pdbx_strand_id   A
#
# COMPACT_ATOMS: atom_id res chain seq x y z
N ALA A 1 -8.94 4.38 11.22
CA ALA A 1 -8.52 5.59 11.91
C ALA A 1 -7.89 5.25 13.28
N ASP A 2 -7.35 4.04 13.42
CA ASP A 2 -6.77 3.61 14.68
C ASP A 2 -5.33 4.06 14.70
N LYS A 3 -5.09 5.15 15.41
CA LYS A 3 -3.82 5.90 15.43
C LYS A 3 -2.55 5.07 15.61
N GLN A 4 -1.47 5.59 15.06
CA GLN A 4 -0.18 4.94 15.13
C GLN A 4 0.49 5.38 16.44
N THR A 5 1.63 4.82 16.78
CA THR A 5 2.29 5.22 17.98
C THR A 5 3.19 6.43 17.72
N HIS A 6 3.78 6.97 18.77
CA HIS A 6 4.63 8.14 18.65
C HIS A 6 5.98 7.73 18.02
N GLU A 7 6.32 6.46 18.14
CA GLU A 7 7.59 5.91 17.62
C GLU A 7 7.50 5.65 16.13
N THR A 8 6.38 6.05 15.57
CA THR A 8 6.06 5.92 14.15
C THR A 8 5.74 4.45 13.80
N GLU A 9 5.48 3.66 14.82
CA GLU A 9 5.06 2.31 14.63
C GLU A 9 3.57 2.34 14.40
N LEU A 10 3.18 1.88 13.29
CA LEU A 10 1.83 2.04 12.90
C LEU A 10 1.05 0.79 13.15
N THR A 11 -0.22 0.88 13.00
CA THR A 11 -1.06 -0.25 13.14
C THR A 11 -1.42 -0.74 11.75
N PHE A 12 -2.14 -1.84 11.69
CA PHE A 12 -2.56 -2.38 10.43
C PHE A 12 -3.41 -1.37 9.69
N ASP A 13 -4.18 -0.70 10.48
CA ASP A 13 -5.02 0.39 10.05
C ASP A 13 -4.22 1.54 9.54
N GLN A 14 -3.15 1.84 10.23
CA GLN A 14 -2.37 2.99 9.90
C GLN A 14 -1.57 2.73 8.67
N VAL A 15 -1.15 1.50 8.54
CA VAL A 15 -0.37 1.11 7.43
C VAL A 15 -1.26 1.12 6.22
N LYS A 16 -2.46 0.66 6.42
CA LYS A 16 -3.46 0.75 5.42
C LYS A 16 -3.63 2.18 5.01
N GLU A 17 -3.78 3.07 5.96
CA GLU A 17 -3.89 4.47 5.64
C GLU A 17 -2.64 5.05 4.94
N GLN A 18 -1.43 4.48 5.21
CA GLN A 18 -0.22 5.01 4.59
C GLN A 18 -0.24 4.68 3.14
N LEU A 19 -0.44 3.43 2.90
CA LEU A 19 -0.44 2.85 1.61
C LEU A 19 -1.58 3.38 0.78
N THR A 20 -2.69 3.63 1.44
CA THR A 20 -3.81 4.21 0.80
C THR A 20 -3.44 5.56 0.23
N GLU A 21 -2.86 6.40 1.05
CA GLU A 21 -2.54 7.77 0.67
C GLU A 21 -1.52 7.76 -0.46
N SER A 22 -0.54 6.90 -0.33
CA SER A 22 0.52 6.77 -1.32
C SER A 22 -0.09 6.36 -2.67
N GLY A 23 -0.94 5.35 -2.65
CA GLY A 23 -1.58 4.87 -3.84
C GLY A 23 -2.47 5.92 -4.46
N LYS A 24 -3.12 6.70 -3.61
CA LYS A 24 -4.00 7.77 -4.04
C LYS A 24 -3.24 8.88 -4.77
N LYS A 25 -2.00 9.11 -4.36
CA LYS A 25 -1.15 10.11 -5.00
C LYS A 25 -0.64 9.61 -6.33
N ARG A 26 -0.28 8.36 -6.35
CA ARG A 26 0.36 7.76 -7.51
C ARG A 26 -0.65 7.31 -8.56
N GLY A 27 -1.67 6.64 -8.06
CA GLY A 27 -2.66 6.03 -8.89
C GLY A 27 -2.36 4.58 -9.03
N VAL A 28 -1.39 4.13 -8.24
CA VAL A 28 -0.89 2.79 -8.35
C VAL A 28 -0.09 2.42 -7.12
N LEU A 29 0.00 1.13 -6.90
CA LEU A 29 0.80 0.52 -5.87
C LEU A 29 1.19 -0.87 -6.31
N THR A 30 2.45 -1.22 -6.19
CA THR A 30 2.86 -2.59 -6.41
C THR A 30 2.42 -3.48 -5.23
N TYR A 31 2.08 -4.73 -5.51
CA TYR A 31 1.62 -5.65 -4.45
C TYR A 31 2.63 -5.85 -3.37
N GLU A 32 3.89 -5.93 -3.73
CA GLU A 32 4.88 -6.25 -2.76
C GLU A 32 5.25 -5.07 -1.85
N GLU A 33 5.01 -3.83 -2.30
CA GLU A 33 5.29 -2.70 -1.43
C GLU A 33 4.16 -2.59 -0.42
N ILE A 34 3.02 -3.12 -0.82
CA ILE A 34 1.86 -3.20 0.04
C ILE A 34 2.10 -4.29 1.08
N ALA A 35 2.64 -5.44 0.63
CA ALA A 35 2.91 -6.59 1.48
C ALA A 35 4.03 -6.30 2.45
N GLU A 36 4.92 -5.44 2.00
CA GLU A 36 6.13 -5.05 2.69
C GLU A 36 5.82 -4.49 4.05
N ARG A 37 4.94 -3.52 4.05
CA ARG A 37 4.57 -2.83 5.26
C ARG A 37 3.69 -3.71 6.15
N MET A 38 2.99 -4.64 5.52
CA MET A 38 2.07 -5.52 6.25
C MET A 38 2.83 -6.69 6.85
N SER A 39 4.11 -6.74 6.59
CA SER A 39 4.98 -7.78 7.10
C SER A 39 5.23 -7.55 8.61
N SER A 40 4.84 -6.36 9.08
CA SER A 40 4.90 -6.05 10.49
C SER A 40 3.77 -6.77 11.23
N PHE A 41 2.75 -7.11 10.47
CA PHE A 41 1.58 -7.81 10.96
C PHE A 41 1.55 -9.18 10.34
N GLU A 42 0.49 -9.91 10.56
CA GLU A 42 0.32 -11.19 9.94
C GLU A 42 -0.88 -11.13 9.03
N ILE A 43 -0.66 -10.71 7.82
CA ILE A 43 -1.72 -10.50 6.88
C ILE A 43 -1.60 -11.46 5.73
N GLU A 44 -2.58 -12.29 5.61
CA GLU A 44 -2.68 -13.25 4.53
C GLU A 44 -3.15 -12.60 3.26
N SER A 45 -2.98 -13.32 2.17
CA SER A 45 -3.39 -12.90 0.87
C SER A 45 -4.90 -12.61 0.81
N ASP A 46 -5.67 -13.39 1.56
CA ASP A 46 -7.12 -13.21 1.70
C ASP A 46 -7.45 -11.83 2.24
N GLN A 47 -6.71 -11.44 3.25
CA GLN A 47 -6.92 -10.17 3.93
C GLN A 47 -6.40 -9.06 3.04
N MET A 48 -5.28 -9.34 2.38
CA MET A 48 -4.69 -8.42 1.42
C MET A 48 -5.66 -8.11 0.29
N ASP A 49 -6.37 -9.14 -0.19
CA ASP A 49 -7.40 -9.02 -1.26
C ASP A 49 -8.43 -8.00 -0.89
N GLU A 50 -8.88 -8.06 0.36
CA GLU A 50 -9.84 -7.12 0.90
C GLU A 50 -9.29 -5.69 0.82
N TYR A 51 -8.01 -5.55 1.14
CA TYR A 51 -7.35 -4.26 1.04
C TYR A 51 -7.18 -3.86 -0.43
N TYR A 52 -6.87 -4.81 -1.30
CA TYR A 52 -6.68 -4.52 -2.72
C TYR A 52 -7.95 -4.00 -3.33
N GLU A 53 -9.06 -4.61 -2.94
CA GLU A 53 -10.37 -4.23 -3.37
C GLU A 53 -10.65 -2.81 -2.89
N PHE A 54 -10.32 -2.57 -1.63
CA PHE A 54 -10.47 -1.27 -1.01
C PHE A 54 -9.72 -0.22 -1.82
N LEU A 55 -8.44 -0.46 -2.05
CA LEU A 55 -7.57 0.44 -2.79
C LEU A 55 -8.10 0.72 -4.19
N GLY A 56 -8.52 -0.36 -4.85
CA GLY A 56 -9.10 -0.27 -6.17
C GLY A 56 -10.30 0.64 -6.19
N GLU A 57 -11.14 0.51 -5.18
CA GLU A 57 -12.30 1.31 -5.06
C GLU A 57 -12.02 2.78 -4.79
N GLN A 58 -10.90 3.06 -4.13
CA GLN A 58 -10.54 4.44 -3.79
C GLN A 58 -9.93 5.11 -5.02
N GLY A 59 -9.06 4.41 -5.69
CA GLY A 59 -8.50 4.89 -6.93
C GLY A 59 -7.06 4.53 -7.08
N VAL A 60 -6.74 3.29 -6.78
CA VAL A 60 -5.38 2.81 -6.84
C VAL A 60 -5.35 1.51 -7.60
N GLU A 61 -4.56 1.44 -8.62
CA GLU A 61 -4.37 0.21 -9.35
C GLU A 61 -3.22 -0.54 -8.74
N LEU A 62 -3.40 -1.79 -8.48
CA LEU A 62 -2.33 -2.55 -7.91
C LEU A 62 -1.59 -3.31 -9.00
N ILE A 63 -0.38 -2.88 -9.28
CA ILE A 63 0.49 -3.58 -10.22
C ILE A 63 1.33 -4.59 -9.47
N SER A 64 2.08 -5.39 -10.17
CA SER A 64 2.86 -6.41 -9.54
C SER A 64 4.08 -5.81 -8.81
N GLU A 65 5.12 -5.57 -9.58
CA GLU A 65 6.39 -4.95 -9.17
C GLU A 65 7.36 -5.17 -10.31
N ASN A 66 7.16 -6.28 -11.00
CA ASN A 66 7.93 -6.65 -12.23
C ASN A 66 7.56 -5.68 -13.38
N GLU A 67 6.64 -4.82 -13.09
CA GLU A 67 6.18 -3.82 -13.98
C GLU A 67 5.99 -2.60 -13.15
N GLU A 68 6.21 -1.46 -13.76
CA GLU A 68 6.01 -0.14 -13.17
C GLU A 68 6.76 0.88 -13.99
N THR A 69 6.05 1.87 -14.46
CA THR A 69 6.68 2.98 -15.19
C THR A 69 5.70 4.14 -15.47
N GLU A 70 4.44 3.89 -15.24
CA GLU A 70 3.38 4.89 -15.40
C GLU A 70 3.54 6.01 -14.38
N ASP A 71 4.18 5.67 -13.30
CA ASP A 71 4.35 6.57 -12.17
C ASP A 71 5.81 6.94 -12.01
N LEU A 72 6.64 6.39 -12.85
CA LEU A 72 8.07 6.61 -12.73
C LEU A 72 8.53 7.89 -13.38
N GLU A 73 8.14 8.97 -12.78
CA GLU A 73 8.58 10.28 -13.15
C GLU A 73 9.05 10.99 -11.90
N HIS A 74 9.08 10.23 -10.83
CA HIS A 74 9.45 10.71 -9.54
C HIS A 74 10.61 9.91 -9.04
N HIS A 75 11.58 10.57 -8.48
CA HIS A 75 12.66 9.90 -7.80
C HIS A 75 12.10 9.52 -6.45
N HIS A 76 11.45 10.53 -5.86
CA HIS A 76 10.71 10.47 -4.63
C HIS A 76 10.42 11.92 -4.32
N ALA A 1 -0.60 9.45 6.47
CA ALA A 1 -1.82 8.67 6.65
C ALA A 1 -2.89 9.59 7.20
N ASP A 2 -4.06 9.08 7.49
CA ASP A 2 -5.17 9.92 7.92
C ASP A 2 -5.12 10.16 9.42
N LYS A 3 -4.96 9.11 10.16
CA LYS A 3 -4.94 9.20 11.59
C LYS A 3 -3.51 9.08 12.13
N GLN A 4 -2.68 8.33 11.44
CA GLN A 4 -1.30 8.15 11.87
C GLN A 4 -0.39 9.02 11.02
N THR A 5 0.68 9.53 11.60
CA THR A 5 1.67 10.22 10.84
C THR A 5 2.42 9.23 9.95
N HIS A 6 2.77 9.63 8.75
CA HIS A 6 3.43 8.73 7.84
C HIS A 6 4.89 8.59 8.28
N GLU A 7 5.30 7.34 8.50
CA GLU A 7 6.62 6.96 9.00
C GLU A 7 6.72 7.25 10.50
N THR A 8 6.14 6.34 11.24
CA THR A 8 6.03 6.32 12.67
C THR A 8 5.63 4.85 12.92
N GLU A 9 5.54 4.39 14.14
CA GLU A 9 5.01 3.05 14.37
C GLU A 9 3.50 3.11 14.16
N LEU A 10 2.96 2.17 13.42
CA LEU A 10 1.54 2.22 13.13
C LEU A 10 0.89 0.86 13.32
N THR A 11 -0.42 0.84 13.26
CA THR A 11 -1.19 -0.40 13.39
C THR A 11 -1.61 -0.84 12.01
N PHE A 12 -2.32 -1.95 11.91
CA PHE A 12 -2.76 -2.47 10.63
C PHE A 12 -3.66 -1.47 9.92
N ASP A 13 -4.48 -0.87 10.72
CA ASP A 13 -5.38 0.19 10.27
C ASP A 13 -4.66 1.43 9.84
N GLN A 14 -3.58 1.71 10.50
CA GLN A 14 -2.82 2.91 10.24
C GLN A 14 -1.99 2.72 8.97
N VAL A 15 -1.48 1.49 8.81
CA VAL A 15 -0.64 1.13 7.68
C VAL A 15 -1.47 1.10 6.46
N LYS A 16 -2.68 0.63 6.60
CA LYS A 16 -3.62 0.68 5.54
C LYS A 16 -3.73 2.11 5.06
N GLU A 17 -3.87 3.02 5.97
CA GLU A 17 -3.92 4.43 5.64
C GLU A 17 -2.62 4.96 5.00
N GLN A 18 -1.44 4.36 5.27
CA GLN A 18 -0.20 4.87 4.70
C GLN A 18 -0.20 4.56 3.23
N LEU A 19 -0.48 3.32 2.98
CA LEU A 19 -0.48 2.74 1.69
C LEU A 19 -1.58 3.30 0.83
N THR A 20 -2.71 3.50 1.44
CA THR A 20 -3.85 4.08 0.78
C THR A 20 -3.47 5.45 0.25
N GLU A 21 -2.91 6.24 1.12
CA GLU A 21 -2.52 7.60 0.84
C GLU A 21 -1.49 7.65 -0.29
N SER A 22 -0.54 6.75 -0.21
CA SER A 22 0.55 6.67 -1.18
C SER A 22 -0.01 6.31 -2.56
N GLY A 23 -0.89 5.34 -2.59
CA GLY A 23 -1.52 4.92 -3.82
C GLY A 23 -2.37 6.01 -4.40
N LYS A 24 -2.95 6.80 -3.54
CA LYS A 24 -3.78 7.91 -3.93
C LYS A 24 -3.00 9.00 -4.66
N LYS A 25 -1.74 9.16 -4.29
CA LYS A 25 -0.87 10.12 -4.90
C LYS A 25 -0.46 9.65 -6.28
N ARG A 26 -0.15 8.39 -6.35
CA ARG A 26 0.41 7.80 -7.56
C ARG A 26 -0.66 7.41 -8.56
N GLY A 27 -1.63 6.69 -8.04
CA GLY A 27 -2.66 6.08 -8.82
C GLY A 27 -2.38 4.62 -8.95
N VAL A 28 -1.38 4.17 -8.20
CA VAL A 28 -0.91 2.83 -8.30
C VAL A 28 -0.05 2.47 -7.09
N LEU A 29 0.04 1.19 -6.82
CA LEU A 29 0.86 0.62 -5.79
C LEU A 29 1.27 -0.79 -6.22
N THR A 30 2.48 -1.19 -5.93
CA THR A 30 2.88 -2.58 -6.15
C THR A 30 2.29 -3.48 -5.05
N TYR A 31 1.90 -4.71 -5.40
CA TYR A 31 1.39 -5.67 -4.41
C TYR A 31 2.43 -5.92 -3.32
N GLU A 32 3.70 -5.91 -3.71
CA GLU A 32 4.76 -6.26 -2.80
C GLU A 32 5.02 -5.17 -1.75
N GLU A 33 4.85 -3.89 -2.10
CA GLU A 33 5.12 -2.83 -1.11
C GLU A 33 4.00 -2.82 -0.11
N ILE A 34 2.84 -3.20 -0.59
CA ILE A 34 1.68 -3.32 0.25
C ILE A 34 1.88 -4.46 1.21
N ALA A 35 2.43 -5.57 0.70
CA ALA A 35 2.70 -6.76 1.47
C ALA A 35 3.79 -6.49 2.49
N GLU A 36 4.73 -5.62 2.09
CA GLU A 36 5.90 -5.28 2.88
C GLU A 36 5.52 -4.73 4.21
N ARG A 37 4.72 -3.68 4.22
CA ARG A 37 4.32 -3.02 5.42
C ARG A 37 3.38 -3.91 6.23
N MET A 38 2.69 -4.77 5.52
CA MET A 38 1.79 -5.68 6.19
C MET A 38 2.52 -6.89 6.70
N SER A 39 3.82 -6.94 6.48
CA SER A 39 4.64 -8.01 7.00
C SER A 39 4.95 -7.71 8.47
N SER A 40 4.73 -6.46 8.87
CA SER A 40 4.89 -6.05 10.25
C SER A 40 3.76 -6.67 11.08
N PHE A 41 2.67 -6.98 10.40
CA PHE A 41 1.51 -7.61 11.00
C PHE A 41 1.46 -9.08 10.65
N GLU A 42 1.88 -9.36 9.43
CA GLU A 42 1.87 -10.67 8.80
C GLU A 42 0.47 -10.98 8.31
N ILE A 43 0.12 -10.29 7.24
CA ILE A 43 -1.16 -10.40 6.58
C ILE A 43 -1.01 -11.27 5.35
N GLU A 44 -1.87 -12.22 5.22
CA GLU A 44 -1.86 -13.13 4.10
C GLU A 44 -2.50 -12.47 2.90
N SER A 45 -2.24 -13.01 1.71
CA SER A 45 -2.72 -12.43 0.47
C SER A 45 -4.27 -12.40 0.43
N ASP A 46 -4.89 -13.32 1.19
CA ASP A 46 -6.35 -13.41 1.28
C ASP A 46 -6.94 -12.11 1.78
N GLN A 47 -6.36 -11.60 2.85
CA GLN A 47 -6.84 -10.38 3.46
C GLN A 47 -6.36 -9.19 2.65
N MET A 48 -5.18 -9.36 2.04
CA MET A 48 -4.62 -8.33 1.18
C MET A 48 -5.53 -8.02 0.01
N ASP A 49 -6.12 -9.07 -0.56
CA ASP A 49 -7.03 -8.95 -1.71
C ASP A 49 -8.19 -8.03 -1.40
N GLU A 50 -8.69 -8.13 -0.19
CA GLU A 50 -9.79 -7.30 0.24
C GLU A 50 -9.33 -5.85 0.41
N TYR A 51 -8.06 -5.68 0.77
CA TYR A 51 -7.48 -4.35 0.84
C TYR A 51 -7.30 -3.83 -0.59
N TYR A 52 -6.97 -4.70 -1.52
CA TYR A 52 -6.75 -4.32 -2.92
C TYR A 52 -8.03 -3.75 -3.53
N GLU A 53 -9.17 -4.36 -3.17
CA GLU A 53 -10.47 -3.86 -3.60
C GLU A 53 -10.70 -2.48 -3.01
N PHE A 54 -10.41 -2.34 -1.72
CA PHE A 54 -10.54 -1.09 -1.01
C PHE A 54 -9.76 0.01 -1.71
N LEU A 55 -8.50 -0.28 -2.00
CA LEU A 55 -7.62 0.64 -2.70
C LEU A 55 -8.22 1.05 -4.05
N GLY A 56 -8.76 0.06 -4.73
CA GLY A 56 -9.40 0.28 -6.01
C GLY A 56 -10.58 1.22 -5.89
N GLU A 57 -11.36 1.05 -4.82
CA GLU A 57 -12.50 1.88 -4.58
C GLU A 57 -12.09 3.33 -4.30
N GLN A 58 -10.91 3.51 -3.67
CA GLN A 58 -10.40 4.84 -3.37
C GLN A 58 -9.82 5.44 -4.65
N GLY A 59 -9.11 4.63 -5.39
CA GLY A 59 -8.60 5.05 -6.68
C GLY A 59 -7.15 4.68 -6.89
N VAL A 60 -6.82 3.45 -6.61
CA VAL A 60 -5.44 2.97 -6.75
C VAL A 60 -5.46 1.68 -7.53
N GLU A 61 -4.64 1.60 -8.53
CA GLU A 61 -4.46 0.38 -9.26
C GLU A 61 -3.28 -0.35 -8.67
N LEU A 62 -3.33 -1.64 -8.60
CA LEU A 62 -2.25 -2.34 -8.02
C LEU A 62 -1.42 -3.06 -9.08
N ILE A 63 -0.17 -2.71 -9.16
CA ILE A 63 0.76 -3.38 -10.05
C ILE A 63 1.44 -4.48 -9.28
N SER A 64 2.23 -5.27 -9.94
CA SER A 64 2.89 -6.36 -9.28
C SER A 64 4.12 -5.89 -8.50
N GLU A 65 5.18 -5.73 -9.24
CA GLU A 65 6.53 -5.33 -8.79
C GLU A 65 7.42 -5.76 -9.92
N ASN A 66 7.05 -6.89 -10.51
CA ASN A 66 7.72 -7.43 -11.70
C ASN A 66 7.34 -6.56 -12.93
N GLU A 67 6.54 -5.56 -12.65
CA GLU A 67 6.13 -4.57 -13.58
C GLU A 67 5.97 -3.29 -12.79
N GLU A 68 6.18 -2.19 -13.44
CA GLU A 68 6.06 -0.86 -12.90
C GLU A 68 6.38 0.07 -14.01
N THR A 69 5.64 1.12 -14.12
CA THR A 69 5.89 2.07 -15.11
C THR A 69 5.45 3.46 -14.66
N GLU A 70 6.22 3.98 -13.77
CA GLU A 70 6.09 5.33 -13.34
C GLU A 70 7.48 5.93 -13.20
N ASP A 71 8.46 5.10 -12.83
CA ASP A 71 9.81 5.57 -12.57
C ASP A 71 10.77 5.15 -13.69
N LEU A 72 10.23 4.51 -14.70
CA LEU A 72 11.06 4.00 -15.80
C LEU A 72 11.67 5.12 -16.64
N GLU A 73 10.98 6.25 -16.73
CA GLU A 73 11.49 7.38 -17.49
C GLU A 73 12.42 8.25 -16.63
N HIS A 74 12.48 7.91 -15.37
CA HIS A 74 13.30 8.59 -14.42
C HIS A 74 14.58 7.79 -14.23
N HIS A 75 15.64 8.29 -14.80
CA HIS A 75 16.92 7.60 -14.73
C HIS A 75 17.75 8.22 -13.61
N HIS A 76 17.97 9.51 -13.72
CA HIS A 76 18.71 10.31 -12.77
C HIS A 76 18.62 11.74 -13.26
N ALA A 1 -7.17 6.69 11.22
CA ALA A 1 -6.76 8.06 11.53
C ALA A 1 -6.36 8.82 10.26
N ASP A 2 -5.09 8.67 9.87
CA ASP A 2 -4.50 9.35 8.68
C ASP A 2 -3.05 8.94 8.62
N LYS A 3 -2.39 9.11 9.74
CA LYS A 3 -1.03 8.72 9.96
C LYS A 3 -0.98 8.15 11.35
N GLN A 4 0.13 7.55 11.70
CA GLN A 4 0.30 6.98 13.01
C GLN A 4 0.27 8.07 14.07
N THR A 5 -0.56 7.89 15.03
CA THR A 5 -0.74 8.83 16.07
C THR A 5 -0.14 8.33 17.38
N HIS A 6 0.32 7.10 17.37
CA HIS A 6 0.95 6.50 18.54
C HIS A 6 2.18 5.74 18.10
N GLU A 7 3.30 6.01 18.76
CA GLU A 7 4.57 5.31 18.52
C GLU A 7 5.13 5.52 17.11
N THR A 8 6.20 4.84 16.80
CA THR A 8 6.82 4.92 15.49
C THR A 8 6.53 3.67 14.67
N GLU A 9 5.61 2.91 15.14
CA GLU A 9 5.14 1.75 14.47
C GLU A 9 3.65 1.87 14.35
N LEU A 10 3.14 1.58 13.20
CA LEU A 10 1.77 1.85 12.95
C LEU A 10 0.98 0.59 13.11
N THR A 11 -0.30 0.71 13.05
CA THR A 11 -1.14 -0.42 13.18
C THR A 11 -1.56 -0.86 11.80
N PHE A 12 -2.30 -1.94 11.72
CA PHE A 12 -2.75 -2.45 10.45
C PHE A 12 -3.61 -1.42 9.74
N ASP A 13 -4.42 -0.78 10.57
CA ASP A 13 -5.28 0.32 10.13
C ASP A 13 -4.50 1.52 9.65
N GLN A 14 -3.43 1.82 10.36
CA GLN A 14 -2.61 3.00 10.06
C GLN A 14 -1.76 2.74 8.81
N VAL A 15 -1.32 1.50 8.65
CA VAL A 15 -0.49 1.12 7.55
C VAL A 15 -1.30 1.13 6.30
N LYS A 16 -2.50 0.65 6.42
CA LYS A 16 -3.43 0.72 5.34
C LYS A 16 -3.59 2.16 4.89
N GLU A 17 -3.78 3.03 5.84
CA GLU A 17 -3.88 4.44 5.54
C GLU A 17 -2.58 5.04 4.93
N GLN A 18 -1.37 4.46 5.21
CA GLN A 18 -0.13 4.99 4.63
C GLN A 18 -0.13 4.66 3.16
N LEU A 19 -0.42 3.44 2.92
CA LEU A 19 -0.44 2.85 1.63
C LEU A 19 -1.56 3.42 0.78
N THR A 20 -2.71 3.58 1.39
CA THR A 20 -3.87 4.11 0.72
C THR A 20 -3.57 5.46 0.15
N GLU A 21 -3.08 6.35 0.98
CA GLU A 21 -2.86 7.72 0.60
C GLU A 21 -1.82 7.81 -0.50
N SER A 22 -0.78 7.01 -0.35
CA SER A 22 0.30 6.99 -1.31
C SER A 22 -0.21 6.54 -2.68
N GLY A 23 -1.04 5.51 -2.69
CA GLY A 23 -1.63 5.01 -3.90
C GLY A 23 -2.57 6.01 -4.52
N LYS A 24 -3.27 6.73 -3.67
CA LYS A 24 -4.22 7.76 -4.08
C LYS A 24 -3.52 8.88 -4.83
N LYS A 25 -2.32 9.21 -4.40
CA LYS A 25 -1.53 10.28 -4.98
C LYS A 25 -0.94 9.87 -6.30
N ARG A 26 -0.49 8.65 -6.34
CA ARG A 26 0.17 8.13 -7.53
C ARG A 26 -0.83 7.71 -8.58
N GLY A 27 -1.76 6.91 -8.10
CA GLY A 27 -2.76 6.31 -8.91
C GLY A 27 -2.51 4.84 -8.98
N VAL A 28 -1.46 4.40 -8.30
CA VAL A 28 -1.04 3.04 -8.38
C VAL A 28 -0.14 2.68 -7.21
N LEU A 29 -0.12 1.41 -6.89
CA LEU A 29 0.74 0.83 -5.89
C LEU A 29 1.22 -0.53 -6.37
N THR A 30 2.41 -0.91 -5.98
CA THR A 30 2.89 -2.27 -6.24
C THR A 30 2.27 -3.21 -5.20
N TYR A 31 2.08 -4.46 -5.56
CA TYR A 31 1.55 -5.44 -4.60
C TYR A 31 2.55 -5.63 -3.46
N GLU A 32 3.81 -5.61 -3.82
CA GLU A 32 4.85 -5.94 -2.89
C GLU A 32 5.21 -4.85 -1.88
N GLU A 33 5.00 -3.57 -2.21
CA GLU A 33 5.27 -2.52 -1.22
C GLU A 33 4.19 -2.59 -0.15
N ILE A 34 3.01 -3.01 -0.61
CA ILE A 34 1.87 -3.20 0.22
C ILE A 34 2.11 -4.35 1.17
N ALA A 35 2.71 -5.43 0.64
CA ALA A 35 3.01 -6.62 1.38
C ALA A 35 4.07 -6.34 2.43
N GLU A 36 5.06 -5.55 2.01
CA GLU A 36 6.23 -5.25 2.79
C GLU A 36 5.89 -4.57 4.10
N ARG A 37 4.97 -3.61 4.06
CA ARG A 37 4.55 -2.93 5.28
C ARG A 37 3.75 -3.86 6.17
N MET A 38 3.03 -4.78 5.56
CA MET A 38 2.15 -5.68 6.31
C MET A 38 2.93 -6.86 6.88
N SER A 39 4.22 -6.89 6.64
CA SER A 39 5.07 -7.98 7.11
C SER A 39 5.30 -7.88 8.63
N SER A 40 4.95 -6.74 9.20
CA SER A 40 5.06 -6.55 10.62
C SER A 40 3.88 -7.20 11.32
N PHE A 41 2.79 -7.29 10.59
CA PHE A 41 1.56 -7.91 11.06
C PHE A 41 1.51 -9.32 10.50
N GLU A 42 0.39 -9.96 10.61
CA GLU A 42 0.21 -11.29 10.05
C GLU A 42 -1.00 -11.23 9.14
N ILE A 43 -0.78 -10.76 7.95
CA ILE A 43 -1.88 -10.54 7.04
C ILE A 43 -1.89 -11.57 5.95
N GLU A 44 -2.94 -12.31 5.95
CA GLU A 44 -3.17 -13.36 4.99
C GLU A 44 -3.65 -12.77 3.68
N SER A 45 -3.54 -13.55 2.64
CA SER A 45 -3.91 -13.15 1.31
C SER A 45 -5.38 -12.70 1.21
N ASP A 46 -6.27 -13.30 2.01
CA ASP A 46 -7.69 -12.89 1.99
C ASP A 46 -7.84 -11.49 2.52
N GLN A 47 -7.10 -11.19 3.58
CA GLN A 47 -7.10 -9.88 4.18
C GLN A 47 -6.48 -8.89 3.22
N MET A 48 -5.41 -9.33 2.55
CA MET A 48 -4.75 -8.53 1.55
C MET A 48 -5.66 -8.24 0.36
N ASP A 49 -6.39 -9.26 -0.11
CA ASP A 49 -7.31 -9.13 -1.26
C ASP A 49 -8.33 -8.04 -1.01
N GLU A 50 -8.87 -8.04 0.20
CA GLU A 50 -9.86 -7.05 0.60
C GLU A 50 -9.23 -5.67 0.53
N TYR A 51 -7.97 -5.58 0.92
CA TYR A 51 -7.28 -4.31 0.87
C TYR A 51 -7.02 -3.92 -0.58
N TYR A 52 -6.66 -4.87 -1.43
CA TYR A 52 -6.40 -4.61 -2.84
C TYR A 52 -7.63 -4.05 -3.52
N GLU A 53 -8.76 -4.68 -3.23
CA GLU A 53 -10.03 -4.26 -3.76
C GLU A 53 -10.40 -2.88 -3.20
N PHE A 54 -10.11 -2.68 -1.92
CA PHE A 54 -10.37 -1.43 -1.24
C PHE A 54 -9.65 -0.29 -1.96
N LEU A 55 -8.39 -0.50 -2.23
CA LEU A 55 -7.56 0.46 -2.95
C LEU A 55 -8.13 0.78 -4.32
N GLY A 56 -8.53 -0.28 -5.00
CA GLY A 56 -9.14 -0.15 -6.31
C GLY A 56 -10.36 0.74 -6.26
N GLU A 57 -11.16 0.55 -5.24
CA GLU A 57 -12.36 1.31 -5.03
C GLU A 57 -12.08 2.79 -4.77
N GLN A 58 -10.97 3.08 -4.09
CA GLN A 58 -10.63 4.44 -3.75
C GLN A 58 -10.01 5.15 -4.94
N GLY A 59 -9.19 4.45 -5.68
CA GLY A 59 -8.67 4.98 -6.93
C GLY A 59 -7.22 4.66 -7.13
N VAL A 60 -6.86 3.46 -6.77
CA VAL A 60 -5.48 3.02 -6.85
C VAL A 60 -5.40 1.74 -7.65
N GLU A 61 -4.55 1.74 -8.64
CA GLU A 61 -4.31 0.56 -9.41
C GLU A 61 -3.18 -0.22 -8.79
N LEU A 62 -3.01 -1.43 -9.20
CA LEU A 62 -2.04 -2.28 -8.60
C LEU A 62 -1.09 -2.86 -9.62
N ILE A 63 0.15 -2.50 -9.51
CA ILE A 63 1.20 -3.02 -10.34
C ILE A 63 1.96 -4.08 -9.57
N SER A 64 2.91 -4.72 -10.20
CA SER A 64 3.61 -5.79 -9.58
C SER A 64 4.68 -5.26 -8.61
N GLU A 65 5.76 -4.79 -9.19
CA GLU A 65 6.98 -4.27 -8.52
C GLU A 65 8.10 -4.23 -9.55
N ASN A 66 7.89 -4.98 -10.61
CA ASN A 66 8.86 -5.09 -11.68
C ASN A 66 8.68 -3.93 -12.65
N GLU A 67 7.61 -3.26 -12.45
CA GLU A 67 7.21 -2.14 -13.21
C GLU A 67 6.86 -1.03 -12.22
N GLU A 68 6.81 0.17 -12.74
CA GLU A 68 6.44 1.38 -12.07
C GLU A 68 6.94 2.46 -13.02
N THR A 69 7.09 3.66 -12.56
CA THR A 69 7.64 4.74 -13.33
C THR A 69 9.11 4.92 -12.95
N GLU A 70 9.67 3.86 -12.38
CA GLU A 70 11.02 3.82 -11.85
C GLU A 70 12.14 4.05 -12.88
N ASP A 71 11.82 3.89 -14.14
CA ASP A 71 12.83 4.05 -15.17
C ASP A 71 12.90 5.49 -15.60
N LEU A 72 11.89 6.20 -15.20
CA LEU A 72 11.77 7.61 -15.47
C LEU A 72 12.35 8.40 -14.30
N GLU A 73 12.54 7.72 -13.19
CA GLU A 73 13.07 8.32 -12.00
C GLU A 73 14.57 8.51 -12.14
N HIS A 74 15.00 9.74 -12.03
CA HIS A 74 16.40 10.10 -12.15
C HIS A 74 16.74 11.06 -11.02
N HIS A 75 17.17 10.49 -9.92
CA HIS A 75 17.50 11.24 -8.73
C HIS A 75 18.19 10.28 -7.76
N HIS A 76 19.01 10.81 -6.86
CA HIS A 76 19.82 10.04 -5.89
C HIS A 76 20.84 9.20 -6.63
N ALA A 1 -2.57 11.38 11.16
CA ALA A 1 -1.44 10.54 11.53
C ALA A 1 -0.43 11.35 12.35
N ASP A 2 -0.43 11.15 13.65
CA ASP A 2 0.50 11.84 14.54
C ASP A 2 1.09 10.88 15.56
N LYS A 3 0.30 9.90 15.96
CA LYS A 3 0.70 8.96 17.00
C LYS A 3 1.47 7.81 16.39
N GLN A 4 1.48 7.78 15.10
CA GLN A 4 2.16 6.77 14.36
C GLN A 4 2.98 7.42 13.26
N THR A 5 4.18 6.99 13.14
CA THR A 5 5.09 7.41 12.11
C THR A 5 5.66 6.13 11.52
N HIS A 6 6.61 6.23 10.62
CA HIS A 6 7.28 5.03 10.10
C HIS A 6 8.34 4.57 11.10
N GLU A 7 8.51 5.38 12.14
CA GLU A 7 9.41 5.12 13.24
C GLU A 7 8.61 4.51 14.38
N THR A 8 7.44 4.06 14.05
CA THR A 8 6.53 3.48 14.96
C THR A 8 6.04 2.23 14.29
N GLU A 9 5.76 1.23 15.06
CA GLU A 9 5.04 0.12 14.55
C GLU A 9 3.59 0.47 14.66
N LEU A 10 2.98 0.66 13.54
CA LEU A 10 1.66 1.21 13.45
C LEU A 10 0.65 0.08 13.50
N THR A 11 -0.60 0.38 13.33
CA THR A 11 -1.59 -0.66 13.34
C THR A 11 -1.95 -0.97 11.92
N PHE A 12 -2.75 -2.00 11.74
CA PHE A 12 -3.15 -2.40 10.41
C PHE A 12 -3.96 -1.30 9.74
N ASP A 13 -4.75 -0.64 10.57
CA ASP A 13 -5.53 0.52 10.16
C ASP A 13 -4.64 1.67 9.77
N GLN A 14 -3.58 1.86 10.54
CA GLN A 14 -2.72 2.99 10.31
C GLN A 14 -1.95 2.78 9.03
N VAL A 15 -1.57 1.53 8.83
CA VAL A 15 -0.78 1.16 7.70
C VAL A 15 -1.63 1.22 6.47
N LYS A 16 -2.87 0.82 6.62
CA LYS A 16 -3.82 0.96 5.56
C LYS A 16 -3.89 2.40 5.12
N GLU A 17 -4.04 3.31 6.05
CA GLU A 17 -4.06 4.71 5.69
C GLU A 17 -2.75 5.20 5.08
N GLN A 18 -1.60 4.58 5.43
CA GLN A 18 -0.35 5.04 4.88
C GLN A 18 -0.30 4.68 3.43
N LEU A 19 -0.60 3.43 3.21
CA LEU A 19 -0.59 2.84 1.93
C LEU A 19 -1.68 3.37 1.04
N THR A 20 -2.84 3.60 1.61
CA THR A 20 -3.96 4.16 0.89
C THR A 20 -3.58 5.50 0.32
N GLU A 21 -3.06 6.36 1.17
CA GLU A 21 -2.70 7.69 0.76
C GLU A 21 -1.61 7.67 -0.29
N SER A 22 -0.67 6.79 -0.08
CA SER A 22 0.49 6.66 -0.97
C SER A 22 0.06 6.22 -2.36
N GLY A 23 -0.87 5.28 -2.42
CA GLY A 23 -1.40 4.82 -3.68
C GLY A 23 -2.21 5.90 -4.36
N LYS A 24 -2.88 6.70 -3.56
CA LYS A 24 -3.67 7.81 -4.05
C LYS A 24 -2.82 8.90 -4.68
N LYS A 25 -1.59 9.03 -4.21
CA LYS A 25 -0.65 10.00 -4.72
C LYS A 25 -0.09 9.54 -6.06
N ARG A 26 0.13 8.26 -6.14
CA ARG A 26 0.75 7.67 -7.31
C ARG A 26 -0.26 7.31 -8.39
N GLY A 27 -1.31 6.67 -7.93
CA GLY A 27 -2.31 6.09 -8.77
C GLY A 27 -2.10 4.61 -8.82
N VAL A 28 -1.08 4.16 -8.12
CA VAL A 28 -0.65 2.80 -8.19
C VAL A 28 0.13 2.40 -6.96
N LEU A 29 0.18 1.11 -6.73
CA LEU A 29 0.96 0.48 -5.69
C LEU A 29 1.29 -0.94 -6.14
N THR A 30 2.49 -1.39 -5.89
CA THR A 30 2.81 -2.79 -6.13
C THR A 30 2.29 -3.63 -4.99
N TYR A 31 1.89 -4.86 -5.28
CA TYR A 31 1.36 -5.77 -4.27
C TYR A 31 2.33 -5.97 -3.11
N GLU A 32 3.60 -6.10 -3.42
CA GLU A 32 4.56 -6.45 -2.40
C GLU A 32 5.10 -5.29 -1.60
N GLU A 33 4.88 -4.05 -2.04
CA GLU A 33 5.27 -2.92 -1.20
C GLU A 33 4.17 -2.76 -0.17
N ILE A 34 2.98 -3.17 -0.58
CA ILE A 34 1.83 -3.20 0.27
C ILE A 34 2.04 -4.27 1.30
N ALA A 35 2.57 -5.43 0.86
CA ALA A 35 2.84 -6.56 1.69
C ALA A 35 3.96 -6.25 2.65
N GLU A 36 4.88 -5.38 2.22
CA GLU A 36 6.09 -5.02 2.95
C GLU A 36 5.71 -4.39 4.27
N ARG A 37 4.82 -3.39 4.21
CA ARG A 37 4.38 -2.72 5.41
C ARG A 37 3.55 -3.67 6.23
N MET A 38 2.86 -4.55 5.55
CA MET A 38 2.00 -5.51 6.19
C MET A 38 2.78 -6.70 6.69
N SER A 39 4.09 -6.70 6.50
CA SER A 39 4.94 -7.77 6.97
C SER A 39 5.13 -7.65 8.47
N SER A 40 4.82 -6.48 9.01
CA SER A 40 4.87 -6.26 10.42
C SER A 40 3.75 -7.07 11.09
N PHE A 41 2.65 -7.19 10.38
CA PHE A 41 1.48 -7.90 10.87
C PHE A 41 1.43 -9.31 10.32
N GLU A 42 2.16 -9.51 9.23
CA GLU A 42 2.19 -10.76 8.48
C GLU A 42 0.79 -11.11 8.01
N ILE A 43 0.27 -10.24 7.20
CA ILE A 43 -1.09 -10.31 6.70
C ILE A 43 -1.25 -11.43 5.67
N GLU A 44 -2.37 -12.10 5.77
CA GLU A 44 -2.79 -13.14 4.88
C GLU A 44 -3.20 -12.57 3.53
N SER A 45 -3.13 -13.41 2.50
CA SER A 45 -3.52 -13.04 1.16
C SER A 45 -5.01 -12.60 1.13
N ASP A 46 -5.80 -13.20 2.02
CA ASP A 46 -7.24 -12.90 2.18
C ASP A 46 -7.43 -11.43 2.49
N GLN A 47 -6.79 -10.99 3.57
CA GLN A 47 -6.91 -9.60 4.03
C GLN A 47 -6.26 -8.68 3.02
N MET A 48 -5.21 -9.16 2.37
CA MET A 48 -4.54 -8.36 1.36
C MET A 48 -5.45 -8.10 0.19
N ASP A 49 -6.10 -9.15 -0.29
CA ASP A 49 -7.07 -9.08 -1.41
C ASP A 49 -8.20 -8.14 -1.06
N GLU A 50 -8.67 -8.26 0.16
CA GLU A 50 -9.69 -7.41 0.71
C GLU A 50 -9.27 -5.94 0.62
N TYR A 51 -8.03 -5.68 1.01
CA TYR A 51 -7.46 -4.36 0.98
C TYR A 51 -7.24 -3.91 -0.47
N TYR A 52 -6.90 -4.85 -1.35
CA TYR A 52 -6.67 -4.55 -2.76
C TYR A 52 -7.93 -4.03 -3.40
N GLU A 53 -9.06 -4.68 -3.11
CA GLU A 53 -10.34 -4.26 -3.61
C GLU A 53 -10.69 -2.87 -3.05
N PHE A 54 -10.36 -2.68 -1.78
CA PHE A 54 -10.56 -1.40 -1.13
C PHE A 54 -9.78 -0.30 -1.86
N LEU A 55 -8.49 -0.55 -2.08
CA LEU A 55 -7.61 0.38 -2.78
C LEU A 55 -8.11 0.70 -4.18
N GLY A 56 -8.56 -0.35 -4.85
CA GLY A 56 -9.11 -0.21 -6.18
C GLY A 56 -10.29 0.72 -6.19
N GLU A 57 -11.15 0.60 -5.19
CA GLU A 57 -12.29 1.45 -5.07
C GLU A 57 -11.90 2.91 -4.79
N GLN A 58 -10.76 3.12 -4.09
CA GLN A 58 -10.28 4.47 -3.78
C GLN A 58 -9.69 5.08 -5.05
N GLY A 59 -8.86 4.32 -5.71
CA GLY A 59 -8.29 4.76 -6.96
C GLY A 59 -6.83 4.46 -7.04
N VAL A 60 -6.50 3.20 -6.84
CA VAL A 60 -5.14 2.74 -6.81
C VAL A 60 -5.10 1.45 -7.52
N GLU A 61 -4.26 1.36 -8.48
CA GLU A 61 -4.10 0.16 -9.22
C GLU A 61 -2.96 -0.60 -8.65
N LEU A 62 -3.20 -1.81 -8.37
CA LEU A 62 -2.18 -2.64 -7.79
C LEU A 62 -1.40 -3.36 -8.86
N ILE A 63 -0.20 -2.89 -9.12
CA ILE A 63 0.68 -3.52 -10.09
C ILE A 63 1.52 -4.61 -9.48
N SER A 64 2.11 -5.41 -10.33
CA SER A 64 2.84 -6.59 -9.92
C SER A 64 4.34 -6.35 -9.85
N GLU A 65 4.74 -5.08 -9.78
CA GLU A 65 6.15 -4.65 -9.60
C GLU A 65 6.99 -4.80 -10.88
N ASN A 66 6.70 -5.79 -11.68
CA ASN A 66 7.46 -6.05 -12.91
C ASN A 66 7.11 -5.06 -13.99
N GLU A 67 5.92 -4.59 -13.90
CA GLU A 67 5.36 -3.72 -14.88
C GLU A 67 5.49 -2.26 -14.48
N GLU A 68 4.84 -1.40 -15.25
CA GLU A 68 4.73 0.01 -15.04
C GLU A 68 6.04 0.74 -15.41
N THR A 69 6.01 2.05 -15.53
CA THR A 69 7.15 2.82 -16.00
C THR A 69 8.08 3.20 -14.87
N GLU A 70 7.73 2.76 -13.70
CA GLU A 70 8.46 3.10 -12.50
C GLU A 70 9.74 2.32 -12.34
N ASP A 71 10.10 1.56 -13.34
CA ASP A 71 11.37 0.84 -13.35
C ASP A 71 12.50 1.83 -13.46
N LEU A 72 12.16 2.93 -14.03
CA LEU A 72 13.07 4.04 -14.24
C LEU A 72 12.98 5.01 -13.06
N GLU A 73 12.21 4.66 -12.07
CA GLU A 73 11.97 5.51 -10.94
C GLU A 73 12.22 4.75 -9.65
N HIS A 74 11.99 5.41 -8.54
CA HIS A 74 12.13 4.82 -7.22
C HIS A 74 10.99 5.28 -6.35
N HIS A 75 10.34 4.35 -5.71
CA HIS A 75 9.34 4.66 -4.72
C HIS A 75 9.65 3.80 -3.52
N HIS A 76 9.89 4.43 -2.43
CA HIS A 76 10.24 3.72 -1.23
C HIS A 76 9.06 3.68 -0.33
N ALA A 1 -7.24 8.33 9.99
CA ALA A 1 -5.80 8.52 10.19
C ALA A 1 -5.56 9.23 11.49
N ASP A 2 -4.61 8.74 12.24
CA ASP A 2 -4.24 9.29 13.53
C ASP A 2 -2.90 10.03 13.35
N LYS A 3 -2.14 10.20 14.41
CA LYS A 3 -0.87 10.91 14.36
C LYS A 3 0.25 9.95 13.93
N GLN A 4 -0.14 8.73 13.62
CA GLN A 4 0.78 7.69 13.23
C GLN A 4 1.08 7.71 11.74
N THR A 5 0.78 8.82 11.09
CA THR A 5 1.05 8.96 9.68
C THR A 5 2.48 9.48 9.43
N HIS A 6 3.25 9.44 10.49
CA HIS A 6 4.65 9.81 10.48
C HIS A 6 5.45 8.51 10.57
N GLU A 7 6.75 8.59 10.65
CA GLU A 7 7.54 7.39 10.79
C GLU A 7 7.53 6.96 12.24
N THR A 8 6.56 6.16 12.56
CA THR A 8 6.33 5.65 13.86
C THR A 8 5.72 4.29 13.65
N GLU A 9 5.87 3.40 14.59
CA GLU A 9 5.24 2.09 14.51
C GLU A 9 3.73 2.27 14.46
N LEU A 10 3.14 1.84 13.38
CA LEU A 10 1.76 2.10 13.12
C LEU A 10 0.93 0.86 13.34
N THR A 11 -0.36 1.01 13.19
CA THR A 11 -1.29 -0.07 13.31
C THR A 11 -1.68 -0.56 11.95
N PHE A 12 -2.48 -1.60 11.89
CA PHE A 12 -2.92 -2.16 10.64
C PHE A 12 -3.74 -1.14 9.85
N ASP A 13 -4.55 -0.43 10.62
CA ASP A 13 -5.34 0.67 10.09
C ASP A 13 -4.51 1.80 9.61
N GLN A 14 -3.42 2.07 10.30
CA GLN A 14 -2.57 3.18 9.93
C GLN A 14 -1.77 2.84 8.72
N VAL A 15 -1.37 1.59 8.61
CA VAL A 15 -0.59 1.15 7.52
C VAL A 15 -1.43 1.12 6.29
N LYS A 16 -2.66 0.69 6.45
CA LYS A 16 -3.62 0.79 5.41
C LYS A 16 -3.72 2.21 4.94
N GLU A 17 -3.91 3.12 5.85
CA GLU A 17 -4.01 4.53 5.52
C GLU A 17 -2.70 5.10 4.91
N GLN A 18 -1.53 4.49 5.22
CA GLN A 18 -0.25 4.87 4.71
C GLN A 18 -0.22 4.53 3.25
N LEU A 19 -0.45 3.29 3.01
CA LEU A 19 -0.43 2.72 1.72
C LEU A 19 -1.51 3.28 0.84
N THR A 20 -2.64 3.54 1.43
CA THR A 20 -3.73 4.15 0.75
C THR A 20 -3.34 5.51 0.25
N GLU A 21 -2.80 6.33 1.13
CA GLU A 21 -2.46 7.71 0.83
C GLU A 21 -1.45 7.77 -0.33
N SER A 22 -0.46 6.93 -0.21
CA SER A 22 0.61 6.84 -1.18
C SER A 22 0.08 6.33 -2.53
N GLY A 23 -0.74 5.28 -2.49
CA GLY A 23 -1.33 4.72 -3.69
C GLY A 23 -2.24 5.71 -4.37
N LYS A 24 -2.92 6.49 -3.57
CA LYS A 24 -3.83 7.53 -4.04
C LYS A 24 -3.09 8.60 -4.82
N LYS A 25 -1.87 8.89 -4.42
CA LYS A 25 -1.06 9.90 -5.06
C LYS A 25 -0.51 9.37 -6.36
N ARG A 26 -0.10 8.14 -6.31
CA ARG A 26 0.53 7.50 -7.44
C ARG A 26 -0.49 7.12 -8.50
N GLY A 27 -1.53 6.49 -8.00
CA GLY A 27 -2.56 5.91 -8.80
C GLY A 27 -2.35 4.43 -8.84
N VAL A 28 -1.31 3.99 -8.16
CA VAL A 28 -0.90 2.64 -8.23
C VAL A 28 -0.05 2.26 -7.02
N LEU A 29 0.01 0.98 -6.76
CA LEU A 29 0.83 0.40 -5.73
C LEU A 29 1.26 -0.99 -6.16
N THR A 30 2.50 -1.34 -5.95
CA THR A 30 2.94 -2.71 -6.23
C THR A 30 2.46 -3.66 -5.13
N TYR A 31 2.03 -4.86 -5.53
CA TYR A 31 1.60 -5.90 -4.60
C TYR A 31 2.60 -6.13 -3.46
N GLU A 32 3.90 -6.12 -3.78
CA GLU A 32 4.89 -6.40 -2.78
C GLU A 32 5.10 -5.23 -1.80
N GLU A 33 4.88 -3.97 -2.24
CA GLU A 33 5.12 -2.84 -1.33
C GLU A 33 3.96 -2.77 -0.36
N ILE A 34 2.81 -3.23 -0.83
CA ILE A 34 1.64 -3.32 -0.02
C ILE A 34 1.90 -4.35 1.07
N ALA A 35 2.49 -5.48 0.69
CA ALA A 35 2.83 -6.55 1.59
C ALA A 35 3.93 -6.13 2.55
N GLU A 36 4.79 -5.23 2.06
CA GLU A 36 6.00 -4.78 2.74
C GLU A 36 5.68 -4.15 4.06
N ARG A 37 4.81 -3.16 4.04
CA ARG A 37 4.45 -2.43 5.24
C ARG A 37 3.62 -3.33 6.15
N MET A 38 2.96 -4.29 5.54
CA MET A 38 2.11 -5.21 6.27
C MET A 38 2.89 -6.38 6.85
N SER A 39 4.18 -6.48 6.50
CA SER A 39 5.02 -7.61 6.94
C SER A 39 5.27 -7.59 8.45
N SER A 40 4.96 -6.48 9.08
CA SER A 40 5.07 -6.36 10.51
C SER A 40 3.89 -7.10 11.17
N PHE A 41 2.75 -7.08 10.48
CA PHE A 41 1.50 -7.69 10.98
C PHE A 41 1.39 -9.13 10.57
N GLU A 42 1.73 -9.37 9.32
CA GLU A 42 1.57 -10.68 8.68
C GLU A 42 0.09 -11.04 8.66
N ILE A 43 -0.58 -10.44 7.73
CA ILE A 43 -2.01 -10.47 7.61
C ILE A 43 -2.45 -11.71 6.83
N GLU A 44 -3.67 -12.13 7.06
CA GLU A 44 -4.30 -13.19 6.32
C GLU A 44 -4.55 -12.71 4.88
N SER A 45 -4.64 -13.64 3.94
CA SER A 45 -4.89 -13.33 2.53
C SER A 45 -6.24 -12.61 2.40
N ASP A 46 -7.14 -12.97 3.30
CA ASP A 46 -8.50 -12.43 3.38
C ASP A 46 -8.48 -10.92 3.41
N GLN A 47 -7.74 -10.38 4.37
CA GLN A 47 -7.69 -8.95 4.56
C GLN A 47 -6.93 -8.29 3.44
N MET A 48 -5.96 -8.99 2.89
CA MET A 48 -5.17 -8.45 1.78
C MET A 48 -6.04 -8.19 0.59
N ASP A 49 -6.82 -9.18 0.21
CA ASP A 49 -7.73 -9.07 -0.94
C ASP A 49 -8.78 -8.03 -0.66
N GLU A 50 -9.25 -8.01 0.59
CA GLU A 50 -10.21 -7.04 1.05
C GLU A 50 -9.63 -5.62 0.85
N TYR A 51 -8.34 -5.48 1.20
CA TYR A 51 -7.63 -4.24 1.08
C TYR A 51 -7.40 -3.91 -0.40
N TYR A 52 -7.10 -4.91 -1.22
CA TYR A 52 -6.86 -4.69 -2.64
C TYR A 52 -8.08 -4.11 -3.32
N GLU A 53 -9.24 -4.68 -2.99
CA GLU A 53 -10.51 -4.22 -3.49
C GLU A 53 -10.80 -2.82 -2.96
N PHE A 54 -10.46 -2.59 -1.69
CA PHE A 54 -10.62 -1.29 -1.06
C PHE A 54 -9.82 -0.23 -1.81
N LEU A 55 -8.55 -0.53 -2.05
CA LEU A 55 -7.66 0.35 -2.79
C LEU A 55 -8.23 0.65 -4.17
N GLY A 56 -8.75 -0.40 -4.79
CA GLY A 56 -9.37 -0.30 -6.09
C GLY A 56 -10.55 0.64 -6.06
N GLU A 57 -11.34 0.58 -5.01
CA GLU A 57 -12.44 1.47 -4.82
C GLU A 57 -12.00 2.91 -4.67
N GLN A 58 -10.86 3.11 -4.01
CA GLN A 58 -10.40 4.46 -3.73
C GLN A 58 -9.81 5.08 -4.98
N GLY A 59 -8.96 4.35 -5.65
CA GLY A 59 -8.40 4.82 -6.89
C GLY A 59 -6.96 4.42 -7.04
N VAL A 60 -6.66 3.19 -6.71
CA VAL A 60 -5.32 2.68 -6.78
C VAL A 60 -5.31 1.38 -7.54
N GLU A 61 -4.42 1.25 -8.47
CA GLU A 61 -4.22 0.01 -9.19
C GLU A 61 -3.13 -0.75 -8.51
N LEU A 62 -3.27 -2.02 -8.37
CA LEU A 62 -2.24 -2.78 -7.76
C LEU A 62 -1.41 -3.47 -8.84
N ILE A 63 -0.19 -3.02 -9.01
CA ILE A 63 0.70 -3.55 -10.01
C ILE A 63 1.58 -4.65 -9.52
N SER A 64 2.14 -5.29 -10.46
CA SER A 64 2.95 -6.42 -10.29
C SER A 64 4.48 -6.13 -10.31
N GLU A 65 4.88 -4.90 -9.94
CA GLU A 65 6.31 -4.53 -9.71
C GLU A 65 7.17 -4.42 -10.97
N ASN A 66 7.18 -5.46 -11.79
CA ASN A 66 8.02 -5.51 -13.00
C ASN A 66 7.59 -4.44 -14.01
N GLU A 67 6.38 -4.03 -13.87
CA GLU A 67 5.76 -3.11 -14.76
C GLU A 67 5.78 -1.69 -14.17
N GLU A 68 5.07 -0.79 -14.86
CA GLU A 68 4.87 0.61 -14.47
C GLU A 68 6.11 1.48 -14.74
N THR A 69 5.87 2.72 -15.11
CA THR A 69 6.93 3.58 -15.57
C THR A 69 7.35 4.62 -14.57
N GLU A 70 6.55 4.81 -13.57
CA GLU A 70 6.89 5.75 -12.52
C GLU A 70 7.87 5.11 -11.54
N ASP A 71 8.25 3.87 -11.83
CA ASP A 71 9.13 3.07 -10.97
C ASP A 71 10.56 3.59 -11.07
N LEU A 72 10.75 4.48 -11.98
CA LEU A 72 12.03 5.12 -12.24
C LEU A 72 12.35 6.16 -11.15
N GLU A 73 11.38 6.38 -10.28
CA GLU A 73 11.54 7.29 -9.20
C GLU A 73 11.63 6.52 -7.90
N HIS A 74 12.37 7.04 -6.96
CA HIS A 74 12.62 6.38 -5.72
C HIS A 74 11.63 6.85 -4.65
N HIS A 75 10.85 5.94 -4.12
CA HIS A 75 9.89 6.25 -3.09
C HIS A 75 9.66 5.05 -2.19
N HIS A 76 9.81 5.27 -0.94
CA HIS A 76 9.44 4.32 0.05
C HIS A 76 8.74 5.06 1.17
N ALA A 1 -6.43 15.32 14.96
CA ALA A 1 -6.11 14.29 15.92
C ALA A 1 -4.76 13.73 15.62
N ASP A 2 -4.08 13.22 16.63
CA ASP A 2 -2.83 12.50 16.40
C ASP A 2 -3.21 11.20 15.78
N LYS A 3 -2.74 10.97 14.61
CA LYS A 3 -3.27 9.90 13.82
C LYS A 3 -2.62 8.56 14.14
N GLN A 4 -1.36 8.42 13.84
CA GLN A 4 -0.70 7.16 14.02
C GLN A 4 0.19 7.13 15.24
N THR A 5 0.85 6.02 15.43
CA THR A 5 1.71 5.78 16.54
C THR A 5 3.13 6.29 16.29
N HIS A 6 3.62 7.08 17.23
CA HIS A 6 4.92 7.75 17.18
C HIS A 6 6.09 6.76 17.21
N GLU A 7 5.85 5.58 17.76
CA GLU A 7 6.89 4.54 17.85
C GLU A 7 7.27 3.91 16.51
N THR A 8 6.70 4.44 15.45
CA THR A 8 7.01 4.06 14.06
C THR A 8 6.50 2.66 13.69
N GLU A 9 5.82 2.06 14.59
CA GLU A 9 5.14 0.85 14.32
C GLU A 9 3.70 1.14 14.45
N LEU A 10 3.06 1.15 13.33
CA LEU A 10 1.72 1.62 13.19
C LEU A 10 0.77 0.45 13.28
N THR A 11 -0.48 0.71 13.11
CA THR A 11 -1.44 -0.34 13.17
C THR A 11 -1.81 -0.77 11.77
N PHE A 12 -2.59 -1.82 11.66
CA PHE A 12 -3.00 -2.34 10.36
C PHE A 12 -3.77 -1.28 9.59
N ASP A 13 -4.54 -0.56 10.36
CA ASP A 13 -5.33 0.55 9.88
C ASP A 13 -4.45 1.66 9.39
N GLN A 14 -3.39 1.91 10.13
CA GLN A 14 -2.53 3.02 9.82
C GLN A 14 -1.65 2.70 8.64
N VAL A 15 -1.27 1.46 8.54
CA VAL A 15 -0.42 1.02 7.48
C VAL A 15 -1.19 1.03 6.21
N LYS A 16 -2.43 0.63 6.30
CA LYS A 16 -3.32 0.74 5.20
C LYS A 16 -3.37 2.19 4.77
N GLU A 17 -3.50 3.08 5.72
CA GLU A 17 -3.51 4.48 5.43
C GLU A 17 -2.20 4.99 4.81
N GLN A 18 -1.03 4.35 5.11
CA GLN A 18 0.24 4.80 4.53
C GLN A 18 0.21 4.46 3.08
N LEU A 19 -0.17 3.26 2.84
CA LEU A 19 -0.25 2.69 1.55
C LEU A 19 -1.32 3.34 0.71
N THR A 20 -2.47 3.54 1.32
CA THR A 20 -3.61 4.15 0.68
C THR A 20 -3.25 5.50 0.17
N GLU A 21 -2.71 6.33 1.04
CA GLU A 21 -2.40 7.71 0.73
C GLU A 21 -1.40 7.79 -0.42
N SER A 22 -0.40 6.93 -0.33
CA SER A 22 0.65 6.86 -1.34
C SER A 22 0.04 6.45 -2.69
N GLY A 23 -0.79 5.41 -2.67
CA GLY A 23 -1.43 4.92 -3.87
C GLY A 23 -2.37 5.93 -4.46
N LYS A 24 -3.04 6.67 -3.59
CA LYS A 24 -3.95 7.73 -4.01
C LYS A 24 -3.23 8.83 -4.77
N LYS A 25 -1.99 9.09 -4.38
CA LYS A 25 -1.16 10.09 -5.01
C LYS A 25 -0.67 9.60 -6.35
N ARG A 26 -0.26 8.36 -6.38
CA ARG A 26 0.36 7.77 -7.56
C ARG A 26 -0.68 7.41 -8.59
N GLY A 27 -1.69 6.74 -8.09
CA GLY A 27 -2.75 6.20 -8.88
C GLY A 27 -2.55 4.72 -9.00
N VAL A 28 -1.56 4.22 -8.27
CA VAL A 28 -1.17 2.85 -8.35
C VAL A 28 -0.29 2.49 -7.17
N LEU A 29 -0.19 1.20 -6.91
CA LEU A 29 0.63 0.62 -5.89
C LEU A 29 1.10 -0.74 -6.33
N THR A 30 2.29 -1.13 -5.94
CA THR A 30 2.78 -2.46 -6.18
C THR A 30 2.20 -3.42 -5.14
N TYR A 31 1.94 -4.66 -5.54
CA TYR A 31 1.43 -5.67 -4.60
C TYR A 31 2.46 -5.89 -3.49
N GLU A 32 3.70 -5.87 -3.90
CA GLU A 32 4.81 -6.18 -3.04
C GLU A 32 4.98 -5.20 -1.89
N GLU A 33 4.85 -3.89 -2.14
CA GLU A 33 5.09 -2.92 -1.06
C GLU A 33 3.95 -2.99 -0.07
N ILE A 34 2.80 -3.38 -0.59
CA ILE A 34 1.64 -3.54 0.20
C ILE A 34 1.81 -4.71 1.15
N ALA A 35 2.38 -5.82 0.66
CA ALA A 35 2.66 -6.99 1.44
C ALA A 35 3.75 -6.70 2.44
N GLU A 36 4.71 -5.89 1.99
CA GLU A 36 5.92 -5.53 2.70
C GLU A 36 5.61 -4.86 4.00
N ARG A 37 4.71 -3.89 3.98
CA ARG A 37 4.32 -3.21 5.20
C ARG A 37 3.46 -4.10 6.08
N MET A 38 2.74 -5.00 5.47
CA MET A 38 1.87 -5.89 6.23
C MET A 38 2.64 -7.09 6.75
N SER A 39 3.93 -7.10 6.49
CA SER A 39 4.82 -8.14 6.96
C SER A 39 5.14 -7.89 8.45
N SER A 40 4.78 -6.69 8.92
CA SER A 40 4.86 -6.37 10.33
C SER A 40 3.77 -7.14 11.03
N PHE A 41 2.66 -7.24 10.35
CA PHE A 41 1.49 -7.90 10.82
C PHE A 41 1.48 -9.31 10.29
N GLU A 42 0.42 -9.94 10.51
CA GLU A 42 0.20 -11.32 10.20
C GLU A 42 -0.89 -11.45 9.16
N ILE A 43 -0.93 -10.48 8.29
CA ILE A 43 -1.96 -10.39 7.27
C ILE A 43 -1.82 -11.49 6.25
N GLU A 44 -2.88 -12.25 6.16
CA GLU A 44 -3.01 -13.33 5.23
C GLU A 44 -3.43 -12.81 3.88
N SER A 45 -3.31 -13.63 2.86
CA SER A 45 -3.65 -13.27 1.50
C SER A 45 -5.12 -12.87 1.40
N ASP A 46 -5.98 -13.54 2.18
CA ASP A 46 -7.42 -13.25 2.21
C ASP A 46 -7.66 -11.81 2.64
N GLN A 47 -6.90 -11.39 3.63
CA GLN A 47 -7.04 -10.06 4.17
C GLN A 47 -6.35 -9.05 3.27
N MET A 48 -5.30 -9.48 2.58
CA MET A 48 -4.64 -8.65 1.60
C MET A 48 -5.56 -8.37 0.44
N ASP A 49 -6.24 -9.42 -0.03
CA ASP A 49 -7.22 -9.33 -1.13
C ASP A 49 -8.29 -8.32 -0.81
N GLU A 50 -8.70 -8.33 0.43
CA GLU A 50 -9.70 -7.42 0.96
C GLU A 50 -9.21 -5.97 0.77
N TYR A 51 -7.95 -5.76 1.10
CA TYR A 51 -7.33 -4.46 1.00
C TYR A 51 -7.15 -4.07 -0.48
N TYR A 52 -6.84 -5.03 -1.34
CA TYR A 52 -6.63 -4.76 -2.75
C TYR A 52 -7.86 -4.19 -3.42
N GLU A 53 -9.01 -4.77 -3.11
CA GLU A 53 -10.27 -4.29 -3.64
C GLU A 53 -10.58 -2.89 -3.06
N PHE A 54 -10.25 -2.69 -1.79
CA PHE A 54 -10.43 -1.43 -1.10
C PHE A 54 -9.68 -0.31 -1.83
N LEU A 55 -8.41 -0.55 -2.09
CA LEU A 55 -7.56 0.40 -2.81
C LEU A 55 -8.14 0.76 -4.16
N GLY A 56 -8.62 -0.27 -4.84
CA GLY A 56 -9.23 -0.10 -6.13
C GLY A 56 -10.39 0.86 -6.07
N GLU A 57 -11.19 0.74 -5.03
CA GLU A 57 -12.32 1.59 -4.82
C GLU A 57 -11.95 3.06 -4.57
N GLN A 58 -10.85 3.28 -3.84
CA GLN A 58 -10.44 4.62 -3.45
C GLN A 58 -9.78 5.34 -4.63
N GLY A 59 -9.05 4.60 -5.41
CA GLY A 59 -8.50 5.15 -6.63
C GLY A 59 -7.08 4.79 -6.79
N VAL A 60 -6.77 3.55 -6.60
CA VAL A 60 -5.42 3.07 -6.70
C VAL A 60 -5.42 1.81 -7.53
N GLU A 61 -4.62 1.79 -8.56
CA GLU A 61 -4.45 0.60 -9.36
C GLU A 61 -3.37 -0.27 -8.78
N LEU A 62 -3.30 -1.49 -9.19
CA LEU A 62 -2.36 -2.41 -8.63
C LEU A 62 -1.42 -2.98 -9.67
N ILE A 63 -0.16 -2.70 -9.49
CA ILE A 63 0.89 -3.25 -10.32
C ILE A 63 1.66 -4.31 -9.53
N SER A 64 2.58 -4.96 -10.18
CA SER A 64 3.39 -5.97 -9.58
C SER A 64 4.44 -5.36 -8.66
N GLU A 65 5.51 -4.91 -9.30
CA GLU A 65 6.69 -4.29 -8.68
C GLU A 65 7.74 -4.26 -9.75
N ASN A 66 7.78 -5.33 -10.52
CA ASN A 66 8.74 -5.50 -11.63
C ASN A 66 8.34 -4.65 -12.86
N GLU A 67 7.48 -3.70 -12.64
CA GLU A 67 7.02 -2.82 -13.66
C GLU A 67 6.95 -1.45 -13.04
N GLU A 68 6.60 -0.48 -13.83
CA GLU A 68 6.46 0.88 -13.43
C GLU A 68 7.73 1.45 -12.80
N THR A 69 7.62 2.60 -12.19
CA THR A 69 8.77 3.21 -11.57
C THR A 69 8.34 4.27 -10.54
N GLU A 70 7.18 4.06 -9.95
CA GLU A 70 6.68 4.97 -8.92
C GLU A 70 7.14 4.54 -7.55
N ASP A 71 7.51 3.29 -7.46
CA ASP A 71 8.11 2.70 -6.27
C ASP A 71 9.43 3.36 -5.97
N LEU A 72 9.99 3.85 -7.01
CA LEU A 72 11.27 4.49 -6.98
C LEU A 72 11.14 5.98 -6.69
N GLU A 73 9.92 6.45 -6.50
CA GLU A 73 9.66 7.85 -6.21
C GLU A 73 9.52 8.12 -4.74
N HIS A 74 8.59 7.43 -4.10
CA HIS A 74 8.33 7.67 -2.69
C HIS A 74 8.48 6.42 -1.86
N HIS A 75 9.50 6.41 -1.04
CA HIS A 75 9.74 5.33 -0.12
C HIS A 75 9.95 5.91 1.27
N HIS A 76 9.29 5.34 2.23
CA HIS A 76 9.38 5.78 3.60
C HIS A 76 9.84 4.62 4.42
N ALA A 1 7.94 3.53 10.51
CA ALA A 1 7.87 4.88 11.09
C ALA A 1 7.68 5.86 9.99
N ASP A 2 6.52 6.48 9.94
CA ASP A 2 6.18 7.36 8.85
C ASP A 2 4.97 8.25 9.19
N LYS A 3 3.77 7.76 8.93
CA LYS A 3 2.55 8.49 9.23
C LYS A 3 2.35 8.52 10.74
N GLN A 4 2.32 7.37 11.35
CA GLN A 4 2.16 7.30 12.78
C GLN A 4 3.52 7.25 13.37
N THR A 5 3.71 8.05 14.38
CA THR A 5 5.00 8.20 14.99
C THR A 5 4.89 8.05 16.51
N HIS A 6 4.00 7.19 16.96
CA HIS A 6 3.84 6.94 18.40
C HIS A 6 4.86 5.90 18.83
N GLU A 7 5.21 5.09 17.86
CA GLU A 7 6.22 4.08 17.95
C GLU A 7 6.92 4.08 16.61
N THR A 8 7.87 3.20 16.44
CA THR A 8 8.56 3.09 15.16
C THR A 8 7.71 2.28 14.20
N GLU A 9 6.77 1.66 14.75
CA GLU A 9 5.87 0.82 14.05
C GLU A 9 4.50 1.45 14.08
N LEU A 10 3.64 1.02 13.21
CA LEU A 10 2.32 1.56 13.11
C LEU A 10 1.34 0.43 13.20
N THR A 11 0.08 0.74 13.17
CA THR A 11 -0.93 -0.28 13.27
C THR A 11 -1.40 -0.66 11.88
N PHE A 12 -2.27 -1.64 11.83
CA PHE A 12 -2.79 -2.12 10.57
C PHE A 12 -3.61 -1.04 9.87
N ASP A 13 -4.34 -0.31 10.71
CA ASP A 13 -5.11 0.87 10.26
C ASP A 13 -4.20 1.93 9.73
N GLN A 14 -3.07 2.12 10.40
CA GLN A 14 -2.15 3.18 10.02
C GLN A 14 -1.44 2.82 8.75
N VAL A 15 -1.12 1.56 8.61
CA VAL A 15 -0.39 1.10 7.49
C VAL A 15 -1.29 1.14 6.29
N LYS A 16 -2.53 0.72 6.48
CA LYS A 16 -3.51 0.85 5.44
C LYS A 16 -3.62 2.29 4.99
N GLU A 17 -3.73 3.20 5.92
CA GLU A 17 -3.79 4.59 5.56
C GLU A 17 -2.50 5.09 4.86
N GLN A 18 -1.32 4.48 5.15
CA GLN A 18 -0.07 4.93 4.55
C GLN A 18 -0.11 4.57 3.10
N LEU A 19 -0.46 3.34 2.89
CA LEU A 19 -0.51 2.74 1.64
C LEU A 19 -1.61 3.33 0.80
N THR A 20 -2.74 3.58 1.42
CA THR A 20 -3.88 4.18 0.76
C THR A 20 -3.50 5.52 0.19
N GLU A 21 -2.93 6.36 1.01
CA GLU A 21 -2.60 7.72 0.60
C GLU A 21 -1.55 7.72 -0.49
N SER A 22 -0.60 6.85 -0.33
CA SER A 22 0.52 6.73 -1.27
C SER A 22 0.02 6.29 -2.64
N GLY A 23 -0.86 5.30 -2.63
CA GLY A 23 -1.44 4.82 -3.85
C GLY A 23 -2.31 5.86 -4.50
N LYS A 24 -2.96 6.66 -3.67
CA LYS A 24 -3.79 7.75 -4.12
C LYS A 24 -3.00 8.84 -4.82
N LYS A 25 -1.79 9.08 -4.38
CA LYS A 25 -0.92 10.09 -4.96
C LYS A 25 -0.39 9.62 -6.30
N ARG A 26 -0.05 8.36 -6.33
CA ARG A 26 0.56 7.76 -7.50
C ARG A 26 -0.48 7.38 -8.53
N GLY A 27 -1.41 6.60 -8.05
CA GLY A 27 -2.41 5.98 -8.83
C GLY A 27 -2.17 4.51 -8.87
N VAL A 28 -1.13 4.08 -8.16
CA VAL A 28 -0.70 2.72 -8.23
C VAL A 28 0.07 2.32 -6.98
N LEU A 29 0.08 1.03 -6.72
CA LEU A 29 0.85 0.41 -5.67
C LEU A 29 1.21 -1.00 -6.11
N THR A 30 2.42 -1.40 -5.93
CA THR A 30 2.80 -2.78 -6.19
C THR A 30 2.24 -3.70 -5.09
N TYR A 31 1.85 -4.91 -5.47
CA TYR A 31 1.31 -5.89 -4.53
C TYR A 31 2.28 -6.13 -3.36
N GLU A 32 3.56 -6.17 -3.69
CA GLU A 32 4.59 -6.47 -2.73
C GLU A 32 5.00 -5.31 -1.82
N GLU A 33 4.80 -4.06 -2.23
CA GLU A 33 5.13 -2.97 -1.32
C GLU A 33 4.03 -2.89 -0.28
N ILE A 34 2.86 -3.33 -0.69
CA ILE A 34 1.71 -3.41 0.15
C ILE A 34 1.92 -4.51 1.15
N ALA A 35 2.51 -5.63 0.69
CA ALA A 35 2.78 -6.80 1.48
C ALA A 35 3.86 -6.50 2.49
N GLU A 36 4.82 -5.68 2.06
CA GLU A 36 6.02 -5.37 2.83
C GLU A 36 5.67 -4.76 4.17
N ARG A 37 4.78 -3.81 4.14
CA ARG A 37 4.39 -3.10 5.34
C ARG A 37 3.55 -4.01 6.21
N MET A 38 2.83 -4.91 5.59
CA MET A 38 1.95 -5.82 6.30
C MET A 38 2.71 -7.01 6.83
N SER A 39 4.00 -7.06 6.54
CA SER A 39 4.85 -8.15 7.00
C SER A 39 5.16 -7.98 8.50
N SER A 40 4.88 -6.79 9.02
CA SER A 40 5.00 -6.52 10.43
C SER A 40 3.83 -7.21 11.14
N PHE A 41 2.74 -7.37 10.42
CA PHE A 41 1.56 -8.04 10.89
C PHE A 41 1.54 -9.48 10.36
N GLU A 42 0.37 -10.07 10.34
CA GLU A 42 0.18 -11.45 9.91
C GLU A 42 -0.93 -11.50 8.88
N ILE A 43 -0.94 -10.50 8.01
CA ILE A 43 -2.00 -10.34 7.02
C ILE A 43 -1.90 -11.39 5.94
N GLU A 44 -2.97 -12.12 5.81
CA GLU A 44 -3.10 -13.18 4.83
C GLU A 44 -3.34 -12.56 3.45
N SER A 45 -3.15 -13.34 2.39
CA SER A 45 -3.35 -12.83 1.05
C SER A 45 -4.83 -12.50 0.81
N ASP A 46 -5.72 -13.21 1.49
CA ASP A 46 -7.16 -12.93 1.37
C ASP A 46 -7.49 -11.60 2.02
N GLN A 47 -6.73 -11.26 3.06
CA GLN A 47 -6.92 -9.98 3.74
C GLN A 47 -6.29 -8.89 2.90
N MET A 48 -5.24 -9.24 2.20
CA MET A 48 -4.65 -8.31 1.26
C MET A 48 -5.60 -8.03 0.11
N ASP A 49 -6.29 -9.07 -0.36
CA ASP A 49 -7.25 -8.98 -1.48
C ASP A 49 -8.38 -8.02 -1.18
N GLU A 50 -8.93 -8.11 0.02
CA GLU A 50 -10.00 -7.21 0.41
C GLU A 50 -9.48 -5.77 0.48
N TYR A 51 -8.22 -5.61 0.87
CA TYR A 51 -7.58 -4.32 0.87
C TYR A 51 -7.34 -3.87 -0.58
N TYR A 52 -6.99 -4.80 -1.46
CA TYR A 52 -6.78 -4.49 -2.87
C TYR A 52 -8.05 -3.97 -3.49
N GLU A 53 -9.15 -4.61 -3.11
CA GLU A 53 -10.49 -4.25 -3.54
C GLU A 53 -10.79 -2.85 -3.03
N PHE A 54 -10.45 -2.60 -1.77
CA PHE A 54 -10.61 -1.30 -1.13
C PHE A 54 -9.83 -0.23 -1.90
N LEU A 55 -8.57 -0.51 -2.15
CA LEU A 55 -7.70 0.40 -2.89
C LEU A 55 -8.25 0.71 -4.27
N GLY A 56 -8.79 -0.32 -4.90
CA GLY A 56 -9.40 -0.18 -6.20
C GLY A 56 -10.58 0.77 -6.16
N GLU A 57 -11.38 0.68 -5.10
CA GLU A 57 -12.51 1.55 -4.93
C GLU A 57 -12.08 3.00 -4.78
N GLN A 58 -10.95 3.23 -4.13
CA GLN A 58 -10.45 4.58 -3.92
C GLN A 58 -9.82 5.08 -5.21
N GLY A 59 -9.00 4.27 -5.82
CA GLY A 59 -8.44 4.63 -7.10
C GLY A 59 -6.96 4.34 -7.16
N VAL A 60 -6.61 3.11 -6.88
CA VAL A 60 -5.23 2.68 -6.90
C VAL A 60 -5.14 1.38 -7.66
N GLU A 61 -4.27 1.32 -8.62
CA GLU A 61 -4.04 0.12 -9.37
C GLU A 61 -2.95 -0.66 -8.69
N LEU A 62 -3.14 -1.93 -8.53
CA LEU A 62 -2.15 -2.72 -7.89
C LEU A 62 -1.27 -3.45 -8.90
N ILE A 63 -0.05 -2.99 -9.06
CA ILE A 63 0.89 -3.62 -9.98
C ILE A 63 1.74 -4.69 -9.36
N SER A 64 2.49 -5.30 -10.20
CA SER A 64 3.24 -6.48 -9.90
C SER A 64 4.76 -6.29 -9.59
N GLU A 65 5.19 -5.06 -9.29
CA GLU A 65 6.62 -4.73 -8.88
C GLU A 65 7.61 -4.83 -10.02
N ASN A 66 7.54 -5.93 -10.77
CA ASN A 66 8.37 -6.16 -11.94
C ASN A 66 7.95 -5.20 -13.01
N GLU A 67 6.80 -4.66 -12.83
CA GLU A 67 6.31 -3.61 -13.61
C GLU A 67 6.12 -2.48 -12.66
N GLU A 68 6.45 -1.34 -13.07
CA GLU A 68 6.39 -0.16 -12.27
C GLU A 68 6.43 1.05 -13.16
N THR A 69 5.55 1.96 -12.90
CA THR A 69 5.37 3.10 -13.73
C THR A 69 6.21 4.22 -13.25
N GLU A 70 6.45 4.20 -11.99
CA GLU A 70 7.19 5.24 -11.31
C GLU A 70 8.67 4.89 -11.38
N ASP A 71 8.93 3.82 -12.08
CA ASP A 71 10.28 3.37 -12.32
C ASP A 71 10.67 3.73 -13.72
N LEU A 72 9.67 3.83 -14.53
CA LEU A 72 9.82 4.19 -15.92
C LEU A 72 9.90 5.68 -16.01
N GLU A 73 8.92 6.32 -15.41
CA GLU A 73 8.80 7.75 -15.42
C GLU A 73 9.24 8.27 -14.07
N HIS A 74 10.36 8.97 -14.07
CA HIS A 74 10.94 9.57 -12.87
C HIS A 74 11.42 8.50 -11.87
N HIS A 75 11.79 8.94 -10.70
CA HIS A 75 12.19 8.07 -9.62
C HIS A 75 11.91 8.78 -8.33
N HIS A 76 12.08 8.11 -7.24
CA HIS A 76 11.89 8.71 -5.96
C HIS A 76 13.22 8.78 -5.28
N ALA A 1 -5.92 7.36 11.11
CA ALA A 1 -4.81 8.28 11.25
C ALA A 1 -4.53 8.51 12.72
N ASP A 2 -3.31 8.98 13.03
CA ASP A 2 -2.84 9.32 14.41
C ASP A 2 -2.62 8.11 15.32
N LYS A 3 -3.36 7.06 15.09
CA LYS A 3 -3.31 5.86 15.91
C LYS A 3 -2.09 4.97 15.65
N GLN A 4 -0.92 5.48 15.89
CA GLN A 4 0.30 4.71 15.79
C GLN A 4 1.15 4.97 17.02
N THR A 5 1.94 4.01 17.40
CA THR A 5 2.74 4.10 18.59
C THR A 5 3.97 4.98 18.37
N HIS A 6 4.70 4.68 17.33
CA HIS A 6 5.88 5.44 16.97
C HIS A 6 5.79 5.79 15.51
N GLU A 7 6.76 6.49 14.97
CA GLU A 7 6.66 6.90 13.58
C GLU A 7 7.08 5.83 12.59
N THR A 8 7.72 4.84 13.10
CA THR A 8 8.09 3.70 12.28
C THR A 8 7.27 2.47 12.72
N GLU A 9 6.35 2.70 13.60
CA GLU A 9 5.50 1.65 14.12
C GLU A 9 4.07 2.06 14.03
N LEU A 10 3.38 1.43 13.15
CA LEU A 10 2.04 1.78 12.88
C LEU A 10 1.19 0.58 13.03
N THR A 11 -0.09 0.76 12.94
CA THR A 11 -0.99 -0.32 13.05
C THR A 11 -1.41 -0.74 11.68
N PHE A 12 -2.18 -1.79 11.60
CA PHE A 12 -2.65 -2.31 10.35
C PHE A 12 -3.50 -1.27 9.62
N ASP A 13 -4.29 -0.58 10.42
CA ASP A 13 -5.12 0.55 9.95
C ASP A 13 -4.28 1.69 9.46
N GLN A 14 -3.19 1.95 10.15
CA GLN A 14 -2.31 3.07 9.82
C GLN A 14 -1.56 2.77 8.55
N VAL A 15 -1.19 1.51 8.41
CA VAL A 15 -0.45 1.07 7.29
C VAL A 15 -1.35 1.07 6.10
N LYS A 16 -2.54 0.60 6.30
CA LYS A 16 -3.54 0.66 5.29
C LYS A 16 -3.71 2.09 4.83
N GLU A 17 -3.84 2.99 5.77
CA GLU A 17 -3.93 4.40 5.44
C GLU A 17 -2.67 4.94 4.73
N GLN A 18 -1.46 4.37 5.03
CA GLN A 18 -0.24 4.86 4.40
C GLN A 18 -0.27 4.48 2.96
N LEU A 19 -0.56 3.25 2.75
CA LEU A 19 -0.63 2.65 1.47
C LEU A 19 -1.74 3.22 0.65
N THR A 20 -2.86 3.46 1.28
CA THR A 20 -3.99 4.05 0.64
C THR A 20 -3.64 5.41 0.07
N GLU A 21 -3.11 6.26 0.92
CA GLU A 21 -2.79 7.61 0.51
C GLU A 21 -1.72 7.63 -0.58
N SER A 22 -0.76 6.77 -0.41
CA SER A 22 0.36 6.67 -1.33
C SER A 22 -0.10 6.11 -2.67
N GLY A 23 -1.00 5.15 -2.62
CA GLY A 23 -1.58 4.58 -3.81
C GLY A 23 -2.39 5.61 -4.53
N LYS A 24 -3.01 6.48 -3.77
CA LYS A 24 -3.77 7.59 -4.30
C LYS A 24 -2.89 8.59 -5.03
N LYS A 25 -1.66 8.77 -4.55
CA LYS A 25 -0.71 9.70 -5.13
C LYS A 25 -0.17 9.12 -6.41
N ARG A 26 0.08 7.84 -6.36
CA ARG A 26 0.64 7.14 -7.47
C ARG A 26 -0.41 6.88 -8.54
N GLY A 27 -1.54 6.40 -8.06
CA GLY A 27 -2.63 5.96 -8.87
C GLY A 27 -2.52 4.49 -9.09
N VAL A 28 -1.64 3.90 -8.30
CA VAL A 28 -1.31 2.52 -8.43
C VAL A 28 -0.44 2.11 -7.25
N LEU A 29 -0.41 0.85 -6.97
CA LEU A 29 0.42 0.29 -5.95
C LEU A 29 0.90 -1.07 -6.37
N THR A 30 2.16 -1.33 -6.15
CA THR A 30 2.70 -2.63 -6.37
C THR A 30 2.29 -3.55 -5.21
N TYR A 31 1.89 -4.77 -5.54
CA TYR A 31 1.45 -5.77 -4.53
C TYR A 31 2.53 -5.99 -3.49
N GLU A 32 3.77 -6.00 -3.93
CA GLU A 32 4.85 -6.26 -3.02
C GLU A 32 5.14 -5.08 -2.09
N GLU A 33 4.72 -3.89 -2.49
CA GLU A 33 4.82 -2.70 -1.67
C GLU A 33 3.74 -2.77 -0.61
N ILE A 34 2.56 -3.15 -1.07
CA ILE A 34 1.41 -3.32 -0.23
C ILE A 34 1.69 -4.35 0.85
N ALA A 35 2.25 -5.50 0.44
CA ALA A 35 2.58 -6.59 1.32
C ALA A 35 3.71 -6.22 2.27
N GLU A 36 4.64 -5.41 1.76
CA GLU A 36 5.89 -5.06 2.45
C GLU A 36 5.62 -4.32 3.73
N ARG A 37 4.72 -3.36 3.69
CA ARG A 37 4.41 -2.57 4.87
C ARG A 37 3.67 -3.47 5.87
N MET A 38 2.99 -4.47 5.32
CA MET A 38 2.20 -5.39 6.10
C MET A 38 3.03 -6.50 6.66
N SER A 39 4.32 -6.52 6.32
CA SER A 39 5.23 -7.53 6.82
C SER A 39 5.56 -7.26 8.29
N SER A 40 5.14 -6.10 8.77
CA SER A 40 5.28 -5.73 10.15
C SER A 40 4.21 -6.50 10.96
N PHE A 41 3.19 -6.94 10.25
CA PHE A 41 2.09 -7.72 10.77
C PHE A 41 2.15 -9.11 10.13
N GLU A 42 1.09 -9.83 10.20
CA GLU A 42 0.98 -11.10 9.55
C GLU A 42 -0.30 -11.13 8.75
N ILE A 43 -0.24 -10.51 7.60
CA ILE A 43 -1.41 -10.37 6.80
C ILE A 43 -1.42 -11.37 5.70
N GLU A 44 -2.41 -12.19 5.77
CA GLU A 44 -2.65 -13.22 4.79
C GLU A 44 -3.12 -12.61 3.50
N SER A 45 -2.91 -13.29 2.43
CA SER A 45 -3.25 -12.83 1.12
C SER A 45 -4.76 -12.57 0.98
N ASP A 46 -5.58 -13.30 1.72
CA ASP A 46 -7.04 -13.08 1.72
C ASP A 46 -7.37 -11.76 2.40
N GLN A 47 -6.59 -11.43 3.42
CA GLN A 47 -6.79 -10.20 4.16
C GLN A 47 -6.28 -9.02 3.33
N MET A 48 -5.28 -9.31 2.50
CA MET A 48 -4.78 -8.35 1.54
C MET A 48 -5.80 -8.10 0.45
N ASP A 49 -6.45 -9.16 0.00
CA ASP A 49 -7.46 -9.13 -1.08
C ASP A 49 -8.60 -8.19 -0.78
N GLU A 50 -9.10 -8.23 0.44
CA GLU A 50 -10.17 -7.33 0.82
C GLU A 50 -9.69 -5.87 0.83
N TYR A 51 -8.41 -5.68 1.19
CA TYR A 51 -7.80 -4.37 1.15
C TYR A 51 -7.62 -3.94 -0.31
N TYR A 52 -7.29 -4.88 -1.19
CA TYR A 52 -7.10 -4.59 -2.62
C TYR A 52 -8.37 -4.02 -3.21
N GLU A 53 -9.50 -4.60 -2.82
CA GLU A 53 -10.80 -4.17 -3.27
C GLU A 53 -11.04 -2.73 -2.78
N PHE A 54 -10.67 -2.50 -1.53
CA PHE A 54 -10.77 -1.20 -0.90
C PHE A 54 -9.95 -0.16 -1.67
N LEU A 55 -8.71 -0.50 -1.96
CA LEU A 55 -7.80 0.36 -2.71
C LEU A 55 -8.38 0.73 -4.07
N GLY A 56 -8.91 -0.28 -4.73
CA GLY A 56 -9.53 -0.09 -6.02
C GLY A 56 -10.67 0.91 -5.96
N GLU A 57 -11.44 0.85 -4.88
CA GLU A 57 -12.53 1.75 -4.62
C GLU A 57 -12.06 3.20 -4.44
N GLN A 58 -10.90 3.38 -3.81
CA GLN A 58 -10.36 4.73 -3.58
C GLN A 58 -9.79 5.28 -4.85
N GLY A 59 -9.21 4.42 -5.63
CA GLY A 59 -8.70 4.83 -6.92
C GLY A 59 -7.29 4.37 -7.12
N VAL A 60 -6.97 3.23 -6.58
CA VAL A 60 -5.66 2.68 -6.71
C VAL A 60 -5.72 1.40 -7.50
N GLU A 61 -4.93 1.34 -8.52
CA GLU A 61 -4.81 0.17 -9.33
C GLU A 61 -3.65 -0.63 -8.81
N LEU A 62 -3.76 -1.89 -8.75
CA LEU A 62 -2.68 -2.66 -8.20
C LEU A 62 -1.84 -3.37 -9.28
N ILE A 63 -0.55 -3.09 -9.30
CA ILE A 63 0.40 -3.78 -10.18
C ILE A 63 1.27 -4.71 -9.35
N SER A 64 2.18 -5.43 -9.97
CA SER A 64 2.99 -6.38 -9.25
C SER A 64 4.12 -5.69 -8.48
N GLU A 65 5.16 -5.29 -9.22
CA GLU A 65 6.37 -4.58 -8.76
C GLU A 65 7.49 -4.82 -9.76
N ASN A 66 7.27 -5.78 -10.62
CA ASN A 66 8.17 -6.11 -11.70
C ASN A 66 7.99 -5.09 -12.80
N GLU A 67 6.91 -4.43 -12.69
CA GLU A 67 6.51 -3.34 -13.48
C GLU A 67 6.39 -2.15 -12.54
N GLU A 68 6.55 -0.99 -13.09
CA GLU A 68 6.48 0.26 -12.39
C GLU A 68 6.69 1.33 -13.44
N THR A 69 6.00 2.44 -13.36
CA THR A 69 6.12 3.43 -14.42
C THR A 69 6.67 4.76 -13.97
N GLU A 70 6.85 4.90 -12.70
CA GLU A 70 7.42 6.13 -12.17
C GLU A 70 8.93 6.00 -12.12
N ASP A 71 9.40 4.79 -12.32
CA ASP A 71 10.79 4.47 -12.27
C ASP A 71 11.18 3.81 -13.57
N LEU A 72 11.56 4.63 -14.51
CA LEU A 72 11.94 4.17 -15.84
C LEU A 72 13.16 4.94 -16.35
N GLU A 73 13.03 6.25 -16.42
CA GLU A 73 14.09 7.09 -16.93
C GLU A 73 15.04 7.56 -15.85
N HIS A 74 16.01 6.72 -15.53
CA HIS A 74 17.09 7.03 -14.60
C HIS A 74 18.00 5.82 -14.50
N HIS A 75 19.16 5.92 -15.08
CA HIS A 75 20.12 4.82 -15.02
C HIS A 75 20.83 4.86 -13.69
N HIS A 76 21.18 6.05 -13.28
CA HIS A 76 21.83 6.26 -12.02
C HIS A 76 21.20 7.47 -11.36
N ALA A 1 -6.61 7.87 11.02
CA ALA A 1 -6.98 9.28 10.93
C ALA A 1 -5.74 10.14 10.70
N ASP A 2 -4.85 10.17 11.68
CA ASP A 2 -3.65 10.98 11.58
C ASP A 2 -2.45 10.04 11.41
N LYS A 3 -1.28 10.56 11.59
CA LYS A 3 -0.04 9.85 11.45
C LYS A 3 0.30 9.14 12.74
N GLN A 4 1.25 8.25 12.69
CA GLN A 4 1.66 7.53 13.86
C GLN A 4 2.86 8.28 14.41
N THR A 5 2.65 8.98 15.48
CA THR A 5 3.66 9.82 16.06
C THR A 5 4.37 9.17 17.25
N HIS A 6 5.57 9.70 17.56
CA HIS A 6 6.43 9.27 18.69
C HIS A 6 7.12 7.94 18.40
N GLU A 7 6.34 6.94 18.09
CA GLU A 7 6.89 5.68 17.71
C GLU A 7 6.92 5.64 16.19
N THR A 8 7.31 4.55 15.63
CA THR A 8 7.28 4.40 14.21
C THR A 8 6.62 3.09 13.84
N GLU A 9 5.91 2.55 14.78
CA GLU A 9 5.24 1.31 14.59
C GLU A 9 3.78 1.60 14.42
N LEU A 10 3.29 1.39 13.24
CA LEU A 10 1.95 1.78 12.92
C LEU A 10 1.04 0.60 12.99
N THR A 11 -0.23 0.85 12.95
CA THR A 11 -1.17 -0.22 13.07
C THR A 11 -1.59 -0.66 11.69
N PHE A 12 -2.39 -1.69 11.63
CA PHE A 12 -2.87 -2.20 10.37
C PHE A 12 -3.70 -1.13 9.66
N ASP A 13 -4.44 -0.42 10.48
CA ASP A 13 -5.21 0.73 10.03
C ASP A 13 -4.36 1.88 9.62
N GLN A 14 -3.25 2.09 10.32
CA GLN A 14 -2.37 3.21 10.04
C GLN A 14 -1.62 2.93 8.75
N VAL A 15 -1.27 1.67 8.57
CA VAL A 15 -0.53 1.25 7.43
C VAL A 15 -1.41 1.27 6.24
N LYS A 16 -2.63 0.84 6.42
CA LYS A 16 -3.61 0.95 5.40
C LYS A 16 -3.74 2.40 4.98
N GLU A 17 -3.82 3.28 5.93
CA GLU A 17 -3.87 4.69 5.63
C GLU A 17 -2.61 5.21 4.93
N GLN A 18 -1.41 4.58 5.17
CA GLN A 18 -0.19 5.05 4.53
C GLN A 18 -0.24 4.70 3.08
N LEU A 19 -0.54 3.46 2.86
CA LEU A 19 -0.60 2.87 1.58
C LEU A 19 -1.72 3.45 0.74
N THR A 20 -2.84 3.66 1.39
CA THR A 20 -4.00 4.27 0.75
C THR A 20 -3.63 5.64 0.20
N GLU A 21 -3.02 6.45 1.04
CA GLU A 21 -2.69 7.83 0.73
C GLU A 21 -1.71 7.84 -0.45
N SER A 22 -0.76 6.96 -0.36
CA SER A 22 0.33 6.84 -1.33
C SER A 22 -0.20 6.40 -2.70
N GLY A 23 -1.08 5.40 -2.69
CA GLY A 23 -1.68 4.92 -3.91
C GLY A 23 -2.50 5.99 -4.55
N LYS A 24 -3.11 6.78 -3.72
CA LYS A 24 -3.90 7.90 -4.14
C LYS A 24 -3.09 9.01 -4.79
N LYS A 25 -1.85 9.15 -4.39
CA LYS A 25 -0.96 10.14 -4.96
C LYS A 25 -0.54 9.72 -6.35
N ARG A 26 -0.20 8.46 -6.45
CA ARG A 26 0.37 7.92 -7.66
C ARG A 26 -0.70 7.50 -8.66
N GLY A 27 -1.60 6.71 -8.15
CA GLY A 27 -2.62 6.07 -8.93
C GLY A 27 -2.31 4.61 -9.05
N VAL A 28 -1.39 4.14 -8.21
CA VAL A 28 -0.93 2.80 -8.29
C VAL A 28 -0.09 2.45 -7.06
N LEU A 29 -0.04 1.17 -6.76
CA LEU A 29 0.75 0.60 -5.70
C LEU A 29 1.18 -0.78 -6.13
N THR A 30 2.40 -1.16 -5.87
CA THR A 30 2.84 -2.52 -6.11
C THR A 30 2.28 -3.46 -5.02
N TYR A 31 1.90 -4.67 -5.43
CA TYR A 31 1.36 -5.68 -4.50
C TYR A 31 2.36 -5.93 -3.37
N GLU A 32 3.62 -6.03 -3.75
CA GLU A 32 4.67 -6.30 -2.81
C GLU A 32 4.89 -5.16 -1.81
N GLU A 33 4.71 -3.89 -2.20
CA GLU A 33 4.98 -2.81 -1.24
C GLU A 33 3.87 -2.77 -0.22
N ILE A 34 2.71 -3.19 -0.67
CA ILE A 34 1.56 -3.31 0.16
C ILE A 34 1.79 -4.44 1.15
N ALA A 35 2.32 -5.56 0.66
CA ALA A 35 2.62 -6.72 1.44
C ALA A 35 3.72 -6.46 2.43
N GLU A 36 4.69 -5.66 1.99
CA GLU A 36 5.89 -5.36 2.74
C GLU A 36 5.57 -4.67 4.05
N ARG A 37 4.73 -3.64 4.02
CA ARG A 37 4.35 -2.96 5.24
C ARG A 37 3.48 -3.87 6.10
N MET A 38 2.74 -4.72 5.45
CA MET A 38 1.83 -5.61 6.14
C MET A 38 2.56 -6.82 6.66
N SER A 39 3.84 -6.94 6.34
CA SER A 39 4.63 -8.07 6.78
C SER A 39 4.94 -7.95 8.27
N SER A 40 4.77 -6.75 8.81
CA SER A 40 4.96 -6.52 10.21
C SER A 40 3.75 -7.09 10.98
N PHE A 41 2.60 -7.10 10.32
CA PHE A 41 1.36 -7.61 10.91
C PHE A 41 1.15 -9.04 10.53
N GLU A 42 1.80 -9.44 9.44
CA GLU A 42 1.66 -10.75 8.85
C GLU A 42 0.25 -10.90 8.30
N ILE A 43 -0.03 -10.14 7.27
CA ILE A 43 -1.32 -10.14 6.64
C ILE A 43 -1.31 -11.09 5.48
N GLU A 44 -2.15 -12.04 5.58
CA GLU A 44 -2.32 -13.05 4.58
C GLU A 44 -2.84 -12.45 3.30
N SER A 45 -2.48 -13.05 2.19
CA SER A 45 -2.91 -12.65 0.86
C SER A 45 -4.44 -12.61 0.79
N ASP A 46 -5.05 -13.49 1.58
CA ASP A 46 -6.51 -13.59 1.74
C ASP A 46 -7.07 -12.24 2.18
N GLN A 47 -6.44 -11.66 3.19
CA GLN A 47 -6.88 -10.40 3.74
C GLN A 47 -6.37 -9.26 2.88
N MET A 48 -5.25 -9.50 2.21
CA MET A 48 -4.69 -8.52 1.29
C MET A 48 -5.65 -8.20 0.16
N ASP A 49 -6.34 -9.23 -0.36
CA ASP A 49 -7.34 -9.09 -1.44
C ASP A 49 -8.41 -8.11 -1.02
N GLU A 50 -8.82 -8.25 0.22
CA GLU A 50 -9.84 -7.41 0.83
C GLU A 50 -9.37 -5.94 0.78
N TYR A 51 -8.10 -5.74 1.09
CA TYR A 51 -7.51 -4.42 1.05
C TYR A 51 -7.37 -3.96 -0.40
N TYR A 52 -7.06 -4.86 -1.32
CA TYR A 52 -6.85 -4.50 -2.73
C TYR A 52 -8.11 -3.89 -3.32
N GLU A 53 -9.24 -4.51 -3.02
CA GLU A 53 -10.50 -4.01 -3.50
C GLU A 53 -10.83 -2.68 -2.86
N PHE A 54 -10.45 -2.53 -1.59
CA PHE A 54 -10.62 -1.30 -0.87
C PHE A 54 -9.86 -0.19 -1.60
N LEU A 55 -8.61 -0.46 -1.91
CA LEU A 55 -7.77 0.46 -2.65
C LEU A 55 -8.37 0.81 -4.00
N GLY A 56 -9.00 -0.19 -4.61
CA GLY A 56 -9.66 0.00 -5.88
C GLY A 56 -10.81 0.98 -5.78
N GLU A 57 -11.56 0.90 -4.69
CA GLU A 57 -12.65 1.80 -4.45
C GLU A 57 -12.16 3.24 -4.26
N GLN A 58 -10.96 3.37 -3.67
CA GLN A 58 -10.37 4.68 -3.44
C GLN A 58 -9.76 5.19 -4.76
N GLY A 59 -9.19 4.32 -5.53
CA GLY A 59 -8.69 4.69 -6.85
C GLY A 59 -7.23 4.39 -7.02
N VAL A 60 -6.85 3.16 -6.73
CA VAL A 60 -5.47 2.74 -6.81
C VAL A 60 -5.40 1.42 -7.54
N GLU A 61 -4.61 1.37 -8.58
CA GLU A 61 -4.39 0.13 -9.28
C GLU A 61 -3.19 -0.55 -8.65
N LEU A 62 -3.25 -1.83 -8.49
CA LEU A 62 -2.17 -2.52 -7.87
C LEU A 62 -1.29 -3.21 -8.92
N ILE A 63 -0.04 -2.81 -8.99
CA ILE A 63 0.90 -3.40 -9.92
C ILE A 63 1.75 -4.47 -9.31
N SER A 64 2.34 -5.20 -10.17
CA SER A 64 3.08 -6.37 -9.88
C SER A 64 4.55 -6.20 -9.41
N GLU A 65 5.03 -4.97 -9.20
CA GLU A 65 6.40 -4.69 -8.63
C GLU A 65 7.53 -4.93 -9.63
N ASN A 66 7.41 -5.98 -10.44
CA ASN A 66 8.32 -6.25 -11.52
C ASN A 66 8.10 -5.23 -12.63
N GLU A 67 7.04 -4.51 -12.47
CA GLU A 67 6.66 -3.44 -13.30
C GLU A 67 6.53 -2.25 -12.39
N GLU A 68 6.76 -1.11 -12.91
CA GLU A 68 6.70 0.09 -12.12
C GLU A 68 6.35 1.25 -13.03
N THR A 69 5.68 2.24 -12.52
CA THR A 69 5.23 3.32 -13.36
C THR A 69 5.98 4.58 -13.15
N GLU A 70 6.65 4.65 -12.06
CA GLU A 70 7.50 5.75 -11.80
C GLU A 70 8.87 5.46 -12.39
N ASP A 71 9.14 4.20 -12.61
CA ASP A 71 10.42 3.80 -13.13
C ASP A 71 10.29 3.54 -14.59
N LEU A 72 10.13 4.62 -15.29
CA LEU A 72 9.98 4.63 -16.74
C LEU A 72 10.84 5.75 -17.29
N GLU A 73 11.78 6.19 -16.50
CA GLU A 73 12.63 7.29 -16.86
C GLU A 73 13.83 6.79 -17.63
N HIS A 74 14.22 7.53 -18.62
CA HIS A 74 15.32 7.18 -19.45
C HIS A 74 16.58 7.76 -18.86
N HIS A 75 17.30 6.95 -18.12
CA HIS A 75 18.53 7.40 -17.51
C HIS A 75 19.66 7.23 -18.51
N HIS A 76 19.87 6.02 -18.94
CA HIS A 76 20.89 5.68 -19.89
C HIS A 76 20.41 4.47 -20.65
N ALA A 1 -6.78 5.17 10.93
CA ALA A 1 -7.57 5.61 12.08
C ALA A 1 -7.04 6.94 12.53
N ASP A 2 -7.76 8.00 12.20
CA ASP A 2 -7.32 9.38 12.46
C ASP A 2 -6.06 9.69 11.66
N LYS A 3 -4.89 9.40 12.23
CA LYS A 3 -3.56 9.51 11.61
C LYS A 3 -2.59 8.96 12.62
N GLN A 4 -1.46 8.48 12.19
CA GLN A 4 -0.42 8.15 13.13
C GLN A 4 0.27 9.46 13.44
N THR A 5 0.76 9.60 14.65
CA THR A 5 1.29 10.84 15.21
C THR A 5 2.17 11.64 14.22
N HIS A 6 3.09 10.97 13.57
CA HIS A 6 3.90 11.60 12.55
C HIS A 6 4.38 10.52 11.62
N GLU A 7 5.30 9.72 12.12
CA GLU A 7 5.88 8.63 11.39
C GLU A 7 6.54 7.72 12.42
N THR A 8 5.85 6.71 12.79
CA THR A 8 6.26 5.81 13.80
C THR A 8 5.77 4.47 13.30
N GLU A 9 6.06 3.37 13.99
CA GLU A 9 5.47 2.11 13.60
C GLU A 9 3.95 2.25 13.73
N LEU A 10 3.23 1.72 12.80
CA LEU A 10 1.84 2.01 12.74
C LEU A 10 1.03 0.76 12.89
N THR A 11 -0.26 0.91 12.89
CA THR A 11 -1.11 -0.22 13.05
C THR A 11 -1.57 -0.66 11.69
N PHE A 12 -2.33 -1.73 11.64
CA PHE A 12 -2.81 -2.24 10.39
C PHE A 12 -3.69 -1.21 9.68
N ASP A 13 -4.48 -0.56 10.51
CA ASP A 13 -5.38 0.50 10.08
C ASP A 13 -4.58 1.68 9.56
N GLN A 14 -3.49 1.98 10.25
CA GLN A 14 -2.71 3.15 9.91
C GLN A 14 -1.91 2.89 8.64
N VAL A 15 -1.43 1.66 8.51
CA VAL A 15 -0.61 1.29 7.38
C VAL A 15 -1.47 1.27 6.17
N LYS A 16 -2.67 0.82 6.35
CA LYS A 16 -3.63 0.87 5.31
C LYS A 16 -3.82 2.28 4.82
N GLU A 17 -3.85 3.24 5.72
CA GLU A 17 -3.89 4.62 5.33
C GLU A 17 -2.65 5.08 4.59
N GLN A 18 -1.46 4.54 4.93
CA GLN A 18 -0.22 5.03 4.33
C GLN A 18 -0.18 4.61 2.90
N LEU A 19 -0.48 3.38 2.72
CA LEU A 19 -0.51 2.75 1.45
C LEU A 19 -1.62 3.33 0.60
N THR A 20 -2.74 3.60 1.23
CA THR A 20 -3.86 4.23 0.57
C THR A 20 -3.43 5.56 0.00
N GLU A 21 -2.84 6.38 0.84
CA GLU A 21 -2.48 7.75 0.50
C GLU A 21 -1.48 7.74 -0.66
N SER A 22 -0.52 6.88 -0.53
CA SER A 22 0.54 6.75 -1.50
C SER A 22 -0.01 6.27 -2.84
N GLY A 23 -0.87 5.26 -2.79
CA GLY A 23 -1.50 4.73 -3.96
C GLY A 23 -2.41 5.74 -4.61
N LYS A 24 -3.08 6.52 -3.78
CA LYS A 24 -3.97 7.58 -4.23
C LYS A 24 -3.23 8.66 -4.99
N LYS A 25 -2.01 8.96 -4.57
CA LYS A 25 -1.20 9.98 -5.19
C LYS A 25 -0.69 9.50 -6.52
N ARG A 26 -0.31 8.25 -6.56
CA ARG A 26 0.28 7.70 -7.74
C ARG A 26 -0.76 7.27 -8.74
N GLY A 27 -1.69 6.50 -8.24
CA GLY A 27 -2.71 5.87 -9.00
C GLY A 27 -2.47 4.39 -9.02
N VAL A 28 -1.36 3.99 -8.41
CA VAL A 28 -0.93 2.64 -8.45
C VAL A 28 -0.05 2.29 -7.26
N LEU A 29 -0.05 1.04 -6.93
CA LEU A 29 0.79 0.46 -5.93
C LEU A 29 1.24 -0.90 -6.40
N THR A 30 2.43 -1.28 -6.08
CA THR A 30 2.91 -2.62 -6.33
C THR A 30 2.46 -3.53 -5.20
N TYR A 31 2.25 -4.80 -5.48
CA TYR A 31 1.85 -5.76 -4.46
C TYR A 31 2.91 -5.91 -3.39
N GLU A 32 4.17 -5.84 -3.78
CA GLU A 32 5.24 -6.09 -2.84
C GLU A 32 5.41 -4.96 -1.82
N GLU A 33 5.09 -3.73 -2.20
CA GLU A 33 5.26 -2.63 -1.26
C GLU A 33 4.13 -2.68 -0.25
N ILE A 34 3.00 -3.18 -0.71
CA ILE A 34 1.85 -3.38 0.12
C ILE A 34 2.12 -4.49 1.10
N ALA A 35 2.78 -5.56 0.62
CA ALA A 35 3.14 -6.70 1.41
C ALA A 35 4.19 -6.33 2.44
N GLU A 36 5.06 -5.44 2.02
CA GLU A 36 6.21 -5.00 2.78
C GLU A 36 5.78 -4.40 4.10
N ARG A 37 4.86 -3.47 4.04
CA ARG A 37 4.40 -2.78 5.22
C ARG A 37 3.56 -3.70 6.09
N MET A 38 2.89 -4.65 5.47
CA MET A 38 2.04 -5.58 6.20
C MET A 38 2.87 -6.73 6.76
N SER A 39 4.16 -6.69 6.50
CA SER A 39 5.08 -7.70 7.00
C SER A 39 5.31 -7.51 8.50
N SER A 40 4.99 -6.33 9.01
CA SER A 40 5.07 -6.08 10.42
C SER A 40 3.93 -6.81 11.12
N PHE A 41 2.85 -6.99 10.39
CA PHE A 41 1.67 -7.69 10.84
C PHE A 41 1.66 -9.08 10.23
N GLU A 42 0.58 -9.78 10.43
CA GLU A 42 0.35 -11.04 9.77
C GLU A 42 -0.95 -10.95 9.04
N ILE A 43 -0.88 -10.58 7.81
CA ILE A 43 -2.04 -10.41 7.01
C ILE A 43 -2.08 -11.49 5.98
N GLU A 44 -3.14 -12.22 6.01
CA GLU A 44 -3.34 -13.34 5.15
C GLU A 44 -3.72 -12.88 3.76
N SER A 45 -3.63 -13.78 2.81
CA SER A 45 -3.94 -13.51 1.42
C SER A 45 -5.43 -13.13 1.27
N ASP A 46 -6.26 -13.67 2.17
CA ASP A 46 -7.70 -13.37 2.24
C ASP A 46 -7.87 -11.88 2.50
N GLN A 47 -7.22 -11.44 3.57
CA GLN A 47 -7.28 -10.08 4.04
C GLN A 47 -6.67 -9.13 3.03
N MET A 48 -5.58 -9.58 2.40
CA MET A 48 -4.89 -8.80 1.38
C MET A 48 -5.80 -8.43 0.22
N ASP A 49 -6.56 -9.42 -0.29
CA ASP A 49 -7.46 -9.19 -1.44
C ASP A 49 -8.50 -8.15 -1.12
N GLU A 50 -9.01 -8.23 0.09
CA GLU A 50 -10.00 -7.30 0.59
C GLU A 50 -9.42 -5.87 0.58
N TYR A 51 -8.16 -5.74 0.99
CA TYR A 51 -7.51 -4.45 0.97
C TYR A 51 -7.28 -4.03 -0.48
N TYR A 52 -6.94 -4.97 -1.34
CA TYR A 52 -6.71 -4.66 -2.76
C TYR A 52 -7.99 -4.12 -3.40
N GLU A 53 -9.10 -4.76 -3.04
CA GLU A 53 -10.42 -4.39 -3.51
C GLU A 53 -10.75 -2.98 -3.02
N PHE A 54 -10.44 -2.72 -1.74
CA PHE A 54 -10.61 -1.43 -1.11
C PHE A 54 -9.84 -0.36 -1.90
N LEU A 55 -8.56 -0.63 -2.12
CA LEU A 55 -7.68 0.28 -2.86
C LEU A 55 -8.21 0.59 -4.24
N GLY A 56 -8.67 -0.47 -4.89
CA GLY A 56 -9.26 -0.35 -6.21
C GLY A 56 -10.44 0.58 -6.22
N GLU A 57 -11.27 0.50 -5.18
CA GLU A 57 -12.41 1.37 -5.06
C GLU A 57 -12.03 2.82 -4.87
N GLN A 58 -10.91 3.06 -4.20
CA GLN A 58 -10.49 4.41 -3.93
C GLN A 58 -9.84 4.98 -5.17
N GLY A 59 -9.02 4.20 -5.80
CA GLY A 59 -8.45 4.59 -7.06
C GLY A 59 -7.02 4.24 -7.15
N VAL A 60 -6.70 3.02 -6.84
CA VAL A 60 -5.34 2.55 -6.85
C VAL A 60 -5.29 1.22 -7.56
N GLU A 61 -4.52 1.14 -8.61
CA GLU A 61 -4.33 -0.09 -9.30
C GLU A 61 -3.18 -0.82 -8.67
N LEU A 62 -3.32 -2.10 -8.48
CA LEU A 62 -2.26 -2.84 -7.88
C LEU A 62 -1.45 -3.60 -8.93
N ILE A 63 -0.26 -3.12 -9.19
CA ILE A 63 0.64 -3.77 -10.12
C ILE A 63 1.56 -4.71 -9.37
N SER A 64 2.37 -5.45 -10.09
CA SER A 64 3.27 -6.40 -9.49
C SER A 64 4.42 -5.71 -8.72
N GLU A 65 5.40 -5.33 -9.48
CA GLU A 65 6.65 -4.63 -9.12
C GLU A 65 7.60 -4.98 -10.24
N ASN A 66 7.25 -6.09 -10.90
CA ASN A 66 7.86 -6.56 -12.17
C ASN A 66 7.65 -5.47 -13.24
N GLU A 67 6.70 -4.65 -12.98
CA GLU A 67 6.33 -3.53 -13.79
C GLU A 67 6.29 -2.33 -12.85
N GLU A 68 6.44 -1.17 -13.40
CA GLU A 68 6.41 0.07 -12.64
C GLU A 68 6.34 1.15 -13.70
N THR A 69 5.87 2.33 -13.38
CA THR A 69 5.70 3.31 -14.41
C THR A 69 5.89 4.78 -13.95
N GLU A 70 6.54 4.99 -12.85
CA GLU A 70 6.91 6.35 -12.50
C GLU A 70 8.39 6.49 -12.35
N ASP A 71 9.06 5.36 -12.47
CA ASP A 71 10.50 5.34 -12.47
C ASP A 71 10.96 5.61 -13.88
N LEU A 72 10.03 5.41 -14.75
CA LEU A 72 10.23 5.55 -16.18
C LEU A 72 10.03 6.98 -16.63
N GLU A 73 10.12 7.92 -15.71
CA GLU A 73 10.06 9.31 -16.06
C GLU A 73 11.31 9.68 -16.79
N HIS A 74 11.17 9.91 -18.08
CA HIS A 74 12.29 10.23 -18.92
C HIS A 74 12.63 11.69 -18.76
N HIS A 75 13.48 11.96 -17.82
CA HIS A 75 13.94 13.31 -17.58
C HIS A 75 15.46 13.28 -17.62
N HIS A 76 16.02 12.25 -17.01
CA HIS A 76 17.41 11.96 -17.00
C HIS A 76 17.51 10.63 -16.29
N ALA A 1 -7.05 8.65 10.24
CA ALA A 1 -5.99 9.58 9.88
C ALA A 1 -5.27 10.02 11.12
N ASP A 2 -4.01 9.66 11.21
CA ASP A 2 -3.16 9.94 12.36
C ASP A 2 -1.73 9.64 12.02
N LYS A 3 -1.55 8.56 11.27
CA LYS A 3 -0.23 8.07 10.80
C LYS A 3 0.65 7.62 11.95
N GLN A 4 -0.02 7.37 13.06
CA GLN A 4 0.54 6.90 14.30
C GLN A 4 1.43 7.98 14.93
N THR A 5 0.80 8.90 15.62
CA THR A 5 1.50 9.96 16.29
C THR A 5 2.13 9.48 17.60
N HIS A 6 1.47 8.54 18.25
CA HIS A 6 1.98 7.94 19.46
C HIS A 6 2.25 6.48 19.20
N GLU A 7 3.36 5.98 19.74
CA GLU A 7 3.91 4.62 19.51
C GLU A 7 4.68 4.58 18.21
N THR A 8 5.91 4.12 18.26
CA THR A 8 6.71 4.06 17.07
C THR A 8 6.59 2.69 16.40
N GLU A 9 5.40 2.47 15.92
CA GLU A 9 4.98 1.33 15.16
C GLU A 9 3.59 1.66 14.79
N LEU A 10 3.15 1.25 13.67
CA LEU A 10 1.81 1.59 13.33
C LEU A 10 1.00 0.35 13.39
N THR A 11 -0.27 0.52 13.33
CA THR A 11 -1.14 -0.60 13.37
C THR A 11 -1.55 -0.93 11.96
N PHE A 12 -2.29 -2.00 11.81
CA PHE A 12 -2.74 -2.42 10.51
C PHE A 12 -3.62 -1.34 9.89
N ASP A 13 -4.42 -0.76 10.77
CA ASP A 13 -5.30 0.36 10.45
C ASP A 13 -4.51 1.58 10.00
N GLN A 14 -3.41 1.84 10.68
CA GLN A 14 -2.56 3.01 10.40
C GLN A 14 -1.80 2.79 9.09
N VAL A 15 -1.33 1.57 8.90
CA VAL A 15 -0.52 1.24 7.76
C VAL A 15 -1.38 1.25 6.54
N LYS A 16 -2.57 0.77 6.67
CA LYS A 16 -3.51 0.82 5.61
C LYS A 16 -3.69 2.24 5.12
N GLU A 17 -3.84 3.17 6.03
CA GLU A 17 -3.94 4.55 5.64
C GLU A 17 -2.67 5.10 4.97
N GLN A 18 -1.47 4.54 5.31
CA GLN A 18 -0.24 5.07 4.73
C GLN A 18 -0.22 4.74 3.27
N LEU A 19 -0.53 3.51 3.02
CA LEU A 19 -0.57 2.94 1.73
C LEU A 19 -1.68 3.50 0.88
N THR A 20 -2.84 3.66 1.51
CA THR A 20 -4.00 4.19 0.84
C THR A 20 -3.72 5.57 0.29
N GLU A 21 -3.20 6.44 1.12
CA GLU A 21 -2.94 7.80 0.72
C GLU A 21 -1.89 7.84 -0.39
N SER A 22 -0.87 7.03 -0.22
CA SER A 22 0.26 6.98 -1.13
C SER A 22 -0.16 6.48 -2.50
N GLY A 23 -0.99 5.43 -2.51
CA GLY A 23 -1.50 4.89 -3.73
C GLY A 23 -2.39 5.86 -4.44
N LYS A 24 -3.11 6.63 -3.66
CA LYS A 24 -3.97 7.68 -4.18
C LYS A 24 -3.20 8.81 -4.84
N LYS A 25 -2.03 9.10 -4.33
CA LYS A 25 -1.20 10.13 -4.88
C LYS A 25 -0.55 9.67 -6.16
N ARG A 26 -0.14 8.42 -6.16
CA ARG A 26 0.54 7.86 -7.31
C ARG A 26 -0.45 7.47 -8.39
N GLY A 27 -1.46 6.76 -7.93
CA GLY A 27 -2.46 6.16 -8.77
C GLY A 27 -2.14 4.71 -8.92
N VAL A 28 -1.23 4.24 -8.10
CA VAL A 28 -0.73 2.91 -8.20
C VAL A 28 0.05 2.50 -6.96
N LEU A 29 0.04 1.21 -6.71
CA LEU A 29 0.80 0.58 -5.68
C LEU A 29 1.17 -0.81 -6.16
N THR A 30 2.40 -1.20 -6.03
CA THR A 30 2.79 -2.56 -6.33
C THR A 30 2.33 -3.49 -5.22
N TYR A 31 2.03 -4.75 -5.55
CA TYR A 31 1.63 -5.75 -4.55
C TYR A 31 2.69 -5.85 -3.44
N GLU A 32 3.95 -5.76 -3.80
CA GLU A 32 5.01 -5.94 -2.84
C GLU A 32 5.19 -4.74 -1.92
N GLU A 33 4.95 -3.52 -2.39
CA GLU A 33 5.16 -2.36 -1.52
C GLU A 33 4.03 -2.31 -0.50
N ILE A 34 2.92 -2.90 -0.89
CA ILE A 34 1.78 -3.02 -0.02
C ILE A 34 2.07 -4.06 1.04
N ALA A 35 2.66 -5.20 0.64
CA ALA A 35 2.98 -6.29 1.52
C ALA A 35 4.10 -5.92 2.46
N GLU A 36 4.96 -5.04 1.98
CA GLU A 36 6.17 -4.64 2.65
C GLU A 36 5.87 -4.00 3.98
N ARG A 37 4.86 -3.16 4.00
CA ARG A 37 4.48 -2.50 5.22
C ARG A 37 3.76 -3.48 6.14
N MET A 38 3.08 -4.44 5.52
CA MET A 38 2.25 -5.39 6.25
C MET A 38 3.07 -6.57 6.80
N SER A 39 4.35 -6.57 6.51
CA SER A 39 5.24 -7.62 6.97
C SER A 39 5.40 -7.58 8.49
N SER A 40 5.12 -6.42 9.05
CA SER A 40 5.16 -6.21 10.47
C SER A 40 4.03 -6.99 11.14
N PHE A 41 2.97 -7.18 10.39
CA PHE A 41 1.81 -7.92 10.85
C PHE A 41 1.83 -9.29 10.20
N GLU A 42 0.80 -10.05 10.41
CA GLU A 42 0.64 -11.33 9.79
C GLU A 42 -0.61 -11.29 8.95
N ILE A 43 -0.48 -10.72 7.76
CA ILE A 43 -1.60 -10.50 6.90
C ILE A 43 -1.67 -11.53 5.81
N GLU A 44 -2.76 -12.20 5.79
CA GLU A 44 -3.06 -13.23 4.83
C GLU A 44 -3.35 -12.64 3.49
N SER A 45 -3.29 -13.46 2.49
CA SER A 45 -3.55 -13.08 1.14
C SER A 45 -5.04 -12.73 0.96
N ASP A 46 -5.87 -13.25 1.86
CA ASP A 46 -7.30 -12.96 1.85
C ASP A 46 -7.50 -11.55 2.29
N GLN A 47 -6.84 -11.21 3.40
CA GLN A 47 -6.87 -9.88 3.96
C GLN A 47 -6.28 -8.88 2.98
N MET A 48 -5.19 -9.28 2.34
CA MET A 48 -4.56 -8.44 1.35
C MET A 48 -5.48 -8.16 0.18
N ASP A 49 -6.19 -9.17 -0.30
CA ASP A 49 -7.09 -9.02 -1.46
C ASP A 49 -8.23 -8.10 -1.10
N GLU A 50 -8.69 -8.22 0.13
CA GLU A 50 -9.72 -7.38 0.67
C GLU A 50 -9.26 -5.90 0.60
N TYR A 51 -8.02 -5.68 0.99
CA TYR A 51 -7.43 -4.36 0.94
C TYR A 51 -7.23 -3.94 -0.52
N TYR A 52 -6.89 -4.88 -1.40
CA TYR A 52 -6.68 -4.57 -2.82
C TYR A 52 -7.93 -4.02 -3.47
N GLU A 53 -9.08 -4.63 -3.16
CA GLU A 53 -10.36 -4.16 -3.66
C GLU A 53 -10.62 -2.77 -3.11
N PHE A 54 -10.34 -2.58 -1.82
CA PHE A 54 -10.51 -1.32 -1.16
C PHE A 54 -9.72 -0.21 -1.90
N LEU A 55 -8.45 -0.50 -2.14
CA LEU A 55 -7.57 0.43 -2.84
C LEU A 55 -8.11 0.76 -4.23
N GLY A 56 -8.58 -0.29 -4.91
CA GLY A 56 -9.14 -0.13 -6.24
C GLY A 56 -10.34 0.78 -6.24
N GLU A 57 -11.19 0.63 -5.23
CA GLU A 57 -12.36 1.44 -5.06
C GLU A 57 -12.00 2.91 -4.83
N GLN A 58 -10.89 3.15 -4.13
CA GLN A 58 -10.43 4.49 -3.83
C GLN A 58 -9.76 5.10 -5.08
N GLY A 59 -9.05 4.30 -5.81
CA GLY A 59 -8.47 4.75 -7.06
C GLY A 59 -7.00 4.43 -7.17
N VAL A 60 -6.65 3.19 -6.89
CA VAL A 60 -5.27 2.76 -6.94
C VAL A 60 -5.19 1.48 -7.75
N GLU A 61 -4.25 1.43 -8.66
CA GLU A 61 -4.00 0.22 -9.42
C GLU A 61 -2.94 -0.57 -8.72
N LEU A 62 -3.18 -1.83 -8.52
CA LEU A 62 -2.21 -2.66 -7.91
C LEU A 62 -1.40 -3.36 -8.98
N ILE A 63 -0.25 -2.81 -9.27
CA ILE A 63 0.61 -3.37 -10.29
C ILE A 63 1.52 -4.45 -9.73
N SER A 64 2.14 -5.16 -10.61
CA SER A 64 2.93 -6.30 -10.25
C SER A 64 4.42 -5.97 -10.12
N GLU A 65 4.76 -4.68 -10.02
CA GLU A 65 6.18 -4.17 -9.84
C GLU A 65 6.96 -4.29 -11.15
N ASN A 66 6.74 -5.36 -11.87
CA ASN A 66 7.37 -5.67 -13.15
C ASN A 66 6.76 -4.80 -14.28
N GLU A 67 5.88 -3.89 -13.90
CA GLU A 67 5.22 -3.02 -14.83
C GLU A 67 5.12 -1.65 -14.22
N GLU A 68 5.08 -0.65 -15.08
CA GLU A 68 4.85 0.77 -14.79
C GLU A 68 5.46 1.56 -15.96
N THR A 69 5.32 2.87 -15.94
CA THR A 69 5.93 3.71 -16.93
C THR A 69 6.83 4.76 -16.31
N GLU A 70 6.72 4.93 -15.02
CA GLU A 70 7.56 5.89 -14.32
C GLU A 70 8.99 5.42 -14.19
N ASP A 71 9.21 4.15 -14.43
CA ASP A 71 10.55 3.59 -14.43
C ASP A 71 11.18 3.79 -15.82
N LEU A 72 10.35 4.24 -16.73
CA LEU A 72 10.76 4.61 -18.07
C LEU A 72 11.05 6.08 -18.11
N GLU A 73 10.37 6.83 -17.26
CA GLU A 73 10.60 8.24 -17.08
C GLU A 73 12.00 8.44 -16.53
N HIS A 74 12.22 7.94 -15.33
CA HIS A 74 13.50 7.99 -14.68
C HIS A 74 13.44 7.00 -13.53
N HIS A 75 14.44 6.16 -13.37
CA HIS A 75 14.35 5.11 -12.37
C HIS A 75 15.00 5.53 -11.04
N HIS A 76 14.97 4.63 -10.09
CA HIS A 76 15.57 4.82 -8.79
C HIS A 76 15.91 3.46 -8.24
N ALA A 1 -9.27 6.40 18.95
CA ALA A 1 -8.28 5.85 18.04
C ALA A 1 -7.33 6.96 17.63
N ASP A 2 -6.08 6.76 17.86
CA ASP A 2 -5.06 7.74 17.53
C ASP A 2 -4.35 7.37 16.27
N LYS A 3 -3.66 8.33 15.71
CA LYS A 3 -2.91 8.09 14.53
C LYS A 3 -1.56 7.52 14.88
N GLN A 4 -1.51 6.20 14.88
CA GLN A 4 -0.33 5.35 15.10
C GLN A 4 0.31 5.53 16.47
N THR A 5 1.24 4.67 16.71
CA THR A 5 2.10 4.75 17.82
C THR A 5 3.20 5.71 17.44
N HIS A 6 3.71 6.47 18.39
CA HIS A 6 4.68 7.50 18.04
C HIS A 6 6.06 6.91 17.83
N GLU A 7 6.18 5.62 18.13
CA GLU A 7 7.38 4.87 17.89
C GLU A 7 7.52 4.63 16.40
N THR A 8 8.59 3.99 16.00
CA THR A 8 8.82 3.75 14.61
C THR A 8 8.10 2.46 14.15
N GLU A 9 6.79 2.52 14.24
CA GLU A 9 5.91 1.48 13.82
C GLU A 9 4.52 2.08 13.76
N LEU A 10 3.65 1.46 13.02
CA LEU A 10 2.32 1.95 12.88
C LEU A 10 1.39 0.79 13.13
N THR A 11 0.11 1.03 13.00
CA THR A 11 -0.86 -0.02 13.19
C THR A 11 -1.28 -0.51 11.82
N PHE A 12 -2.08 -1.55 11.78
CA PHE A 12 -2.55 -2.08 10.51
C PHE A 12 -3.43 -1.05 9.80
N ASP A 13 -4.19 -0.40 10.63
CA ASP A 13 -5.05 0.70 10.21
C ASP A 13 -4.24 1.87 9.69
N GLN A 14 -3.09 2.09 10.30
CA GLN A 14 -2.22 3.19 9.93
C GLN A 14 -1.49 2.90 8.66
N VAL A 15 -1.09 1.65 8.52
CA VAL A 15 -0.33 1.22 7.39
C VAL A 15 -1.25 1.21 6.21
N LYS A 16 -2.46 0.81 6.43
CA LYS A 16 -3.44 0.90 5.43
C LYS A 16 -3.58 2.32 4.96
N GLU A 17 -3.61 3.26 5.88
CA GLU A 17 -3.65 4.65 5.51
C GLU A 17 -2.42 5.10 4.72
N GLN A 18 -1.23 4.49 4.96
CA GLN A 18 -0.03 4.96 4.30
C GLN A 18 -0.10 4.60 2.86
N LEU A 19 -0.42 3.38 2.66
CA LEU A 19 -0.53 2.79 1.40
C LEU A 19 -1.65 3.41 0.61
N THR A 20 -2.74 3.66 1.29
CA THR A 20 -3.89 4.30 0.69
C THR A 20 -3.49 5.65 0.16
N GLU A 21 -2.87 6.44 0.99
CA GLU A 21 -2.51 7.82 0.67
C GLU A 21 -1.54 7.84 -0.52
N SER A 22 -0.58 6.97 -0.45
CA SER A 22 0.45 6.86 -1.45
C SER A 22 -0.12 6.40 -2.80
N GLY A 23 -0.96 5.37 -2.77
CA GLY A 23 -1.58 4.86 -3.97
C GLY A 23 -2.49 5.87 -4.62
N LYS A 24 -3.10 6.69 -3.79
CA LYS A 24 -3.97 7.74 -4.26
C LYS A 24 -3.26 8.78 -5.08
N LYS A 25 -2.04 9.07 -4.72
CA LYS A 25 -1.22 10.07 -5.39
C LYS A 25 -0.67 9.53 -6.67
N ARG A 26 -0.24 8.31 -6.60
CA ARG A 26 0.40 7.67 -7.75
C ARG A 26 -0.64 7.26 -8.76
N GLY A 27 -1.67 6.61 -8.23
CA GLY A 27 -2.71 6.02 -8.99
C GLY A 27 -2.50 4.53 -9.05
N VAL A 28 -1.48 4.08 -8.33
CA VAL A 28 -1.06 2.72 -8.41
C VAL A 28 -0.19 2.35 -7.21
N LEU A 29 -0.14 1.07 -6.92
CA LEU A 29 0.68 0.50 -5.87
C LEU A 29 1.13 -0.90 -6.28
N THR A 30 2.36 -1.27 -6.01
CA THR A 30 2.82 -2.62 -6.28
C THR A 30 2.28 -3.59 -5.24
N TYR A 31 1.90 -4.77 -5.71
CA TYR A 31 1.40 -5.86 -4.87
C TYR A 31 2.31 -6.17 -3.69
N GLU A 32 3.62 -6.10 -3.91
CA GLU A 32 4.53 -6.51 -2.88
C GLU A 32 4.86 -5.40 -1.88
N GLU A 33 4.76 -4.12 -2.26
CA GLU A 33 5.09 -3.08 -1.29
C GLU A 33 3.97 -3.00 -0.28
N ILE A 34 2.77 -3.31 -0.77
CA ILE A 34 1.59 -3.39 0.04
C ILE A 34 1.77 -4.50 1.05
N ALA A 35 2.28 -5.64 0.58
CA ALA A 35 2.51 -6.81 1.36
C ALA A 35 3.60 -6.56 2.38
N GLU A 36 4.65 -5.87 1.94
CA GLU A 36 5.83 -5.63 2.73
C GLU A 36 5.52 -4.89 4.01
N ARG A 37 4.74 -3.82 3.90
CA ARG A 37 4.39 -3.02 5.07
C ARG A 37 3.52 -3.86 6.00
N MET A 38 2.73 -4.74 5.40
CA MET A 38 1.82 -5.58 6.15
C MET A 38 2.52 -6.80 6.70
N SER A 39 3.78 -6.97 6.36
CA SER A 39 4.57 -8.08 6.85
C SER A 39 5.03 -7.79 8.29
N SER A 40 4.75 -6.58 8.75
CA SER A 40 4.98 -6.22 10.13
C SER A 40 3.90 -6.92 10.95
N PHE A 41 2.76 -7.09 10.31
CA PHE A 41 1.61 -7.75 10.87
C PHE A 41 1.54 -9.15 10.28
N GLU A 42 0.43 -9.81 10.43
CA GLU A 42 0.27 -11.15 9.91
C GLU A 42 -0.86 -11.13 8.89
N ILE A 43 -0.66 -10.42 7.81
CA ILE A 43 -1.69 -10.25 6.82
C ILE A 43 -1.45 -11.17 5.65
N GLU A 44 -2.34 -12.07 5.50
CA GLU A 44 -2.31 -13.05 4.45
C GLU A 44 -2.76 -12.44 3.14
N SER A 45 -2.55 -13.16 2.06
CA SER A 45 -2.95 -12.75 0.74
C SER A 45 -4.48 -12.61 0.68
N ASP A 46 -5.15 -13.42 1.50
CA ASP A 46 -6.61 -13.44 1.65
C ASP A 46 -7.09 -12.07 2.09
N GLN A 47 -6.39 -11.57 3.10
CA GLN A 47 -6.72 -10.31 3.72
C GLN A 47 -6.25 -9.16 2.86
N MET A 48 -5.11 -9.35 2.19
CA MET A 48 -4.59 -8.35 1.26
C MET A 48 -5.57 -8.10 0.15
N ASP A 49 -6.23 -9.15 -0.31
CA ASP A 49 -7.26 -9.07 -1.37
C ASP A 49 -8.36 -8.10 -1.00
N GLU A 50 -8.76 -8.17 0.25
CA GLU A 50 -9.80 -7.32 0.76
C GLU A 50 -9.34 -5.86 0.74
N TYR A 51 -8.08 -5.65 1.05
CA TYR A 51 -7.48 -4.33 0.99
C TYR A 51 -7.34 -3.89 -0.46
N TYR A 52 -7.05 -4.83 -1.36
CA TYR A 52 -6.89 -4.54 -2.78
C TYR A 52 -8.17 -3.99 -3.35
N GLU A 53 -9.28 -4.57 -2.91
CA GLU A 53 -10.58 -4.11 -3.32
C GLU A 53 -10.79 -2.69 -2.82
N PHE A 54 -10.47 -2.48 -1.55
CA PHE A 54 -10.59 -1.18 -0.93
C PHE A 54 -9.81 -0.12 -1.70
N LEU A 55 -8.56 -0.42 -2.00
CA LEU A 55 -7.70 0.47 -2.77
C LEU A 55 -8.29 0.78 -4.14
N GLY A 56 -8.81 -0.27 -4.76
CA GLY A 56 -9.47 -0.13 -6.05
C GLY A 56 -10.68 0.76 -5.95
N GLU A 57 -11.42 0.64 -4.85
CA GLU A 57 -12.56 1.46 -4.60
C GLU A 57 -12.16 2.93 -4.44
N GLN A 58 -10.97 3.17 -3.90
CA GLN A 58 -10.50 4.54 -3.69
C GLN A 58 -10.00 5.13 -4.99
N GLY A 59 -9.10 4.43 -5.63
CA GLY A 59 -8.58 4.88 -6.91
C GLY A 59 -7.14 4.50 -7.07
N VAL A 60 -6.85 3.24 -6.81
CA VAL A 60 -5.51 2.73 -6.91
C VAL A 60 -5.54 1.42 -7.66
N GLU A 61 -4.69 1.29 -8.61
CA GLU A 61 -4.51 0.04 -9.30
C GLU A 61 -3.35 -0.66 -8.69
N LEU A 62 -3.45 -1.93 -8.53
CA LEU A 62 -2.38 -2.65 -7.94
C LEU A 62 -1.54 -3.30 -9.02
N ILE A 63 -0.32 -2.83 -9.16
CA ILE A 63 0.59 -3.38 -10.12
C ILE A 63 1.44 -4.42 -9.53
N SER A 64 2.09 -5.08 -10.39
CA SER A 64 3.05 -6.01 -10.03
C SER A 64 4.31 -5.24 -9.64
N GLU A 65 5.11 -5.79 -8.78
CA GLU A 65 6.31 -5.12 -8.32
C GLU A 65 7.41 -5.27 -9.37
N ASN A 66 7.17 -6.19 -10.30
CA ASN A 66 8.04 -6.39 -11.46
C ASN A 66 8.01 -5.15 -12.37
N GLU A 67 6.98 -4.38 -12.21
CA GLU A 67 6.78 -3.16 -12.94
C GLU A 67 6.66 -2.04 -11.93
N GLU A 68 6.74 -0.80 -12.37
CA GLU A 68 6.60 0.38 -11.50
C GLU A 68 6.71 1.61 -12.40
N THR A 69 6.21 2.74 -11.99
CA THR A 69 6.21 3.90 -12.81
C THR A 69 7.05 5.03 -12.26
N GLU A 70 7.24 5.07 -11.00
CA GLU A 70 8.02 6.13 -10.42
C GLU A 70 9.44 5.68 -10.33
N ASP A 71 9.63 4.43 -10.61
CA ASP A 71 10.93 3.86 -10.55
C ASP A 71 11.53 3.85 -11.95
N LEU A 72 10.79 4.42 -12.89
CA LEU A 72 11.26 4.57 -14.25
C LEU A 72 12.08 5.83 -14.35
N GLU A 73 11.67 6.82 -13.61
CA GLU A 73 12.38 8.06 -13.53
C GLU A 73 12.95 8.22 -12.12
N HIS A 74 14.18 7.82 -11.97
CA HIS A 74 14.84 7.82 -10.68
C HIS A 74 15.17 9.19 -10.19
N HIS A 75 14.47 9.61 -9.18
CA HIS A 75 14.74 10.88 -8.54
C HIS A 75 15.44 10.63 -7.23
N HIS A 76 16.54 9.93 -7.31
CA HIS A 76 17.34 9.61 -6.14
C HIS A 76 18.66 10.34 -6.27
N ALA A 1 -10.46 7.40 9.88
CA ALA A 1 -9.29 8.01 9.26
C ALA A 1 -8.45 8.68 10.32
N ASP A 2 -7.28 8.14 10.56
CA ASP A 2 -6.37 8.66 11.57
C ASP A 2 -5.05 8.99 10.93
N LYS A 3 -4.53 8.02 10.17
CA LYS A 3 -3.25 8.12 9.41
C LYS A 3 -2.02 8.09 10.33
N GLN A 4 -2.26 7.92 11.64
CA GLN A 4 -1.22 7.85 12.69
C GLN A 4 -0.54 9.21 12.94
N THR A 5 -0.17 9.47 14.18
CA THR A 5 0.55 10.66 14.53
C THR A 5 2.05 10.43 14.34
N HIS A 6 2.50 10.69 13.12
CA HIS A 6 3.88 10.50 12.66
C HIS A 6 4.15 9.01 12.43
N GLU A 7 4.75 8.70 11.31
CA GLU A 7 4.99 7.34 10.90
C GLU A 7 6.12 6.72 11.72
N THR A 8 5.74 6.15 12.84
CA THR A 8 6.60 5.43 13.73
C THR A 8 5.79 4.27 14.30
N GLU A 9 5.82 3.15 13.57
CA GLU A 9 5.08 1.92 13.90
C GLU A 9 3.57 2.13 14.02
N LEU A 10 2.86 1.60 13.10
CA LEU A 10 1.48 1.89 12.99
C LEU A 10 0.66 0.64 13.16
N THR A 11 -0.65 0.76 13.06
CA THR A 11 -1.51 -0.38 13.16
C THR A 11 -1.89 -0.81 11.77
N PHE A 12 -2.66 -1.87 11.65
CA PHE A 12 -3.06 -2.35 10.35
C PHE A 12 -3.94 -1.30 9.64
N ASP A 13 -4.74 -0.66 10.48
CA ASP A 13 -5.58 0.47 10.06
C ASP A 13 -4.78 1.65 9.62
N GLN A 14 -3.72 1.93 10.34
CA GLN A 14 -2.91 3.09 10.06
C GLN A 14 -2.08 2.84 8.80
N VAL A 15 -1.62 1.60 8.65
CA VAL A 15 -0.77 1.20 7.55
C VAL A 15 -1.60 1.20 6.31
N LYS A 16 -2.82 0.77 6.45
CA LYS A 16 -3.73 0.82 5.38
C LYS A 16 -3.82 2.24 4.88
N GLU A 17 -3.97 3.18 5.79
CA GLU A 17 -4.00 4.56 5.40
C GLU A 17 -2.68 5.09 4.80
N GLN A 18 -1.50 4.49 5.14
CA GLN A 18 -0.23 4.99 4.61
C GLN A 18 -0.16 4.65 3.15
N LEU A 19 -0.42 3.41 2.90
CA LEU A 19 -0.38 2.83 1.61
C LEU A 19 -1.45 3.40 0.72
N THR A 20 -2.61 3.60 1.30
CA THR A 20 -3.72 4.18 0.58
C THR A 20 -3.37 5.54 0.06
N GLU A 21 -2.85 6.36 0.94
CA GLU A 21 -2.55 7.74 0.63
C GLU A 21 -1.48 7.80 -0.47
N SER A 22 -0.51 6.92 -0.35
CA SER A 22 0.58 6.83 -1.30
C SER A 22 0.05 6.46 -2.70
N GLY A 23 -0.80 5.45 -2.73
CA GLY A 23 -1.40 5.00 -3.97
C GLY A 23 -2.28 6.06 -4.58
N LYS A 24 -2.94 6.81 -3.72
CA LYS A 24 -3.82 7.90 -4.13
C LYS A 24 -3.08 9.01 -4.86
N LYS A 25 -1.87 9.26 -4.42
CA LYS A 25 -1.04 10.29 -5.00
C LYS A 25 -0.49 9.86 -6.34
N ARG A 26 -0.12 8.60 -6.42
CA ARG A 26 0.51 8.07 -7.62
C ARG A 26 -0.52 7.65 -8.65
N GLY A 27 -1.41 6.79 -8.19
CA GLY A 27 -2.41 6.18 -8.99
C GLY A 27 -2.21 4.70 -9.02
N VAL A 28 -1.12 4.26 -8.42
CA VAL A 28 -0.74 2.88 -8.46
C VAL A 28 0.15 2.51 -7.28
N LEU A 29 0.17 1.24 -6.97
CA LEU A 29 0.99 0.65 -5.95
C LEU A 29 1.40 -0.74 -6.40
N THR A 30 2.62 -1.16 -6.13
CA THR A 30 3.01 -2.53 -6.36
C THR A 30 2.51 -3.41 -5.20
N TYR A 31 2.11 -4.62 -5.49
CA TYR A 31 1.64 -5.56 -4.47
C TYR A 31 2.69 -5.79 -3.41
N GLU A 32 3.94 -5.80 -3.83
CA GLU A 32 5.00 -6.14 -2.94
C GLU A 32 5.36 -4.98 -2.01
N GLU A 33 5.07 -3.74 -2.39
CA GLU A 33 5.34 -2.63 -1.48
C GLU A 33 4.21 -2.56 -0.47
N ILE A 34 3.05 -3.00 -0.91
CA ILE A 34 1.89 -3.09 -0.06
C ILE A 34 2.14 -4.17 0.97
N ALA A 35 2.74 -5.28 0.53
CA ALA A 35 3.07 -6.40 1.37
C ALA A 35 4.13 -6.03 2.39
N GLU A 36 5.00 -5.08 1.99
CA GLU A 36 6.13 -4.66 2.79
C GLU A 36 5.71 -4.09 4.12
N ARG A 37 4.79 -3.16 4.08
CA ARG A 37 4.32 -2.50 5.28
C ARG A 37 3.51 -3.49 6.11
N MET A 38 2.87 -4.42 5.43
CA MET A 38 2.03 -5.40 6.08
C MET A 38 2.86 -6.53 6.66
N SER A 39 4.16 -6.48 6.41
CA SER A 39 5.08 -7.47 6.94
C SER A 39 5.40 -7.13 8.40
N SER A 40 4.88 -6.00 8.86
CA SER A 40 4.95 -5.63 10.25
C SER A 40 3.96 -6.52 10.99
N PHE A 41 2.93 -6.90 10.26
CA PHE A 41 1.86 -7.73 10.74
C PHE A 41 1.99 -9.07 10.05
N GLU A 42 1.00 -9.89 10.19
CA GLU A 42 0.93 -11.13 9.49
C GLU A 42 -0.40 -11.17 8.74
N ILE A 43 -0.35 -10.68 7.54
CA ILE A 43 -1.52 -10.54 6.70
C ILE A 43 -1.45 -11.57 5.58
N GLU A 44 -2.55 -12.28 5.42
CA GLU A 44 -2.69 -13.32 4.40
C GLU A 44 -2.89 -12.68 3.04
N SER A 45 -2.78 -13.47 2.01
CA SER A 45 -3.02 -13.02 0.66
C SER A 45 -4.52 -12.66 0.50
N ASP A 46 -5.37 -13.39 1.24
CA ASP A 46 -6.83 -13.15 1.21
C ASP A 46 -7.09 -11.81 1.85
N GLN A 47 -6.41 -11.59 2.98
CA GLN A 47 -6.51 -10.36 3.72
C GLN A 47 -6.00 -9.19 2.89
N MET A 48 -4.95 -9.45 2.13
CA MET A 48 -4.41 -8.47 1.21
C MET A 48 -5.39 -8.10 0.11
N ASP A 49 -6.08 -9.10 -0.44
CA ASP A 49 -7.07 -8.89 -1.52
C ASP A 49 -8.17 -7.98 -1.05
N GLU A 50 -8.54 -8.12 0.22
CA GLU A 50 -9.54 -7.26 0.83
C GLU A 50 -9.10 -5.79 0.70
N TYR A 51 -7.85 -5.56 1.05
CA TYR A 51 -7.29 -4.23 0.99
C TYR A 51 -7.14 -3.78 -0.46
N TYR A 52 -6.85 -4.70 -1.37
CA TYR A 52 -6.69 -4.38 -2.78
C TYR A 52 -7.98 -3.83 -3.36
N GLU A 53 -9.10 -4.45 -2.99
CA GLU A 53 -10.43 -4.01 -3.40
C GLU A 53 -10.69 -2.61 -2.86
N PHE A 54 -10.31 -2.42 -1.60
CA PHE A 54 -10.46 -1.14 -0.94
C PHE A 54 -9.69 -0.06 -1.71
N LEU A 55 -8.44 -0.34 -2.01
CA LEU A 55 -7.59 0.57 -2.77
C LEU A 55 -8.20 0.91 -4.12
N GLY A 56 -8.73 -0.13 -4.75
CA GLY A 56 -9.38 0.02 -6.04
C GLY A 56 -10.57 0.94 -5.95
N GLU A 57 -11.35 0.84 -4.86
CA GLU A 57 -12.47 1.69 -4.62
C GLU A 57 -12.05 3.14 -4.49
N GLN A 58 -10.91 3.37 -3.85
CA GLN A 58 -10.42 4.71 -3.60
C GLN A 58 -9.85 5.30 -4.89
N GLY A 59 -8.99 4.55 -5.54
CA GLY A 59 -8.45 5.00 -6.81
C GLY A 59 -6.99 4.68 -6.94
N VAL A 60 -6.67 3.42 -6.80
CA VAL A 60 -5.29 2.94 -6.89
C VAL A 60 -5.28 1.64 -7.67
N GLU A 61 -4.45 1.58 -8.66
CA GLU A 61 -4.26 0.36 -9.41
C GLU A 61 -3.14 -0.41 -8.76
N LEU A 62 -3.29 -1.69 -8.61
CA LEU A 62 -2.27 -2.46 -8.01
C LEU A 62 -1.51 -3.26 -9.04
N ILE A 63 -0.26 -2.89 -9.23
CA ILE A 63 0.61 -3.63 -10.12
C ILE A 63 1.41 -4.64 -9.31
N SER A 64 2.16 -5.47 -9.98
CA SER A 64 2.95 -6.48 -9.33
C SER A 64 4.17 -5.87 -8.60
N GLU A 65 5.26 -5.81 -9.33
CA GLU A 65 6.55 -5.20 -8.95
C GLU A 65 7.58 -5.77 -9.90
N ASN A 66 7.16 -6.83 -10.63
CA ASN A 66 7.90 -7.37 -11.78
C ASN A 66 7.65 -6.38 -12.96
N GLU A 67 6.86 -5.41 -12.67
CA GLU A 67 6.50 -4.36 -13.54
C GLU A 67 6.50 -3.11 -12.72
N GLU A 68 6.67 -2.01 -13.34
CA GLU A 68 6.65 -0.74 -12.68
C GLU A 68 6.24 0.23 -13.72
N THR A 69 5.17 0.86 -13.46
CA THR A 69 4.55 1.72 -14.43
C THR A 69 4.21 3.09 -13.86
N GLU A 70 4.85 3.44 -12.78
CA GLU A 70 4.63 4.72 -12.19
C GLU A 70 5.72 5.67 -12.69
N ASP A 71 6.77 5.10 -13.23
CA ASP A 71 7.85 5.87 -13.84
C ASP A 71 8.17 5.29 -15.20
N LEU A 72 7.45 5.75 -16.21
CA LEU A 72 7.66 5.29 -17.58
C LEU A 72 8.08 6.45 -18.45
N GLU A 73 8.34 7.55 -17.81
CA GLU A 73 8.67 8.79 -18.48
C GLU A 73 10.17 8.95 -18.56
N HIS A 74 10.68 9.12 -19.77
CA HIS A 74 12.10 9.31 -20.00
C HIS A 74 12.40 10.80 -20.01
N HIS A 75 13.01 11.27 -18.96
CA HIS A 75 13.28 12.69 -18.81
C HIS A 75 14.71 12.93 -18.34
N HIS A 76 15.31 13.99 -18.80
CA HIS A 76 16.68 14.31 -18.44
C HIS A 76 16.73 15.29 -17.28
N ALA A 1 -4.99 11.95 10.00
CA ALA A 1 -5.63 10.67 10.27
C ALA A 1 -4.75 9.77 11.15
N ASP A 2 -3.69 10.33 11.71
CA ASP A 2 -2.79 9.55 12.54
C ASP A 2 -3.27 9.43 13.95
N LYS A 3 -3.48 8.22 14.33
CA LYS A 3 -3.83 7.87 15.68
C LYS A 3 -2.95 6.72 16.14
N GLN A 4 -1.81 6.58 15.46
CA GLN A 4 -0.82 5.58 15.80
C GLN A 4 -0.15 5.98 17.10
N THR A 5 0.54 5.06 17.69
CA THR A 5 1.26 5.33 18.88
C THR A 5 2.54 6.10 18.54
N HIS A 6 3.06 6.84 19.48
CA HIS A 6 4.26 7.61 19.21
C HIS A 6 5.49 6.73 19.26
N GLU A 7 5.83 6.24 18.08
CA GLU A 7 6.94 5.39 17.81
C GLU A 7 6.97 5.18 16.31
N THR A 8 7.89 4.38 15.80
CA THR A 8 8.00 4.17 14.36
C THR A 8 7.08 3.01 13.90
N GLU A 9 6.37 2.50 14.85
CA GLU A 9 5.47 1.39 14.65
C GLU A 9 4.07 1.91 14.48
N LEU A 10 3.31 1.27 13.62
CA LEU A 10 1.97 1.70 13.37
C LEU A 10 1.06 0.50 13.46
N THR A 11 -0.20 0.74 13.28
CA THR A 11 -1.19 -0.29 13.36
C THR A 11 -1.59 -0.71 11.95
N PHE A 12 -2.37 -1.77 11.84
CA PHE A 12 -2.82 -2.26 10.54
C PHE A 12 -3.65 -1.18 9.83
N ASP A 13 -4.41 -0.50 10.65
CA ASP A 13 -5.21 0.65 10.21
C ASP A 13 -4.35 1.78 9.72
N GLN A 14 -3.25 1.98 10.40
CA GLN A 14 -2.32 3.05 10.10
C GLN A 14 -1.55 2.74 8.85
N VAL A 15 -1.21 1.50 8.70
CA VAL A 15 -0.45 1.07 7.60
C VAL A 15 -1.30 1.09 6.36
N LYS A 16 -2.53 0.70 6.52
CA LYS A 16 -3.49 0.82 5.47
C LYS A 16 -3.58 2.27 5.04
N GLU A 17 -3.74 3.14 5.99
CA GLU A 17 -3.80 4.55 5.69
C GLU A 17 -2.51 5.10 5.06
N GLN A 18 -1.32 4.48 5.32
CA GLN A 18 -0.10 4.97 4.74
C GLN A 18 -0.11 4.68 3.27
N LEU A 19 -0.36 3.45 3.00
CA LEU A 19 -0.38 2.88 1.70
C LEU A 19 -1.49 3.43 0.85
N THR A 20 -2.61 3.70 1.50
CA THR A 20 -3.75 4.29 0.84
C THR A 20 -3.35 5.62 0.22
N GLU A 21 -2.73 6.45 1.03
CA GLU A 21 -2.39 7.82 0.63
C GLU A 21 -1.41 7.80 -0.54
N SER A 22 -0.46 6.92 -0.45
CA SER A 22 0.60 6.79 -1.44
C SER A 22 0.04 6.38 -2.78
N GLY A 23 -0.83 5.38 -2.76
CA GLY A 23 -1.45 4.89 -3.97
C GLY A 23 -2.34 5.93 -4.57
N LYS A 24 -2.97 6.69 -3.72
CA LYS A 24 -3.83 7.76 -4.14
C LYS A 24 -3.09 8.85 -4.86
N LYS A 25 -1.86 9.10 -4.46
CA LYS A 25 -1.05 10.11 -5.07
C LYS A 25 -0.49 9.66 -6.41
N ARG A 26 -0.15 8.40 -6.48
CA ARG A 26 0.49 7.85 -7.68
C ARG A 26 -0.54 7.41 -8.70
N GLY A 27 -1.53 6.70 -8.19
CA GLY A 27 -2.54 6.09 -9.00
C GLY A 27 -2.27 4.62 -9.09
N VAL A 28 -1.27 4.18 -8.36
CA VAL A 28 -0.80 2.84 -8.43
C VAL A 28 0.03 2.50 -7.22
N LEU A 29 0.09 1.23 -6.93
CA LEU A 29 0.92 0.67 -5.90
C LEU A 29 1.28 -0.72 -6.31
N THR A 30 2.48 -1.16 -6.06
CA THR A 30 2.78 -2.56 -6.27
C THR A 30 2.12 -3.40 -5.18
N TYR A 31 1.58 -4.55 -5.56
CA TYR A 31 0.95 -5.49 -4.61
C TYR A 31 1.89 -5.78 -3.44
N GLU A 32 3.14 -5.94 -3.75
CA GLU A 32 4.10 -6.37 -2.79
C GLU A 32 4.64 -5.25 -1.88
N GLU A 33 4.64 -3.97 -2.33
CA GLU A 33 5.11 -2.91 -1.42
C GLU A 33 4.07 -2.72 -0.35
N ILE A 34 2.85 -3.06 -0.71
CA ILE A 34 1.73 -3.07 0.17
C ILE A 34 1.94 -4.14 1.22
N ALA A 35 2.39 -5.32 0.78
CA ALA A 35 2.64 -6.46 1.62
C ALA A 35 3.79 -6.22 2.57
N GLU A 36 4.73 -5.38 2.12
CA GLU A 36 5.96 -5.10 2.84
C GLU A 36 5.67 -4.51 4.19
N ARG A 37 4.86 -3.48 4.20
CA ARG A 37 4.48 -2.81 5.42
C ARG A 37 3.59 -3.71 6.27
N MET A 38 2.90 -4.64 5.62
CA MET A 38 1.98 -5.53 6.30
C MET A 38 2.67 -6.74 6.91
N SER A 39 3.97 -6.92 6.66
CA SER A 39 4.72 -8.03 7.25
C SER A 39 4.71 -7.91 8.77
N SER A 40 4.60 -6.68 9.23
CA SER A 40 4.52 -6.32 10.61
C SER A 40 3.31 -6.98 11.28
N PHE A 41 2.25 -7.19 10.51
CA PHE A 41 1.00 -7.76 11.01
C PHE A 41 0.78 -9.17 10.49
N GLU A 42 1.67 -9.59 9.58
CA GLU A 42 1.62 -10.91 8.93
C GLU A 42 0.32 -11.08 8.15
N ILE A 43 -0.10 -10.00 7.49
CA ILE A 43 -1.35 -9.99 6.70
C ILE A 43 -1.26 -10.96 5.55
N GLU A 44 -2.23 -11.82 5.48
CA GLU A 44 -2.31 -12.88 4.49
C GLU A 44 -2.72 -12.33 3.15
N SER A 45 -2.43 -13.08 2.12
CA SER A 45 -2.77 -12.73 0.75
C SER A 45 -4.29 -12.50 0.59
N ASP A 46 -5.08 -13.27 1.33
CA ASP A 46 -6.54 -13.15 1.31
C ASP A 46 -6.94 -11.79 1.83
N GLN A 47 -6.38 -11.44 2.97
CA GLN A 47 -6.65 -10.17 3.62
C GLN A 47 -6.15 -9.03 2.74
N MET A 48 -5.02 -9.27 2.10
CA MET A 48 -4.44 -8.32 1.17
C MET A 48 -5.39 -8.01 0.03
N ASP A 49 -6.06 -9.04 -0.52
CA ASP A 49 -7.03 -8.85 -1.63
C ASP A 49 -8.16 -7.96 -1.20
N GLU A 50 -8.58 -8.14 0.04
CA GLU A 50 -9.62 -7.32 0.62
C GLU A 50 -9.16 -5.85 0.65
N TYR A 51 -7.90 -5.63 0.96
CA TYR A 51 -7.33 -4.30 0.93
C TYR A 51 -7.17 -3.81 -0.51
N TYR A 52 -6.83 -4.70 -1.43
CA TYR A 52 -6.64 -4.33 -2.84
C TYR A 52 -7.93 -3.82 -3.44
N GLU A 53 -9.00 -4.52 -3.11
CA GLU A 53 -10.34 -4.18 -3.54
C GLU A 53 -10.73 -2.81 -2.97
N PHE A 54 -10.34 -2.57 -1.74
CA PHE A 54 -10.55 -1.30 -1.08
C PHE A 54 -9.83 -0.19 -1.86
N LEU A 55 -8.55 -0.40 -2.13
CA LEU A 55 -7.72 0.54 -2.85
C LEU A 55 -8.29 0.87 -4.22
N GLY A 56 -8.80 -0.17 -4.88
CA GLY A 56 -9.44 -0.01 -6.18
C GLY A 56 -10.63 0.92 -6.11
N GLU A 57 -11.42 0.78 -5.05
CA GLU A 57 -12.56 1.62 -4.84
C GLU A 57 -12.17 3.08 -4.60
N GLN A 58 -10.99 3.29 -3.99
CA GLN A 58 -10.49 4.63 -3.73
C GLN A 58 -9.90 5.20 -5.02
N GLY A 59 -9.09 4.42 -5.69
CA GLY A 59 -8.55 4.83 -6.97
C GLY A 59 -7.09 4.49 -7.12
N VAL A 60 -6.74 3.25 -6.86
CA VAL A 60 -5.36 2.80 -6.97
C VAL A 60 -5.33 1.50 -7.73
N GLU A 61 -4.52 1.45 -8.75
CA GLU A 61 -4.28 0.21 -9.44
C GLU A 61 -3.12 -0.48 -8.78
N LEU A 62 -3.20 -1.76 -8.64
CA LEU A 62 -2.12 -2.45 -8.04
C LEU A 62 -1.29 -3.16 -9.09
N ILE A 63 -0.04 -2.76 -9.19
CA ILE A 63 0.88 -3.43 -10.09
C ILE A 63 1.56 -4.57 -9.43
N SER A 64 2.14 -5.34 -10.24
CA SER A 64 2.73 -6.57 -9.87
C SER A 64 4.18 -6.52 -9.37
N GLU A 65 4.78 -5.32 -9.31
CA GLU A 65 6.19 -5.12 -8.79
C GLU A 65 7.20 -5.58 -9.84
N ASN A 66 6.94 -6.76 -10.42
CA ASN A 66 7.70 -7.30 -11.54
C ASN A 66 7.66 -6.27 -12.65
N GLU A 67 6.51 -5.69 -12.75
CA GLU A 67 6.29 -4.61 -13.61
C GLU A 67 6.15 -3.37 -12.75
N GLU A 68 6.64 -2.32 -13.24
CA GLU A 68 6.62 -1.04 -12.57
C GLU A 68 7.02 -0.02 -13.58
N THR A 69 6.17 0.89 -13.78
CA THR A 69 6.34 1.94 -14.75
C THR A 69 5.77 3.24 -14.22
N GLU A 70 5.83 3.42 -12.92
CA GLU A 70 5.33 4.64 -12.31
C GLU A 70 6.42 5.68 -12.41
N ASP A 71 7.63 5.19 -12.56
CA ASP A 71 8.80 5.99 -12.74
C ASP A 71 9.73 5.33 -13.71
N LEU A 72 10.06 6.02 -14.76
CA LEU A 72 11.04 5.54 -15.71
C LEU A 72 12.13 6.60 -15.83
N GLU A 73 12.09 7.59 -14.95
CA GLU A 73 13.00 8.73 -15.01
C GLU A 73 14.09 8.56 -13.96
N HIS A 74 13.88 7.61 -13.05
CA HIS A 74 14.70 7.42 -11.85
C HIS A 74 14.44 8.60 -10.94
N HIS A 75 13.23 8.62 -10.47
CA HIS A 75 12.69 9.70 -9.69
C HIS A 75 13.20 9.68 -8.25
N HIS A 76 13.58 10.83 -7.79
CA HIS A 76 14.02 11.04 -6.44
C HIS A 76 13.77 12.50 -6.13
N ALA A 1 -6.55 7.28 11.19
CA ALA A 1 -5.66 8.28 11.74
C ALA A 1 -6.05 8.57 13.16
N ASP A 2 -5.35 7.96 14.09
CA ASP A 2 -5.63 8.13 15.51
C ASP A 2 -4.43 7.76 16.36
N LYS A 3 -3.50 7.04 15.75
CA LYS A 3 -2.26 6.64 16.38
C LYS A 3 -1.15 6.93 15.38
N GLN A 4 0.08 6.55 15.69
CA GLN A 4 1.24 6.78 14.83
C GLN A 4 1.54 8.26 14.69
N THR A 5 2.22 8.76 15.69
CA THR A 5 2.67 10.12 15.72
C THR A 5 4.18 10.14 15.94
N HIS A 6 4.87 9.59 14.96
CA HIS A 6 6.33 9.41 14.93
C HIS A 6 6.85 8.21 15.75
N GLU A 7 5.94 7.34 16.20
CA GLU A 7 6.39 6.09 16.86
C GLU A 7 6.95 5.16 15.80
N THR A 8 7.65 4.16 16.21
CA THR A 8 8.17 3.20 15.31
C THR A 8 7.12 2.11 15.18
N GLU A 9 6.73 1.91 13.96
CA GLU A 9 5.69 1.01 13.55
C GLU A 9 4.31 1.53 13.82
N LEU A 10 3.46 1.27 12.89
CA LEU A 10 2.16 1.82 12.84
C LEU A 10 1.14 0.73 13.11
N THR A 11 -0.11 1.05 12.96
CA THR A 11 -1.13 0.07 13.14
C THR A 11 -1.55 -0.44 11.79
N PHE A 12 -2.39 -1.45 11.77
CA PHE A 12 -2.86 -2.01 10.53
C PHE A 12 -3.66 -0.98 9.75
N ASP A 13 -4.43 -0.25 10.53
CA ASP A 13 -5.21 0.86 10.02
C ASP A 13 -4.35 2.02 9.57
N GLN A 14 -3.24 2.22 10.26
CA GLN A 14 -2.34 3.31 9.91
C GLN A 14 -1.59 2.95 8.64
N VAL A 15 -1.26 1.67 8.52
CA VAL A 15 -0.50 1.19 7.39
C VAL A 15 -1.40 1.19 6.21
N LYS A 16 -2.63 0.80 6.41
CA LYS A 16 -3.61 0.93 5.40
C LYS A 16 -3.68 2.38 4.92
N GLU A 17 -3.79 3.32 5.84
CA GLU A 17 -3.79 4.73 5.47
C GLU A 17 -2.47 5.17 4.79
N GLN A 18 -1.34 4.51 5.10
CA GLN A 18 -0.06 4.83 4.56
C GLN A 18 -0.09 4.47 3.11
N LEU A 19 -0.37 3.24 2.89
CA LEU A 19 -0.43 2.68 1.60
C LEU A 19 -1.52 3.30 0.76
N THR A 20 -2.67 3.50 1.37
CA THR A 20 -3.79 4.10 0.71
C THR A 20 -3.45 5.49 0.21
N GLU A 21 -2.94 6.33 1.10
CA GLU A 21 -2.69 7.72 0.76
C GLU A 21 -1.61 7.82 -0.33
N SER A 22 -0.64 6.96 -0.20
CA SER A 22 0.46 6.88 -1.15
C SER A 22 -0.05 6.44 -2.53
N GLY A 23 -0.86 5.40 -2.54
CA GLY A 23 -1.46 4.90 -3.76
C GLY A 23 -2.33 5.92 -4.42
N LYS A 24 -2.97 6.72 -3.59
CA LYS A 24 -3.83 7.81 -4.06
C LYS A 24 -3.05 8.91 -4.77
N LYS A 25 -1.82 9.10 -4.39
CA LYS A 25 -0.96 10.09 -5.01
C LYS A 25 -0.48 9.56 -6.33
N ARG A 26 -0.04 8.32 -6.28
CA ARG A 26 0.60 7.69 -7.42
C ARG A 26 -0.42 7.27 -8.47
N GLY A 27 -1.44 6.62 -7.96
CA GLY A 27 -2.45 6.02 -8.76
C GLY A 27 -2.21 4.55 -8.84
N VAL A 28 -1.23 4.11 -8.08
CA VAL A 28 -0.76 2.77 -8.17
C VAL A 28 -0.01 2.34 -6.92
N LEU A 29 0.03 1.05 -6.71
CA LEU A 29 0.77 0.41 -5.66
C LEU A 29 1.16 -0.99 -6.14
N THR A 30 2.36 -1.40 -5.91
CA THR A 30 2.76 -2.76 -6.20
C THR A 30 2.31 -3.70 -5.09
N TYR A 31 1.93 -4.92 -5.44
CA TYR A 31 1.51 -5.93 -4.44
C TYR A 31 2.62 -6.15 -3.40
N GLU A 32 3.87 -6.14 -3.87
CA GLU A 32 5.02 -6.37 -3.02
C GLU A 32 5.16 -5.32 -1.92
N GLU A 33 4.90 -4.05 -2.25
CA GLU A 33 5.10 -2.98 -1.27
C GLU A 33 3.95 -2.97 -0.28
N ILE A 34 2.80 -3.43 -0.76
CA ILE A 34 1.63 -3.53 0.04
C ILE A 34 1.83 -4.59 1.12
N ALA A 35 2.33 -5.77 0.71
CA ALA A 35 2.58 -6.88 1.59
C ALA A 35 3.71 -6.55 2.55
N GLU A 36 4.62 -5.69 2.07
CA GLU A 36 5.83 -5.31 2.75
C GLU A 36 5.53 -4.68 4.08
N ARG A 37 4.72 -3.65 4.06
CA ARG A 37 4.39 -2.91 5.26
C ARG A 37 3.47 -3.72 6.16
N MET A 38 2.79 -4.69 5.57
CA MET A 38 1.88 -5.54 6.32
C MET A 38 2.60 -6.71 6.97
N SER A 39 3.87 -6.90 6.67
CA SER A 39 4.63 -8.04 7.17
C SER A 39 4.80 -8.00 8.69
N SER A 40 4.68 -6.82 9.27
CA SER A 40 4.71 -6.64 10.70
C SER A 40 3.49 -7.33 11.33
N PHE A 41 2.37 -7.25 10.63
CA PHE A 41 1.12 -7.80 11.13
C PHE A 41 0.97 -9.23 10.66
N GLU A 42 1.64 -9.54 9.55
CA GLU A 42 1.61 -10.84 8.90
C GLU A 42 0.23 -11.09 8.31
N ILE A 43 -0.10 -10.22 7.38
CA ILE A 43 -1.38 -10.23 6.70
C ILE A 43 -1.28 -11.17 5.50
N GLU A 44 -2.22 -12.06 5.43
CA GLU A 44 -2.29 -13.06 4.39
C GLU A 44 -2.87 -12.51 3.12
N SER A 45 -2.76 -13.27 2.05
CA SER A 45 -3.27 -12.89 0.76
C SER A 45 -4.80 -12.70 0.83
N ASP A 46 -5.45 -13.53 1.66
CA ASP A 46 -6.89 -13.45 1.90
C ASP A 46 -7.29 -12.07 2.37
N GLN A 47 -6.55 -11.61 3.34
CA GLN A 47 -6.78 -10.35 3.97
C GLN A 47 -6.37 -9.21 3.03
N MET A 48 -5.25 -9.43 2.34
CA MET A 48 -4.72 -8.45 1.39
C MET A 48 -5.68 -8.21 0.25
N ASP A 49 -6.33 -9.28 -0.20
CA ASP A 49 -7.33 -9.25 -1.29
C ASP A 49 -8.39 -8.21 -1.05
N GLU A 50 -8.94 -8.21 0.15
CA GLU A 50 -9.96 -7.26 0.51
C GLU A 50 -9.43 -5.85 0.55
N TYR A 51 -8.17 -5.71 0.94
CA TYR A 51 -7.51 -4.42 0.95
C TYR A 51 -7.26 -3.97 -0.49
N TYR A 52 -6.92 -4.91 -1.39
CA TYR A 52 -6.67 -4.59 -2.80
C TYR A 52 -7.91 -4.02 -3.41
N GLU A 53 -9.00 -4.67 -3.09
CA GLU A 53 -10.32 -4.29 -3.53
C GLU A 53 -10.66 -2.91 -2.98
N PHE A 54 -10.33 -2.69 -1.71
CA PHE A 54 -10.53 -1.41 -1.06
C PHE A 54 -9.75 -0.31 -1.79
N LEU A 55 -8.47 -0.56 -2.02
CA LEU A 55 -7.59 0.36 -2.73
C LEU A 55 -8.13 0.71 -4.11
N GLY A 56 -8.61 -0.33 -4.79
CA GLY A 56 -9.20 -0.17 -6.10
C GLY A 56 -10.40 0.74 -6.07
N GLU A 57 -11.20 0.62 -5.01
CA GLU A 57 -12.36 1.45 -4.81
C GLU A 57 -11.97 2.92 -4.62
N GLN A 58 -10.82 3.14 -3.98
CA GLN A 58 -10.35 4.49 -3.70
C GLN A 58 -9.78 5.08 -4.97
N GLY A 59 -8.96 4.32 -5.64
CA GLY A 59 -8.40 4.75 -6.90
C GLY A 59 -6.95 4.40 -7.00
N VAL A 60 -6.64 3.16 -6.73
CA VAL A 60 -5.27 2.68 -6.79
C VAL A 60 -5.24 1.39 -7.57
N GLU A 61 -4.40 1.34 -8.55
CA GLU A 61 -4.19 0.15 -9.31
C GLU A 61 -3.06 -0.63 -8.72
N LEU A 62 -3.26 -1.90 -8.47
CA LEU A 62 -2.22 -2.68 -7.89
C LEU A 62 -1.39 -3.35 -8.97
N ILE A 63 -0.19 -2.89 -9.14
CA ILE A 63 0.70 -3.47 -10.13
C ILE A 63 1.56 -4.58 -9.55
N SER A 64 2.09 -5.38 -10.44
CA SER A 64 2.79 -6.62 -10.14
C SER A 64 4.23 -6.43 -9.66
N GLU A 65 4.69 -5.18 -9.55
CA GLU A 65 6.09 -4.83 -9.14
C GLU A 65 7.05 -5.03 -10.30
N ASN A 66 6.87 -6.11 -11.05
CA ASN A 66 7.66 -6.38 -12.27
C ASN A 66 7.36 -5.34 -13.33
N GLU A 67 6.25 -4.68 -13.14
CA GLU A 67 5.82 -3.62 -13.98
C GLU A 67 5.81 -2.37 -13.13
N GLU A 68 6.01 -1.25 -13.74
CA GLU A 68 5.99 0.00 -13.05
C GLU A 68 5.72 1.13 -14.02
N THR A 69 5.38 2.28 -13.50
CA THR A 69 5.12 3.47 -14.30
C THR A 69 5.83 4.63 -13.64
N GLU A 70 6.90 4.32 -12.97
CA GLU A 70 7.55 5.29 -12.09
C GLU A 70 8.74 5.87 -12.79
N ASP A 71 9.05 5.32 -13.94
CA ASP A 71 10.20 5.79 -14.69
C ASP A 71 9.77 6.90 -15.63
N LEU A 72 8.50 7.20 -15.61
CA LEU A 72 7.93 8.20 -16.48
C LEU A 72 8.32 9.59 -16.00
N GLU A 73 8.35 9.75 -14.70
CA GLU A 73 8.81 10.97 -14.09
C GLU A 73 10.17 10.69 -13.46
N HIS A 74 10.69 11.65 -12.75
CA HIS A 74 11.97 11.51 -12.11
C HIS A 74 11.85 12.14 -10.73
N HIS A 75 12.77 11.83 -9.80
CA HIS A 75 12.72 12.47 -8.47
C HIS A 75 12.91 13.97 -8.60
N HIS A 76 13.76 14.35 -9.53
CA HIS A 76 14.01 15.72 -9.85
C HIS A 76 14.49 15.71 -11.28
N ALA A 1 -8.25 9.87 6.36
CA ALA A 1 -6.98 9.14 6.37
C ALA A 1 -5.97 9.90 7.18
N ASP A 2 -5.17 9.21 7.97
CA ASP A 2 -4.16 9.87 8.76
C ASP A 2 -2.98 8.97 8.97
N LYS A 3 -2.01 9.44 9.70
CA LYS A 3 -0.85 8.69 10.00
C LYS A 3 -0.74 8.67 11.52
N GLN A 4 -0.07 7.64 12.08
CA GLN A 4 0.05 7.45 13.53
C GLN A 4 0.52 8.74 14.24
N THR A 5 1.77 9.06 14.06
CA THR A 5 2.35 10.27 14.57
C THR A 5 3.36 10.73 13.54
N HIS A 6 4.34 9.90 13.36
CA HIS A 6 5.35 10.03 12.35
C HIS A 6 5.47 8.65 11.74
N GLU A 7 6.50 8.40 10.98
CA GLU A 7 6.74 7.07 10.51
C GLU A 7 7.47 6.29 11.60
N THR A 8 6.66 5.80 12.47
CA THR A 8 7.03 5.08 13.63
C THR A 8 6.19 3.79 13.55
N GLU A 9 6.04 3.05 14.61
CA GLU A 9 5.14 1.89 14.62
C GLU A 9 3.71 2.38 14.46
N LEU A 10 2.95 1.72 13.62
CA LEU A 10 1.59 2.10 13.37
C LEU A 10 0.72 0.88 13.49
N THR A 11 -0.56 1.05 13.31
CA THR A 11 -1.48 -0.04 13.39
C THR A 11 -1.80 -0.52 11.99
N PHE A 12 -2.58 -1.59 11.89
CA PHE A 12 -2.95 -2.12 10.59
C PHE A 12 -3.82 -1.12 9.83
N ASP A 13 -4.63 -0.44 10.62
CA ASP A 13 -5.47 0.68 10.15
C ASP A 13 -4.62 1.83 9.64
N GLN A 14 -3.53 2.11 10.34
CA GLN A 14 -2.66 3.22 9.99
C GLN A 14 -1.82 2.87 8.79
N VAL A 15 -1.43 1.63 8.71
CA VAL A 15 -0.60 1.17 7.63
C VAL A 15 -1.39 1.10 6.39
N LYS A 16 -2.61 0.67 6.51
CA LYS A 16 -3.50 0.70 5.42
C LYS A 16 -3.62 2.11 4.91
N GLU A 17 -3.85 3.03 5.79
CA GLU A 17 -3.91 4.41 5.42
C GLU A 17 -2.61 5.01 4.88
N GLN A 18 -1.44 4.42 5.20
CA GLN A 18 -0.21 4.94 4.64
C GLN A 18 -0.21 4.62 3.18
N LEU A 19 -0.49 3.40 2.92
CA LEU A 19 -0.52 2.83 1.64
C LEU A 19 -1.66 3.38 0.79
N THR A 20 -2.80 3.59 1.43
CA THR A 20 -3.97 4.15 0.77
C THR A 20 -3.60 5.48 0.19
N GLU A 21 -3.05 6.33 1.02
CA GLU A 21 -2.71 7.68 0.70
C GLU A 21 -1.65 7.72 -0.40
N SER A 22 -0.70 6.85 -0.25
CA SER A 22 0.42 6.75 -1.19
C SER A 22 -0.08 6.34 -2.58
N GLY A 23 -0.92 5.32 -2.61
CA GLY A 23 -1.48 4.84 -3.85
C GLY A 23 -2.35 5.88 -4.49
N LYS A 24 -3.04 6.65 -3.68
CA LYS A 24 -3.89 7.72 -4.13
C LYS A 24 -3.09 8.86 -4.77
N LYS A 25 -1.89 9.08 -4.30
CA LYS A 25 -1.01 10.10 -4.86
C LYS A 25 -0.44 9.67 -6.19
N ARG A 26 -0.17 8.40 -6.29
CA ARG A 26 0.44 7.85 -7.48
C ARG A 26 -0.59 7.49 -8.53
N GLY A 27 -1.52 6.67 -8.09
CA GLY A 27 -2.53 6.07 -8.90
C GLY A 27 -2.30 4.60 -8.99
N VAL A 28 -1.26 4.15 -8.34
CA VAL A 28 -0.84 2.79 -8.43
C VAL A 28 0.04 2.42 -7.23
N LEU A 29 0.10 1.14 -6.97
CA LEU A 29 0.94 0.55 -5.98
C LEU A 29 1.35 -0.84 -6.44
N THR A 30 2.59 -1.22 -6.22
CA THR A 30 2.99 -2.59 -6.46
C THR A 30 2.48 -3.48 -5.33
N TYR A 31 2.03 -4.68 -5.66
CA TYR A 31 1.54 -5.66 -4.67
C TYR A 31 2.55 -5.90 -3.55
N GLU A 32 3.82 -6.02 -3.92
CA GLU A 32 4.83 -6.35 -2.97
C GLU A 32 5.12 -5.22 -1.98
N GLU A 33 5.01 -3.97 -2.41
CA GLU A 33 5.36 -2.88 -1.52
C GLU A 33 4.25 -2.71 -0.49
N ILE A 34 3.08 -3.18 -0.87
CA ILE A 34 1.93 -3.19 -0.01
C ILE A 34 2.13 -4.23 1.08
N ALA A 35 2.66 -5.39 0.70
CA ALA A 35 2.91 -6.50 1.60
C ALA A 35 3.98 -6.14 2.61
N GLU A 36 4.88 -5.25 2.19
CA GLU A 36 6.05 -4.87 2.98
C GLU A 36 5.63 -4.27 4.31
N ARG A 37 4.76 -3.28 4.26
CA ARG A 37 4.33 -2.58 5.45
C ARG A 37 3.42 -3.49 6.28
N MET A 38 2.80 -4.45 5.63
CA MET A 38 1.91 -5.38 6.31
C MET A 38 2.71 -6.52 6.91
N SER A 39 3.98 -6.58 6.61
CA SER A 39 4.86 -7.63 7.08
C SER A 39 5.19 -7.40 8.57
N SER A 40 4.88 -6.19 9.06
CA SER A 40 5.01 -5.88 10.47
C SER A 40 3.88 -6.61 11.23
N PHE A 41 2.80 -6.86 10.53
CA PHE A 41 1.65 -7.57 11.05
C PHE A 41 1.68 -8.96 10.46
N GLU A 42 0.64 -9.71 10.67
CA GLU A 42 0.48 -11.00 10.05
C GLU A 42 -0.81 -10.96 9.27
N ILE A 43 -0.71 -10.59 8.03
CA ILE A 43 -1.87 -10.43 7.19
C ILE A 43 -1.86 -11.47 6.12
N GLU A 44 -2.92 -12.22 6.09
CA GLU A 44 -3.12 -13.28 5.12
C GLU A 44 -3.36 -12.65 3.75
N SER A 45 -3.05 -13.39 2.71
CA SER A 45 -3.24 -12.93 1.34
C SER A 45 -4.74 -12.71 1.08
N ASP A 46 -5.56 -13.44 1.82
CA ASP A 46 -7.02 -13.30 1.76
C ASP A 46 -7.40 -11.91 2.19
N GLN A 47 -6.79 -11.45 3.29
CA GLN A 47 -7.06 -10.13 3.84
C GLN A 47 -6.45 -9.08 2.93
N MET A 48 -5.29 -9.41 2.37
CA MET A 48 -4.62 -8.52 1.45
C MET A 48 -5.51 -8.18 0.26
N ASP A 49 -6.22 -9.18 -0.28
CA ASP A 49 -7.16 -8.92 -1.40
C ASP A 49 -8.25 -7.98 -0.99
N GLU A 50 -8.69 -8.10 0.26
CA GLU A 50 -9.70 -7.22 0.78
C GLU A 50 -9.20 -5.77 0.69
N TYR A 51 -7.93 -5.59 1.05
CA TYR A 51 -7.32 -4.29 0.97
C TYR A 51 -7.11 -3.90 -0.50
N TYR A 52 -6.73 -4.85 -1.35
CA TYR A 52 -6.49 -4.57 -2.77
C TYR A 52 -7.74 -4.07 -3.45
N GLU A 53 -8.85 -4.72 -3.17
CA GLU A 53 -10.11 -4.35 -3.71
C GLU A 53 -10.50 -2.96 -3.21
N PHE A 54 -10.22 -2.71 -1.94
CA PHE A 54 -10.45 -1.42 -1.31
C PHE A 54 -9.69 -0.35 -2.08
N LEU A 55 -8.40 -0.58 -2.28
CA LEU A 55 -7.52 0.33 -3.00
C LEU A 55 -8.05 0.62 -4.40
N GLY A 56 -8.46 -0.45 -5.06
CA GLY A 56 -9.03 -0.34 -6.39
C GLY A 56 -10.26 0.52 -6.40
N GLU A 57 -11.10 0.37 -5.39
CA GLU A 57 -12.30 1.15 -5.24
C GLU A 57 -12.01 2.64 -5.00
N GLN A 58 -10.90 2.93 -4.31
CA GLN A 58 -10.51 4.31 -4.03
C GLN A 58 -9.89 4.94 -5.25
N GLY A 59 -9.04 4.20 -5.91
CA GLY A 59 -8.45 4.70 -7.12
C GLY A 59 -6.99 4.38 -7.21
N VAL A 60 -6.63 3.20 -6.80
CA VAL A 60 -5.26 2.77 -6.87
C VAL A 60 -5.24 1.48 -7.63
N GLU A 61 -4.47 1.43 -8.65
CA GLU A 61 -4.32 0.22 -9.40
C GLU A 61 -3.15 -0.54 -8.84
N LEU A 62 -3.30 -1.81 -8.65
CA LEU A 62 -2.22 -2.57 -8.11
C LEU A 62 -1.45 -3.29 -9.21
N ILE A 63 -0.22 -2.92 -9.36
CA ILE A 63 0.67 -3.58 -10.29
C ILE A 63 1.52 -4.60 -9.57
N SER A 64 2.20 -5.41 -10.31
CA SER A 64 3.07 -6.43 -9.77
C SER A 64 4.26 -5.84 -9.02
N GLU A 65 5.34 -5.63 -9.74
CA GLU A 65 6.59 -5.08 -9.22
C GLU A 65 7.62 -5.08 -10.34
N ASN A 66 7.49 -6.09 -11.21
CA ASN A 66 8.32 -6.19 -12.44
C ASN A 66 7.85 -5.19 -13.50
N GLU A 67 6.73 -4.61 -13.22
CA GLU A 67 6.11 -3.68 -14.12
C GLU A 67 5.89 -2.38 -13.40
N GLU A 68 5.77 -1.33 -14.17
CA GLU A 68 5.48 0.00 -13.72
C GLU A 68 5.35 0.79 -15.02
N THR A 69 5.08 2.06 -14.96
CA THR A 69 5.02 2.83 -16.16
C THR A 69 5.99 3.97 -16.14
N GLU A 70 6.64 4.15 -15.01
CA GLU A 70 7.69 5.13 -14.88
C GLU A 70 8.89 4.66 -15.67
N ASP A 71 9.05 3.35 -15.72
CA ASP A 71 10.14 2.79 -16.41
C ASP A 71 9.75 2.26 -17.74
N LEU A 72 9.75 3.14 -18.66
CA LEU A 72 9.62 2.82 -20.04
C LEU A 72 10.84 3.37 -20.73
N GLU A 73 11.72 3.98 -19.93
CA GLU A 73 12.91 4.61 -20.41
C GLU A 73 13.99 4.77 -19.31
N HIS A 74 13.83 4.09 -18.18
CA HIS A 74 14.82 4.18 -17.10
C HIS A 74 15.83 3.07 -17.27
N HIS A 75 15.34 1.96 -17.81
CA HIS A 75 16.18 0.84 -18.19
C HIS A 75 17.18 1.32 -19.25
N HIS A 76 16.67 1.54 -20.47
CA HIS A 76 17.43 2.08 -21.59
C HIS A 76 16.50 2.05 -22.81
N ALA A 1 -7.01 7.60 10.77
CA ALA A 1 -7.15 7.02 12.10
C ALA A 1 -5.88 7.24 12.88
N ASP A 2 -6.00 7.40 14.17
CA ASP A 2 -4.85 7.54 15.02
C ASP A 2 -4.76 6.36 15.96
N LYS A 3 -4.11 5.33 15.48
CA LYS A 3 -3.91 4.12 16.27
C LYS A 3 -2.43 3.96 16.55
N GLN A 4 -1.62 4.83 15.99
CA GLN A 4 -0.18 4.68 16.13
C GLN A 4 0.33 5.34 17.41
N THR A 5 -0.02 4.74 18.52
CA THR A 5 0.40 5.17 19.83
C THR A 5 1.62 4.37 20.28
N HIS A 6 2.10 3.55 19.38
CA HIS A 6 3.24 2.72 19.62
C HIS A 6 4.44 3.44 18.93
N GLU A 7 5.64 3.26 19.45
CA GLU A 7 6.85 3.91 18.94
C GLU A 7 7.20 3.49 17.51
N THR A 8 6.68 4.23 16.54
CA THR A 8 6.92 4.04 15.09
C THR A 8 6.35 2.70 14.57
N GLU A 9 5.68 2.03 15.41
CA GLU A 9 5.01 0.85 15.07
C GLU A 9 3.59 1.23 14.82
N LEU A 10 3.11 0.88 13.69
CA LEU A 10 1.81 1.30 13.33
C LEU A 10 0.91 0.12 13.38
N THR A 11 -0.35 0.35 13.23
CA THR A 11 -1.27 -0.72 13.28
C THR A 11 -1.74 -1.00 11.88
N PHE A 12 -2.59 -1.97 11.74
CA PHE A 12 -3.07 -2.38 10.46
C PHE A 12 -3.83 -1.25 9.76
N ASP A 13 -4.54 -0.49 10.57
CA ASP A 13 -5.27 0.70 10.12
C ASP A 13 -4.31 1.74 9.61
N GLN A 14 -3.22 1.90 10.32
CA GLN A 14 -2.27 2.96 10.08
C GLN A 14 -1.47 2.66 8.83
N VAL A 15 -1.12 1.41 8.68
CA VAL A 15 -0.34 0.99 7.57
C VAL A 15 -1.19 1.06 6.35
N LYS A 16 -2.43 0.71 6.49
CA LYS A 16 -3.35 0.85 5.44
C LYS A 16 -3.40 2.29 4.99
N GLU A 17 -3.51 3.21 5.92
CA GLU A 17 -3.51 4.61 5.55
C GLU A 17 -2.21 5.06 4.87
N GLN A 18 -1.06 4.41 5.19
CA GLN A 18 0.18 4.82 4.60
C GLN A 18 0.18 4.45 3.14
N LEU A 19 -0.14 3.23 2.92
CA LEU A 19 -0.20 2.65 1.63
C LEU A 19 -1.31 3.24 0.78
N THR A 20 -2.46 3.43 1.40
CA THR A 20 -3.63 3.99 0.75
C THR A 20 -3.32 5.35 0.17
N GLU A 21 -2.76 6.21 0.98
CA GLU A 21 -2.49 7.57 0.56
C GLU A 21 -1.48 7.57 -0.58
N SER A 22 -0.51 6.70 -0.44
CA SER A 22 0.57 6.58 -1.41
C SER A 22 0.04 6.16 -2.76
N GLY A 23 -0.84 5.18 -2.75
CA GLY A 23 -1.46 4.71 -3.95
C GLY A 23 -2.31 5.78 -4.57
N LYS A 24 -2.96 6.54 -3.72
CA LYS A 24 -3.81 7.64 -4.15
C LYS A 24 -3.03 8.75 -4.84
N LYS A 25 -1.84 9.00 -4.38
CA LYS A 25 -0.99 10.05 -4.94
C LYS A 25 -0.38 9.62 -6.26
N ARG A 26 -0.12 8.34 -6.40
CA ARG A 26 0.46 7.81 -7.60
C ARG A 26 -0.58 7.39 -8.63
N GLY A 27 -1.50 6.57 -8.14
CA GLY A 27 -2.52 5.95 -8.93
C GLY A 27 -2.29 4.47 -9.01
N VAL A 28 -1.21 4.03 -8.38
CA VAL A 28 -0.83 2.66 -8.46
C VAL A 28 0.10 2.29 -7.30
N LEU A 29 0.03 1.04 -6.92
CA LEU A 29 0.88 0.48 -5.91
C LEU A 29 1.33 -0.90 -6.36
N THR A 30 2.52 -1.27 -6.03
CA THR A 30 2.97 -2.62 -6.26
C THR A 30 2.42 -3.52 -5.15
N TYR A 31 1.98 -4.73 -5.49
CA TYR A 31 1.43 -5.69 -4.53
C TYR A 31 2.41 -5.95 -3.39
N GLU A 32 3.68 -5.98 -3.72
CA GLU A 32 4.67 -6.37 -2.76
C GLU A 32 5.01 -5.24 -1.79
N GLU A 33 4.86 -3.97 -2.19
CA GLU A 33 5.15 -2.89 -1.24
C GLU A 33 4.01 -2.84 -0.24
N ILE A 34 2.87 -3.30 -0.69
CA ILE A 34 1.70 -3.42 0.12
C ILE A 34 1.91 -4.50 1.16
N ALA A 35 2.49 -5.63 0.74
CA ALA A 35 2.78 -6.75 1.60
C ALA A 35 3.87 -6.39 2.57
N GLU A 36 4.77 -5.54 2.09
CA GLU A 36 5.98 -5.13 2.76
C GLU A 36 5.68 -4.46 4.08
N ARG A 37 4.80 -3.47 4.05
CA ARG A 37 4.50 -2.72 5.26
C ARG A 37 3.65 -3.57 6.21
N MET A 38 3.00 -4.58 5.67
CA MET A 38 2.13 -5.44 6.47
C MET A 38 2.93 -6.58 7.11
N SER A 39 4.24 -6.58 6.93
CA SER A 39 5.11 -7.64 7.47
C SER A 39 5.14 -7.60 9.01
N SER A 40 4.74 -6.49 9.58
CA SER A 40 4.66 -6.32 11.00
C SER A 40 3.46 -7.11 11.55
N PHE A 41 2.52 -7.40 10.68
CA PHE A 41 1.31 -8.11 11.02
C PHE A 41 1.34 -9.47 10.34
N GLU A 42 0.31 -10.23 10.50
CA GLU A 42 0.19 -11.51 9.85
C GLU A 42 -1.05 -11.47 8.98
N ILE A 43 -0.94 -10.75 7.89
CA ILE A 43 -2.07 -10.51 7.01
C ILE A 43 -2.08 -11.56 5.92
N GLU A 44 -3.15 -12.29 5.89
CA GLU A 44 -3.37 -13.34 4.90
C GLU A 44 -3.64 -12.71 3.56
N SER A 45 -3.40 -13.45 2.50
CA SER A 45 -3.66 -13.00 1.16
C SER A 45 -5.14 -12.68 0.96
N ASP A 46 -6.01 -13.36 1.73
CA ASP A 46 -7.44 -13.08 1.66
C ASP A 46 -7.71 -11.67 2.17
N GLN A 47 -7.08 -11.34 3.29
CA GLN A 47 -7.24 -10.03 3.91
C GLN A 47 -6.62 -8.97 3.01
N MET A 48 -5.49 -9.33 2.40
CA MET A 48 -4.79 -8.46 1.46
C MET A 48 -5.69 -8.16 0.28
N ASP A 49 -6.38 -9.17 -0.18
CA ASP A 49 -7.28 -9.07 -1.34
C ASP A 49 -8.40 -8.09 -1.06
N GLU A 50 -8.86 -8.08 0.21
CA GLU A 50 -9.88 -7.12 0.64
C GLU A 50 -9.33 -5.72 0.49
N TYR A 51 -8.08 -5.56 0.90
CA TYR A 51 -7.42 -4.28 0.86
C TYR A 51 -7.18 -3.88 -0.58
N TYR A 52 -6.89 -4.84 -1.44
CA TYR A 52 -6.67 -4.56 -2.85
C TYR A 52 -7.93 -4.00 -3.48
N GLU A 53 -9.06 -4.59 -3.09
CA GLU A 53 -10.38 -4.13 -3.52
C GLU A 53 -10.63 -2.72 -2.99
N PHE A 54 -10.31 -2.52 -1.72
CA PHE A 54 -10.46 -1.24 -1.06
C PHE A 54 -9.66 -0.16 -1.80
N LEU A 55 -8.40 -0.45 -2.06
CA LEU A 55 -7.52 0.44 -2.79
C LEU A 55 -8.09 0.78 -4.16
N GLY A 56 -8.59 -0.26 -4.82
CA GLY A 56 -9.21 -0.09 -6.13
C GLY A 56 -10.40 0.84 -6.06
N GLU A 57 -11.19 0.69 -5.00
CA GLU A 57 -12.32 1.53 -4.75
C GLU A 57 -11.95 2.98 -4.53
N GLN A 58 -10.79 3.21 -3.92
CA GLN A 58 -10.33 4.57 -3.70
C GLN A 58 -9.71 5.12 -4.97
N GLY A 59 -8.99 4.30 -5.69
CA GLY A 59 -8.43 4.71 -6.96
C GLY A 59 -6.98 4.36 -7.12
N VAL A 60 -6.64 3.15 -6.71
CA VAL A 60 -5.29 2.67 -6.81
C VAL A 60 -5.30 1.36 -7.54
N GLU A 61 -4.53 1.28 -8.57
CA GLU A 61 -4.39 0.06 -9.27
C GLU A 61 -3.19 -0.67 -8.71
N LEU A 62 -3.27 -1.95 -8.61
CA LEU A 62 -2.17 -2.67 -8.07
C LEU A 62 -1.38 -3.37 -9.17
N ILE A 63 -0.11 -3.05 -9.25
CA ILE A 63 0.81 -3.69 -10.18
C ILE A 63 1.68 -4.66 -9.43
N SER A 64 2.46 -5.44 -10.15
CA SER A 64 3.33 -6.43 -9.55
C SER A 64 4.47 -5.77 -8.78
N GLU A 65 5.53 -5.46 -9.51
CA GLU A 65 6.73 -4.82 -9.01
C GLU A 65 7.74 -4.80 -10.13
N ASN A 66 7.70 -5.84 -10.96
CA ASN A 66 8.60 -5.93 -12.14
C ASN A 66 7.99 -5.11 -13.30
N GLU A 67 7.08 -4.27 -12.96
CA GLU A 67 6.47 -3.36 -13.86
C GLU A 67 6.30 -2.08 -13.10
N GLU A 68 6.32 -1.01 -13.81
CA GLU A 68 6.14 0.31 -13.26
C GLU A 68 5.54 1.15 -14.34
N THR A 69 4.96 2.26 -13.97
CA THR A 69 4.39 3.17 -14.91
C THR A 69 5.46 4.12 -15.44
N GLU A 70 6.65 3.92 -14.93
CA GLU A 70 7.81 4.76 -15.20
C GLU A 70 8.41 4.41 -16.53
N ASP A 71 7.82 3.46 -17.18
CA ASP A 71 8.27 2.99 -18.47
C ASP A 71 7.93 4.03 -19.53
N LEU A 72 7.09 4.92 -19.13
CA LEU A 72 6.61 5.99 -19.97
C LEU A 72 7.45 7.25 -19.77
N GLU A 73 8.57 7.10 -19.02
CA GLU A 73 9.49 8.19 -18.68
C GLU A 73 8.78 9.38 -18.03
N HIS A 74 8.73 9.38 -16.71
CA HIS A 74 8.00 10.40 -16.00
C HIS A 74 8.87 11.55 -15.53
N HIS A 75 9.63 11.31 -14.49
CA HIS A 75 10.38 12.39 -13.87
C HIS A 75 11.72 12.61 -14.56
N HIS A 76 12.67 11.79 -14.24
CA HIS A 76 14.00 11.90 -14.77
C HIS A 76 14.68 10.57 -14.63
N ALA A 1 -8.43 4.01 9.66
CA ALA A 1 -9.47 4.87 10.22
C ALA A 1 -9.25 5.09 11.72
N ASP A 2 -8.00 5.02 12.15
CA ASP A 2 -7.67 5.08 13.57
C ASP A 2 -6.46 6.00 13.79
N LYS A 3 -5.80 5.85 14.91
CA LYS A 3 -4.60 6.57 15.24
C LYS A 3 -3.58 5.58 15.75
N GLN A 4 -2.37 5.65 15.24
CA GLN A 4 -1.30 4.83 15.75
C GLN A 4 -1.02 5.27 17.19
N THR A 5 -1.26 4.38 18.12
CA THR A 5 -1.07 4.68 19.51
C THR A 5 0.38 4.34 19.91
N HIS A 6 1.07 3.69 18.99
CA HIS A 6 2.44 3.30 19.22
C HIS A 6 3.32 4.31 18.50
N GLU A 7 4.49 4.52 18.99
CA GLU A 7 5.37 5.50 18.41
C GLU A 7 6.30 4.84 17.42
N THR A 8 6.18 5.28 16.15
CA THR A 8 6.96 4.75 15.02
C THR A 8 6.52 3.29 14.71
N GLU A 9 5.36 2.97 15.20
CA GLU A 9 4.74 1.70 15.01
C GLU A 9 3.29 1.92 14.79
N LEU A 10 2.83 1.52 13.68
CA LEU A 10 1.49 1.80 13.32
C LEU A 10 0.68 0.56 13.44
N THR A 11 -0.59 0.71 13.24
CA THR A 11 -1.48 -0.38 13.29
C THR A 11 -1.79 -0.83 11.88
N PHE A 12 -2.58 -1.87 11.76
CA PHE A 12 -2.94 -2.38 10.47
C PHE A 12 -3.79 -1.37 9.72
N ASP A 13 -4.64 -0.75 10.50
CA ASP A 13 -5.51 0.32 10.02
C ASP A 13 -4.72 1.55 9.61
N GLN A 14 -3.65 1.79 10.35
CA GLN A 14 -2.76 2.93 10.09
C GLN A 14 -1.94 2.67 8.86
N VAL A 15 -1.49 1.44 8.72
CA VAL A 15 -0.66 1.08 7.64
C VAL A 15 -1.48 1.10 6.39
N LYS A 16 -2.69 0.69 6.51
CA LYS A 16 -3.61 0.81 5.45
C LYS A 16 -3.73 2.26 5.05
N GLU A 17 -3.88 3.15 6.02
CA GLU A 17 -3.95 4.58 5.73
C GLU A 17 -2.65 5.12 5.09
N GLN A 18 -1.47 4.52 5.40
CA GLN A 18 -0.23 5.02 4.84
C GLN A 18 -0.19 4.69 3.37
N LEU A 19 -0.46 3.47 3.11
CA LEU A 19 -0.46 2.91 1.81
C LEU A 19 -1.56 3.47 0.94
N THR A 20 -2.72 3.69 1.54
CA THR A 20 -3.85 4.26 0.85
C THR A 20 -3.50 5.63 0.30
N GLU A 21 -2.98 6.48 1.16
CA GLU A 21 -2.68 7.86 0.77
C GLU A 21 -1.61 7.89 -0.31
N SER A 22 -0.65 7.04 -0.13
CA SER A 22 0.48 6.95 -1.02
C SER A 22 0.04 6.47 -2.41
N GLY A 23 -0.83 5.46 -2.44
CA GLY A 23 -1.37 4.95 -3.67
C GLY A 23 -2.23 5.98 -4.37
N LYS A 24 -2.92 6.77 -3.56
CA LYS A 24 -3.77 7.85 -4.07
C LYS A 24 -2.97 8.92 -4.79
N LYS A 25 -1.75 9.16 -4.33
CA LYS A 25 -0.87 10.14 -4.93
C LYS A 25 -0.30 9.60 -6.23
N ARG A 26 0.02 8.33 -6.20
CA ARG A 26 0.70 7.68 -7.30
C ARG A 26 -0.25 7.24 -8.40
N GLY A 27 -1.34 6.66 -7.96
CA GLY A 27 -2.32 6.10 -8.80
C GLY A 27 -2.07 4.63 -8.93
N VAL A 28 -1.13 4.16 -8.14
CA VAL A 28 -0.68 2.82 -8.23
C VAL A 28 0.15 2.45 -7.00
N LEU A 29 0.21 1.17 -6.75
CA LEU A 29 1.02 0.58 -5.73
C LEU A 29 1.42 -0.82 -6.18
N THR A 30 2.65 -1.20 -5.98
CA THR A 30 3.07 -2.56 -6.23
C THR A 30 2.58 -3.48 -5.09
N TYR A 31 2.15 -4.70 -5.41
CA TYR A 31 1.64 -5.65 -4.39
C TYR A 31 2.67 -5.88 -3.31
N GLU A 32 3.91 -6.03 -3.73
CA GLU A 32 4.95 -6.37 -2.82
C GLU A 32 5.37 -5.24 -1.89
N GLU A 33 5.02 -3.99 -2.21
CA GLU A 33 5.35 -2.92 -1.29
C GLU A 33 4.21 -2.78 -0.30
N ILE A 34 3.03 -3.20 -0.74
CA ILE A 34 1.87 -3.20 0.09
C ILE A 34 2.06 -4.25 1.15
N ALA A 35 2.62 -5.42 0.75
CA ALA A 35 2.91 -6.51 1.62
C ALA A 35 4.06 -6.14 2.56
N GLU A 36 4.91 -5.24 2.08
CA GLU A 36 6.14 -4.82 2.74
C GLU A 36 5.83 -4.16 4.07
N ARG A 37 4.89 -3.24 4.07
CA ARG A 37 4.49 -2.58 5.29
C ARG A 37 3.66 -3.50 6.17
N MET A 38 2.99 -4.44 5.54
CA MET A 38 2.12 -5.37 6.25
C MET A 38 2.90 -6.53 6.82
N SER A 39 4.18 -6.64 6.47
CA SER A 39 5.03 -7.73 6.91
C SER A 39 5.14 -7.76 8.44
N SER A 40 5.03 -6.60 9.05
CA SER A 40 5.07 -6.48 10.49
C SER A 40 3.87 -7.22 11.14
N PHE A 41 2.75 -7.24 10.45
CA PHE A 41 1.53 -7.89 10.94
C PHE A 41 1.41 -9.33 10.44
N GLU A 42 2.03 -9.58 9.29
CA GLU A 42 1.94 -10.85 8.58
C GLU A 42 0.50 -11.06 8.14
N ILE A 43 0.11 -10.30 7.16
CA ILE A 43 -1.24 -10.28 6.67
C ILE A 43 -1.46 -11.34 5.62
N GLU A 44 -2.55 -12.03 5.78
CA GLU A 44 -3.00 -13.06 4.89
C GLU A 44 -3.37 -12.48 3.56
N SER A 45 -3.24 -13.29 2.53
CA SER A 45 -3.59 -12.93 1.20
C SER A 45 -5.09 -12.59 1.12
N ASP A 46 -5.88 -13.21 1.99
CA ASP A 46 -7.33 -12.94 2.13
C ASP A 46 -7.55 -11.47 2.42
N GLN A 47 -6.87 -10.99 3.47
CA GLN A 47 -7.03 -9.61 3.90
C GLN A 47 -6.36 -8.69 2.90
N MET A 48 -5.29 -9.18 2.29
CA MET A 48 -4.58 -8.39 1.30
C MET A 48 -5.48 -8.10 0.11
N ASP A 49 -6.16 -9.14 -0.40
CA ASP A 49 -7.10 -9.02 -1.55
C ASP A 49 -8.20 -8.03 -1.21
N GLU A 50 -8.67 -8.15 0.01
CA GLU A 50 -9.71 -7.27 0.54
C GLU A 50 -9.22 -5.81 0.52
N TYR A 51 -7.97 -5.62 0.92
CA TYR A 51 -7.34 -4.31 0.89
C TYR A 51 -7.13 -3.86 -0.56
N TYR A 52 -6.74 -4.78 -1.44
CA TYR A 52 -6.52 -4.45 -2.85
C TYR A 52 -7.78 -3.95 -3.51
N GLU A 53 -8.88 -4.61 -3.20
CA GLU A 53 -10.18 -4.23 -3.68
C GLU A 53 -10.55 -2.87 -3.11
N PHE A 54 -10.27 -2.66 -1.83
CA PHE A 54 -10.48 -1.39 -1.17
C PHE A 54 -9.71 -0.27 -1.89
N LEU A 55 -8.43 -0.51 -2.13
CA LEU A 55 -7.57 0.43 -2.83
C LEU A 55 -8.10 0.76 -4.21
N GLY A 56 -8.57 -0.27 -4.89
CA GLY A 56 -9.15 -0.12 -6.20
C GLY A 56 -10.35 0.79 -6.18
N GLU A 57 -11.16 0.68 -5.14
CA GLU A 57 -12.31 1.51 -4.95
C GLU A 57 -11.93 2.98 -4.79
N GLN A 58 -10.81 3.23 -4.12
CA GLN A 58 -10.37 4.60 -3.84
C GLN A 58 -9.73 5.18 -5.09
N GLY A 59 -8.90 4.41 -5.73
CA GLY A 59 -8.33 4.83 -6.99
C GLY A 59 -6.89 4.46 -7.15
N VAL A 60 -6.54 3.31 -6.65
CA VAL A 60 -5.17 2.85 -6.72
C VAL A 60 -5.13 1.56 -7.49
N GLU A 61 -4.32 1.52 -8.50
CA GLU A 61 -4.14 0.33 -9.26
C GLU A 61 -3.00 -0.45 -8.67
N LEU A 62 -3.18 -1.70 -8.48
CA LEU A 62 -2.16 -2.51 -7.90
C LEU A 62 -1.39 -3.26 -8.95
N ILE A 63 -0.15 -2.90 -9.12
CA ILE A 63 0.72 -3.56 -10.05
C ILE A 63 1.58 -4.57 -9.32
N SER A 64 2.27 -5.39 -10.05
CA SER A 64 3.14 -6.39 -9.50
C SER A 64 4.36 -5.78 -8.78
N GLU A 65 5.36 -5.52 -9.58
CA GLU A 65 6.67 -4.97 -9.26
C GLU A 65 7.53 -5.38 -10.43
N ASN A 66 7.09 -6.48 -11.07
CA ASN A 66 7.64 -6.99 -12.32
C ASN A 66 7.08 -6.20 -13.49
N GLU A 67 6.54 -5.05 -13.19
CA GLU A 67 5.99 -4.11 -14.10
C GLU A 67 6.07 -2.80 -13.36
N GLU A 68 6.15 -1.73 -14.09
CA GLU A 68 6.20 -0.40 -13.52
C GLU A 68 6.24 0.60 -14.63
N THR A 69 5.33 1.51 -14.60
CA THR A 69 5.18 2.45 -15.68
C THR A 69 5.68 3.83 -15.32
N GLU A 70 5.88 4.04 -14.06
CA GLU A 70 6.38 5.29 -13.55
C GLU A 70 7.87 5.40 -13.79
N ASP A 71 8.48 4.26 -14.02
CA ASP A 71 9.92 4.14 -14.14
C ASP A 71 10.39 4.56 -15.51
N LEU A 72 9.45 4.66 -16.38
CA LEU A 72 9.70 5.09 -17.75
C LEU A 72 9.93 6.59 -17.78
N GLU A 73 9.38 7.24 -16.76
CA GLU A 73 9.50 8.65 -16.56
C GLU A 73 10.00 8.84 -15.14
N HIS A 74 11.08 8.14 -14.86
CA HIS A 74 11.68 8.07 -13.55
C HIS A 74 12.29 9.43 -13.18
N HIS A 75 13.00 10.02 -14.15
CA HIS A 75 13.77 11.26 -13.97
C HIS A 75 14.91 11.03 -12.98
N HIS A 76 14.61 11.20 -11.72
CA HIS A 76 15.55 11.04 -10.65
C HIS A 76 14.77 10.93 -9.38
N ALA A 1 -7.12 6.02 10.74
CA ALA A 1 -8.10 7.12 10.80
C ALA A 1 -7.92 7.95 12.06
N ASP A 2 -6.83 7.75 12.75
CA ASP A 2 -6.56 8.45 13.99
C ASP A 2 -5.08 8.63 14.14
N LYS A 3 -4.65 9.09 15.29
CA LYS A 3 -3.25 9.28 15.54
C LYS A 3 -2.59 7.95 15.83
N GLN A 4 -1.73 7.53 14.92
CA GLN A 4 -1.00 6.25 15.02
C GLN A 4 -0.20 6.13 16.31
N THR A 5 0.27 4.93 16.56
CA THR A 5 1.04 4.61 17.72
C THR A 5 2.37 5.36 17.77
N HIS A 6 3.01 5.33 18.91
CA HIS A 6 4.29 6.00 19.06
C HIS A 6 5.38 5.30 18.29
N GLU A 7 6.35 6.08 17.85
CA GLU A 7 7.53 5.60 17.14
C GLU A 7 7.21 5.12 15.72
N THR A 8 8.11 4.33 15.15
CA THR A 8 8.05 3.91 13.75
C THR A 8 7.02 2.85 13.42
N GLU A 9 6.18 2.55 14.34
CA GLU A 9 5.20 1.56 14.14
C GLU A 9 3.84 2.17 14.11
N LEU A 10 3.00 1.64 13.27
CA LEU A 10 1.67 2.12 13.10
C LEU A 10 0.74 0.94 13.29
N THR A 11 -0.53 1.16 13.15
CA THR A 11 -1.47 0.09 13.33
C THR A 11 -1.80 -0.47 11.95
N PHE A 12 -2.58 -1.54 11.90
CA PHE A 12 -2.97 -2.12 10.62
C PHE A 12 -3.82 -1.13 9.82
N ASP A 13 -4.62 -0.45 10.59
CA ASP A 13 -5.48 0.65 10.14
C ASP A 13 -4.64 1.77 9.59
N GLN A 14 -3.58 2.05 10.29
CA GLN A 14 -2.73 3.15 9.96
C GLN A 14 -1.86 2.82 8.76
N VAL A 15 -1.46 1.56 8.68
CA VAL A 15 -0.62 1.11 7.61
C VAL A 15 -1.42 1.05 6.37
N LYS A 16 -2.63 0.61 6.49
CA LYS A 16 -3.54 0.65 5.41
C LYS A 16 -3.65 2.08 4.93
N GLU A 17 -3.82 3.00 5.82
CA GLU A 17 -3.84 4.37 5.45
C GLU A 17 -2.51 4.92 4.90
N GLN A 18 -1.35 4.32 5.25
CA GLN A 18 -0.08 4.80 4.71
C GLN A 18 -0.04 4.44 3.26
N LEU A 19 -0.32 3.20 3.03
CA LEU A 19 -0.33 2.61 1.73
C LEU A 19 -1.39 3.21 0.85
N THR A 20 -2.55 3.44 1.44
CA THR A 20 -3.64 4.05 0.75
C THR A 20 -3.26 5.42 0.27
N GLU A 21 -2.74 6.24 1.16
CA GLU A 21 -2.40 7.62 0.85
C GLU A 21 -1.35 7.65 -0.27
N SER A 22 -0.38 6.78 -0.12
CA SER A 22 0.71 6.65 -1.07
C SER A 22 0.19 6.24 -2.46
N GLY A 23 -0.65 5.21 -2.49
CA GLY A 23 -1.23 4.74 -3.71
C GLY A 23 -2.13 5.77 -4.36
N LYS A 24 -2.81 6.53 -3.53
CA LYS A 24 -3.71 7.59 -3.99
C LYS A 24 -2.93 8.70 -4.70
N LYS A 25 -1.70 8.91 -4.28
CA LYS A 25 -0.84 9.90 -4.89
C LYS A 25 -0.35 9.41 -6.22
N ARG A 26 0.04 8.17 -6.24
CA ARG A 26 0.67 7.58 -7.39
C ARG A 26 -0.35 7.22 -8.46
N GLY A 27 -1.38 6.57 -8.00
CA GLY A 27 -2.39 6.02 -8.83
C GLY A 27 -2.13 4.57 -8.99
N VAL A 28 -1.18 4.07 -8.19
CA VAL A 28 -0.73 2.73 -8.30
C VAL A 28 0.07 2.31 -7.07
N LEU A 29 0.11 1.01 -6.87
CA LEU A 29 0.88 0.37 -5.85
C LEU A 29 1.22 -1.03 -6.33
N THR A 30 2.45 -1.46 -6.18
CA THR A 30 2.78 -2.85 -6.46
C THR A 30 2.28 -3.72 -5.31
N TYR A 31 1.83 -4.94 -5.62
CA TYR A 31 1.35 -5.88 -4.58
C TYR A 31 2.42 -6.11 -3.53
N GLU A 32 3.64 -6.16 -3.97
CA GLU A 32 4.76 -6.46 -3.12
C GLU A 32 5.13 -5.34 -2.15
N GLU A 33 4.88 -4.09 -2.51
CA GLU A 33 5.18 -2.99 -1.58
C GLU A 33 4.07 -2.92 -0.54
N ILE A 34 2.88 -3.34 -0.97
CA ILE A 34 1.71 -3.39 -0.12
C ILE A 34 1.93 -4.43 0.96
N ALA A 35 2.48 -5.58 0.57
CA ALA A 35 2.79 -6.66 1.47
C ALA A 35 3.89 -6.27 2.43
N GLU A 36 4.79 -5.43 1.93
CA GLU A 36 6.00 -5.06 2.63
C GLU A 36 5.72 -4.35 3.94
N ARG A 37 4.77 -3.40 3.93
CA ARG A 37 4.44 -2.69 5.18
C ARG A 37 3.70 -3.61 6.14
N MET A 38 3.05 -4.61 5.57
CA MET A 38 2.22 -5.52 6.34
C MET A 38 3.05 -6.60 7.00
N SER A 39 4.36 -6.57 6.83
CA SER A 39 5.24 -7.56 7.46
C SER A 39 5.32 -7.27 8.98
N SER A 40 4.87 -6.08 9.34
CA SER A 40 4.77 -5.66 10.70
C SER A 40 3.70 -6.51 11.42
N PHE A 41 2.72 -6.94 10.66
CA PHE A 41 1.59 -7.72 11.14
C PHE A 41 1.63 -9.11 10.49
N GLU A 42 0.59 -9.89 10.71
CA GLU A 42 0.43 -11.15 10.05
C GLU A 42 -0.83 -11.05 9.21
N ILE A 43 -0.69 -10.50 8.05
CA ILE A 43 -1.82 -10.26 7.20
C ILE A 43 -1.99 -11.39 6.22
N GLU A 44 -3.15 -11.94 6.25
CA GLU A 44 -3.53 -13.09 5.46
C GLU A 44 -3.82 -12.68 4.02
N SER A 45 -3.95 -13.66 3.15
CA SER A 45 -4.19 -13.42 1.74
C SER A 45 -5.57 -12.80 1.54
N ASP A 46 -6.53 -13.21 2.36
CA ASP A 46 -7.89 -12.68 2.25
C ASP A 46 -7.93 -11.26 2.72
N GLN A 47 -7.14 -11.02 3.73
CA GLN A 47 -6.98 -9.71 4.31
C GLN A 47 -6.35 -8.78 3.29
N MET A 48 -5.32 -9.28 2.62
CA MET A 48 -4.67 -8.52 1.56
C MET A 48 -5.61 -8.27 0.39
N ASP A 49 -6.31 -9.30 -0.06
CA ASP A 49 -7.20 -9.18 -1.24
C ASP A 49 -8.32 -8.22 -0.99
N GLU A 50 -8.86 -8.23 0.22
CA GLU A 50 -9.91 -7.30 0.58
C GLU A 50 -9.36 -5.88 0.53
N TYR A 51 -8.09 -5.73 0.93
CA TYR A 51 -7.43 -4.44 0.87
C TYR A 51 -7.21 -4.05 -0.58
N TYR A 52 -6.89 -5.03 -1.44
CA TYR A 52 -6.67 -4.77 -2.87
C TYR A 52 -7.93 -4.23 -3.50
N GLU A 53 -9.05 -4.82 -3.13
CA GLU A 53 -10.34 -4.36 -3.60
C GLU A 53 -10.58 -2.95 -3.05
N PHE A 54 -10.31 -2.76 -1.77
CA PHE A 54 -10.49 -1.47 -1.11
C PHE A 54 -9.70 -0.36 -1.83
N LEU A 55 -8.42 -0.61 -2.07
CA LEU A 55 -7.56 0.32 -2.79
C LEU A 55 -8.11 0.65 -4.16
N GLY A 56 -8.60 -0.39 -4.83
CA GLY A 56 -9.20 -0.25 -6.13
C GLY A 56 -10.41 0.65 -6.07
N GLU A 57 -11.20 0.49 -5.03
CA GLU A 57 -12.37 1.28 -4.81
C GLU A 57 -11.99 2.76 -4.61
N GLN A 58 -10.84 3.00 -3.96
CA GLN A 58 -10.40 4.36 -3.68
C GLN A 58 -9.80 5.01 -4.92
N GLY A 59 -8.92 4.30 -5.57
CA GLY A 59 -8.35 4.81 -6.81
C GLY A 59 -6.88 4.52 -6.92
N VAL A 60 -6.55 3.25 -6.78
CA VAL A 60 -5.18 2.79 -6.86
C VAL A 60 -5.17 1.51 -7.66
N GLU A 61 -4.29 1.41 -8.62
CA GLU A 61 -4.13 0.19 -9.36
C GLU A 61 -3.04 -0.62 -8.71
N LEU A 62 -3.29 -1.86 -8.46
CA LEU A 62 -2.28 -2.68 -7.87
C LEU A 62 -1.56 -3.44 -8.94
N ILE A 63 -0.38 -3.00 -9.25
CA ILE A 63 0.43 -3.66 -10.24
C ILE A 63 1.29 -4.71 -9.58
N SER A 64 1.97 -5.49 -10.37
CA SER A 64 2.83 -6.55 -9.87
C SER A 64 4.06 -6.00 -9.12
N GLU A 65 5.10 -5.73 -9.88
CA GLU A 65 6.39 -5.18 -9.46
C GLU A 65 7.29 -5.30 -10.66
N ASN A 66 7.00 -6.32 -11.48
CA ASN A 66 7.66 -6.56 -12.76
C ASN A 66 7.29 -5.47 -13.76
N GLU A 67 6.37 -4.64 -13.34
CA GLU A 67 5.88 -3.57 -14.11
C GLU A 67 5.85 -2.38 -13.20
N GLU A 68 5.98 -1.21 -13.77
CA GLU A 68 6.00 0.06 -13.04
C GLU A 68 6.46 1.10 -14.06
N THR A 69 6.02 2.34 -13.93
CA THR A 69 6.51 3.39 -14.82
C THR A 69 6.24 4.82 -14.34
N GLU A 70 5.97 5.00 -13.10
CA GLU A 70 5.78 6.34 -12.60
C GLU A 70 6.82 6.65 -11.56
N ASP A 71 7.48 5.61 -11.08
CA ASP A 71 8.49 5.74 -10.04
C ASP A 71 9.84 5.71 -10.67
N LEU A 72 9.84 5.32 -11.91
CA LEU A 72 11.01 5.36 -12.76
C LEU A 72 11.39 6.81 -13.03
N GLU A 73 10.42 7.69 -12.80
CA GLU A 73 10.62 9.12 -12.91
C GLU A 73 11.05 9.68 -11.55
N HIS A 74 10.94 8.86 -10.52
CA HIS A 74 11.28 9.29 -9.20
C HIS A 74 12.68 8.98 -8.83
N HIS A 75 13.50 9.94 -9.09
CA HIS A 75 14.87 9.97 -8.65
C HIS A 75 14.94 10.86 -7.42
N HIS A 76 13.78 11.17 -6.91
CA HIS A 76 13.58 12.01 -5.77
C HIS A 76 12.45 11.46 -4.93
N ALA A 1 -6.80 3.17 14.35
CA ALA A 1 -7.96 3.63 13.57
C ALA A 1 -7.96 5.15 13.41
N ASP A 2 -7.10 5.83 14.15
CA ASP A 2 -7.00 7.28 14.05
C ASP A 2 -5.57 7.66 13.74
N LYS A 3 -4.66 7.39 14.68
CA LYS A 3 -3.23 7.67 14.51
C LYS A 3 -2.39 6.50 14.98
N GLN A 4 -1.09 6.57 14.75
CA GLN A 4 -0.15 5.51 15.12
C GLN A 4 0.24 5.58 16.60
N THR A 5 1.20 4.78 16.98
CA THR A 5 1.68 4.75 18.33
C THR A 5 2.74 5.84 18.53
N HIS A 6 3.35 5.90 19.71
CA HIS A 6 4.37 6.91 19.99
C HIS A 6 5.67 6.66 19.25
N GLU A 7 5.88 5.43 18.84
CA GLU A 7 7.05 5.09 18.08
C GLU A 7 6.80 5.37 16.60
N THR A 8 7.66 4.87 15.75
CA THR A 8 7.54 5.07 14.33
C THR A 8 6.65 4.01 13.72
N GLU A 9 6.09 3.23 14.56
CA GLU A 9 5.34 2.10 14.18
C GLU A 9 3.89 2.48 14.05
N LEU A 10 3.20 1.84 13.18
CA LEU A 10 1.83 2.18 12.94
C LEU A 10 0.99 0.97 13.21
N THR A 11 -0.31 1.12 13.13
CA THR A 11 -1.21 0.02 13.36
C THR A 11 -1.66 -0.49 12.00
N PHE A 12 -2.46 -1.53 11.97
CA PHE A 12 -2.92 -2.08 10.71
C PHE A 12 -3.75 -1.08 9.94
N ASP A 13 -4.53 -0.35 10.74
CA ASP A 13 -5.36 0.76 10.26
C ASP A 13 -4.48 1.83 9.67
N GLN A 14 -3.40 2.11 10.35
CA GLN A 14 -2.55 3.22 10.02
C GLN A 14 -1.73 2.91 8.79
N VAL A 15 -1.34 1.65 8.69
CA VAL A 15 -0.55 1.19 7.61
C VAL A 15 -1.41 1.18 6.39
N LYS A 16 -2.62 0.74 6.56
CA LYS A 16 -3.58 0.83 5.51
C LYS A 16 -3.72 2.26 5.08
N GLU A 17 -3.86 3.17 6.01
CA GLU A 17 -3.92 4.57 5.65
C GLU A 17 -2.64 5.06 4.96
N GLN A 18 -1.47 4.47 5.28
CA GLN A 18 -0.23 4.92 4.67
C GLN A 18 -0.25 4.54 3.25
N LEU A 19 -0.55 3.31 3.05
CA LEU A 19 -0.59 2.70 1.78
C LEU A 19 -1.70 3.26 0.93
N THR A 20 -2.85 3.48 1.55
CA THR A 20 -3.99 4.05 0.89
C THR A 20 -3.61 5.40 0.33
N GLU A 21 -3.13 6.26 1.20
CA GLU A 21 -2.84 7.62 0.85
C GLU A 21 -1.73 7.70 -0.20
N SER A 22 -0.72 6.87 -0.01
CA SER A 22 0.39 6.81 -0.93
C SER A 22 -0.09 6.39 -2.32
N GLY A 23 -0.90 5.34 -2.36
CA GLY A 23 -1.46 4.86 -3.60
C GLY A 23 -2.36 5.90 -4.24
N LYS A 24 -3.04 6.65 -3.40
CA LYS A 24 -3.92 7.72 -3.85
C LYS A 24 -3.14 8.82 -4.56
N LYS A 25 -1.93 9.08 -4.09
CA LYS A 25 -1.05 10.08 -4.67
C LYS A 25 -0.51 9.58 -5.99
N ARG A 26 -0.03 8.36 -5.96
CA ARG A 26 0.69 7.76 -7.08
C ARG A 26 -0.26 7.35 -8.17
N GLY A 27 -1.30 6.68 -7.74
CA GLY A 27 -2.28 6.11 -8.60
C GLY A 27 -2.04 4.65 -8.71
N VAL A 28 -1.05 4.19 -7.96
CA VAL A 28 -0.58 2.84 -8.07
C VAL A 28 0.21 2.43 -6.83
N LEU A 29 0.26 1.14 -6.61
CA LEU A 29 1.03 0.53 -5.56
C LEU A 29 1.41 -0.87 -6.01
N THR A 30 2.65 -1.25 -5.88
CA THR A 30 3.05 -2.63 -6.15
C THR A 30 2.53 -3.57 -5.05
N TYR A 31 2.10 -4.76 -5.44
CA TYR A 31 1.63 -5.79 -4.51
C TYR A 31 2.69 -6.07 -3.42
N GLU A 32 3.94 -5.96 -3.79
CA GLU A 32 5.04 -6.24 -2.89
C GLU A 32 5.17 -5.17 -1.79
N GLU A 33 5.01 -3.89 -2.14
CA GLU A 33 5.22 -2.83 -1.15
C GLU A 33 4.05 -2.79 -0.18
N ILE A 34 2.92 -3.27 -0.67
CA ILE A 34 1.74 -3.38 0.13
C ILE A 34 1.94 -4.48 1.16
N ALA A 35 2.56 -5.58 0.72
CA ALA A 35 2.84 -6.72 1.57
C ALA A 35 3.90 -6.37 2.60
N GLU A 36 4.82 -5.52 2.18
CA GLU A 36 5.97 -5.09 2.95
C GLU A 36 5.58 -4.47 4.26
N ARG A 37 4.68 -3.52 4.21
CA ARG A 37 4.25 -2.84 5.38
C ARG A 37 3.40 -3.75 6.26
N MET A 38 2.71 -4.69 5.64
CA MET A 38 1.80 -5.55 6.36
C MET A 38 2.47 -6.71 7.05
N SER A 39 3.77 -6.89 6.84
CA SER A 39 4.47 -7.99 7.49
C SER A 39 4.79 -7.65 8.95
N SER A 40 4.43 -6.44 9.37
CA SER A 40 4.51 -6.05 10.75
C SER A 40 3.40 -6.80 11.49
N PHE A 41 2.37 -7.12 10.75
CA PHE A 41 1.21 -7.81 11.23
C PHE A 41 1.21 -9.19 10.58
N GLU A 42 0.15 -9.91 10.74
CA GLU A 42 0.02 -11.18 10.07
C GLU A 42 -1.11 -11.09 9.08
N ILE A 43 -0.83 -10.45 7.98
CA ILE A 43 -1.81 -10.23 6.97
C ILE A 43 -1.53 -11.14 5.82
N GLU A 44 -2.42 -12.03 5.64
CA GLU A 44 -2.35 -12.99 4.58
C GLU A 44 -2.82 -12.38 3.29
N SER A 45 -2.52 -13.05 2.21
CA SER A 45 -2.89 -12.65 0.88
C SER A 45 -4.40 -12.54 0.76
N ASP A 46 -5.08 -13.38 1.53
CA ASP A 46 -6.52 -13.42 1.65
C ASP A 46 -7.05 -12.06 2.07
N GLN A 47 -6.44 -11.52 3.11
CA GLN A 47 -6.84 -10.24 3.69
C GLN A 47 -6.35 -9.12 2.81
N MET A 48 -5.13 -9.31 2.27
CA MET A 48 -4.54 -8.35 1.36
C MET A 48 -5.46 -8.10 0.18
N ASP A 49 -6.05 -9.17 -0.32
CA ASP A 49 -6.99 -9.16 -1.44
C ASP A 49 -8.18 -8.28 -1.13
N GLU A 50 -8.62 -8.33 0.11
CA GLU A 50 -9.74 -7.54 0.57
C GLU A 50 -9.35 -6.06 0.53
N TYR A 51 -8.10 -5.79 0.91
CA TYR A 51 -7.55 -4.45 0.88
C TYR A 51 -7.34 -4.00 -0.57
N TYR A 52 -6.99 -4.94 -1.46
CA TYR A 52 -6.76 -4.62 -2.87
C TYR A 52 -8.02 -4.09 -3.52
N GLU A 53 -9.15 -4.70 -3.14
CA GLU A 53 -10.45 -4.25 -3.60
C GLU A 53 -10.71 -2.84 -3.11
N PHE A 54 -10.45 -2.62 -1.82
CA PHE A 54 -10.62 -1.34 -1.19
C PHE A 54 -9.83 -0.26 -1.94
N LEU A 55 -8.55 -0.51 -2.15
CA LEU A 55 -7.67 0.42 -2.86
C LEU A 55 -8.17 0.72 -4.27
N GLY A 56 -8.60 -0.34 -4.94
CA GLY A 56 -9.11 -0.23 -6.29
C GLY A 56 -10.32 0.67 -6.34
N GLU A 57 -11.17 0.56 -5.34
CA GLU A 57 -12.36 1.36 -5.21
C GLU A 57 -12.05 2.84 -4.98
N GLN A 58 -10.96 3.12 -4.25
CA GLN A 58 -10.57 4.48 -3.91
C GLN A 58 -9.86 5.16 -5.07
N GLY A 59 -8.91 4.47 -5.66
CA GLY A 59 -8.24 5.03 -6.82
C GLY A 59 -6.78 4.67 -6.88
N VAL A 60 -6.50 3.41 -6.68
CA VAL A 60 -5.14 2.91 -6.69
C VAL A 60 -5.12 1.61 -7.45
N GLU A 61 -4.32 1.54 -8.46
CA GLU A 61 -4.13 0.30 -9.17
C GLU A 61 -2.98 -0.45 -8.55
N LEU A 62 -3.17 -1.71 -8.26
CA LEU A 62 -2.11 -2.46 -7.64
C LEU A 62 -1.30 -3.18 -8.69
N ILE A 63 -0.09 -2.73 -8.91
CA ILE A 63 0.74 -3.37 -9.89
C ILE A 63 1.53 -4.47 -9.37
N SER A 64 1.96 -5.22 -10.28
CA SER A 64 2.71 -6.37 -10.07
C SER A 64 4.23 -6.17 -10.07
N GLU A 65 4.70 -4.91 -10.14
CA GLU A 65 6.17 -4.58 -10.12
C GLU A 65 6.88 -4.97 -11.44
N ASN A 66 6.54 -6.13 -11.96
CA ASN A 66 7.06 -6.66 -13.24
C ASN A 66 6.36 -5.95 -14.42
N GLU A 67 5.71 -4.86 -14.11
CA GLU A 67 5.00 -4.06 -15.05
C GLU A 67 5.13 -2.63 -14.56
N GLU A 68 4.65 -1.72 -15.38
CA GLU A 68 4.60 -0.32 -15.10
C GLU A 68 5.97 0.31 -14.81
N THR A 69 5.96 1.56 -14.45
CA THR A 69 7.14 2.23 -14.08
C THR A 69 6.85 3.20 -12.94
N GLU A 70 6.87 2.66 -11.74
CA GLU A 70 6.62 3.47 -10.57
C GLU A 70 7.91 3.98 -9.97
N ASP A 71 8.98 3.68 -10.67
CA ASP A 71 10.33 4.04 -10.27
C ASP A 71 10.65 5.46 -10.59
N LEU A 72 10.03 5.91 -11.61
CA LEU A 72 10.28 7.23 -12.18
C LEU A 72 9.78 8.39 -11.32
N GLU A 73 8.91 8.11 -10.37
CA GLU A 73 8.43 9.14 -9.46
C GLU A 73 9.35 9.23 -8.24
N HIS A 74 10.29 8.27 -8.17
CA HIS A 74 11.31 8.14 -7.12
C HIS A 74 10.75 7.61 -5.80
N HIS A 75 11.51 6.74 -5.19
CA HIS A 75 11.15 6.13 -3.94
C HIS A 75 11.47 7.12 -2.80
N HIS A 76 12.62 7.73 -2.90
CA HIS A 76 13.05 8.73 -1.97
C HIS A 76 13.29 10.01 -2.71
#